data_2D8Y
#
_entry.id   2D8Y
#
loop_
_entity.id
_entity.type
_entity.pdbx_description
1 polymer 'EPLIN protein'
2 non-polymer 'ZINC ION'
#
_entity_poly.entity_id   1
_entity_poly.type   'polypeptide(L)'
_entity_poly.pdbx_seq_one_letter_code
;GSSGSSGMKFQAPARETCVECQKTVYPMERLLANQQVFHISCFRCSYCNNKLSLGTYASLHGRIYCKPHFNQLFKSKGNY
DEGFGSGPSSG
;
_entity_poly.pdbx_strand_id   A
#
loop_
_chem_comp.id
_chem_comp.type
_chem_comp.name
_chem_comp.formula
ZN non-polymer 'ZINC ION' 'Zn 2'
#
# COMPACT_ATOMS: atom_id res chain seq x y z
N GLY A 1 22.16 23.38 -9.00
CA GLY A 1 21.25 22.41 -8.45
C GLY A 1 20.88 22.70 -7.01
N SER A 2 19.71 23.29 -6.81
CA SER A 2 19.24 23.63 -5.47
C SER A 2 17.85 23.05 -5.20
N SER A 3 17.81 22.01 -4.39
CA SER A 3 16.55 21.35 -4.06
C SER A 3 16.53 20.92 -2.60
N GLY A 4 15.38 20.41 -2.14
CA GLY A 4 15.26 19.97 -0.78
C GLY A 4 14.00 19.14 -0.55
N SER A 5 13.81 18.13 -1.38
CA SER A 5 12.63 17.26 -1.27
C SER A 5 13.04 15.79 -1.35
N SER A 6 12.29 14.94 -0.67
CA SER A 6 12.57 13.50 -0.66
C SER A 6 11.42 12.73 -0.01
N GLY A 7 10.77 11.89 -0.80
CA GLY A 7 9.66 11.10 -0.28
C GLY A 7 8.34 11.43 -0.97
N MET A 8 7.38 10.52 -0.86
CA MET A 8 6.07 10.72 -1.46
C MET A 8 5.17 11.57 -0.57
N LYS A 9 5.10 12.86 -0.86
CA LYS A 9 4.28 13.78 -0.08
C LYS A 9 4.24 15.16 -0.73
N PHE A 10 3.32 16.00 -0.26
CA PHE A 10 3.18 17.35 -0.79
C PHE A 10 2.58 17.33 -2.19
N GLN A 11 1.48 16.59 -2.36
CA GLN A 11 0.81 16.48 -3.64
C GLN A 11 0.90 17.78 -4.42
N ALA A 12 1.58 17.75 -5.56
CA ALA A 12 1.73 18.93 -6.40
C ALA A 12 0.48 19.80 -6.34
N PRO A 13 -0.66 19.24 -6.78
CA PRO A 13 -1.93 19.95 -6.80
C PRO A 13 -2.48 20.19 -5.40
N ALA A 14 -3.77 20.51 -5.32
CA ALA A 14 -4.42 20.75 -4.04
C ALA A 14 -5.39 19.63 -3.68
N ARG A 15 -4.92 18.39 -3.80
CA ARG A 15 -5.74 17.23 -3.50
C ARG A 15 -4.88 15.98 -3.36
N GLU A 16 -5.53 14.85 -3.06
CA GLU A 16 -4.83 13.58 -2.90
C GLU A 16 -4.86 12.78 -4.19
N THR A 17 -4.01 11.75 -4.26
CA THR A 17 -3.93 10.90 -5.44
C THR A 17 -3.75 9.43 -5.05
N CYS A 18 -4.31 8.54 -5.85
CA CYS A 18 -4.21 7.11 -5.59
C CYS A 18 -2.78 6.62 -5.76
N VAL A 19 -2.28 5.89 -4.77
CA VAL A 19 -0.92 5.36 -4.80
C VAL A 19 -0.87 4.04 -5.56
N GLU A 20 -1.92 3.75 -6.32
CA GLU A 20 -1.99 2.51 -7.08
C GLU A 20 -2.05 2.81 -8.58
N CYS A 21 -3.06 3.58 -8.99
CA CYS A 21 -3.23 3.93 -10.39
C CYS A 21 -2.70 5.34 -10.66
N GLN A 22 -2.46 6.09 -9.59
CA GLN A 22 -1.95 7.45 -9.71
C GLN A 22 -3.02 8.37 -10.30
N LYS A 23 -4.23 8.27 -9.78
CA LYS A 23 -5.34 9.11 -10.24
C LYS A 23 -5.91 9.95 -9.11
N THR A 24 -6.54 11.06 -9.46
CA THR A 24 -7.12 11.96 -8.47
C THR A 24 -8.22 11.27 -7.68
N VAL A 25 -7.94 10.97 -6.41
CA VAL A 25 -8.91 10.31 -5.55
C VAL A 25 -9.94 11.29 -5.02
N TYR A 26 -11.21 11.04 -5.32
CA TYR A 26 -12.29 11.90 -4.87
C TYR A 26 -12.67 11.60 -3.42
N PRO A 27 -13.38 12.54 -2.78
CA PRO A 27 -13.83 12.39 -1.39
C PRO A 27 -14.90 11.33 -1.24
N MET A 28 -15.23 10.66 -2.33
CA MET A 28 -16.25 9.62 -2.32
C MET A 28 -15.62 8.24 -2.40
N GLU A 29 -14.44 8.16 -3.02
CA GLU A 29 -13.74 6.90 -3.17
C GLU A 29 -12.40 6.93 -2.45
N ARG A 30 -12.27 7.86 -1.51
CA ARG A 30 -11.03 8.01 -0.73
C ARG A 30 -10.99 7.01 0.41
N LEU A 31 -10.16 5.98 0.26
CA LEU A 31 -10.03 4.95 1.29
C LEU A 31 -8.63 4.99 1.91
N LEU A 32 -8.55 5.45 3.15
CA LEU A 32 -7.28 5.53 3.85
C LEU A 32 -6.75 4.14 4.19
N ALA A 33 -5.50 3.87 3.81
CA ALA A 33 -4.89 2.58 4.08
C ALA A 33 -3.39 2.73 4.26
N ASN A 34 -2.91 2.47 5.48
CA ASN A 34 -1.49 2.56 5.79
C ASN A 34 -1.00 4.00 5.65
N GLN A 35 -1.83 4.94 6.09
CA GLN A 35 -1.48 6.37 6.01
C GLN A 35 -1.31 6.80 4.55
N GLN A 36 -2.10 6.20 3.67
CA GLN A 36 -2.03 6.53 2.24
C GLN A 36 -3.40 6.42 1.60
N VAL A 37 -3.66 7.29 0.63
CA VAL A 37 -4.95 7.29 -0.07
C VAL A 37 -5.02 6.14 -1.06
N PHE A 38 -6.04 5.29 -0.89
CA PHE A 38 -6.23 4.14 -1.77
C PHE A 38 -7.66 4.11 -2.31
N HIS A 39 -7.82 3.52 -3.50
CA HIS A 39 -9.14 3.42 -4.12
C HIS A 39 -9.87 2.17 -3.65
N ILE A 40 -11.06 2.37 -3.09
CA ILE A 40 -11.86 1.25 -2.59
C ILE A 40 -11.76 0.06 -3.52
N SER A 41 -11.47 0.31 -4.78
CA SER A 41 -11.34 -0.75 -5.78
C SER A 41 -9.90 -1.21 -5.91
N CYS A 42 -9.00 -0.27 -6.18
CA CYS A 42 -7.59 -0.57 -6.33
C CYS A 42 -7.08 -1.39 -5.14
N PHE A 43 -7.55 -1.06 -3.96
CA PHE A 43 -7.14 -1.77 -2.74
C PHE A 43 -7.17 -3.28 -2.96
N ARG A 44 -6.03 -3.84 -3.34
CA ARG A 44 -5.92 -5.27 -3.59
C ARG A 44 -4.53 -5.78 -3.24
N CYS A 45 -4.33 -7.09 -3.36
CA CYS A 45 -3.05 -7.71 -3.06
C CYS A 45 -2.11 -7.62 -4.25
N SER A 46 -0.86 -7.26 -3.99
CA SER A 46 0.14 -7.15 -5.04
C SER A 46 0.68 -8.51 -5.44
N TYR A 47 -0.03 -9.56 -5.04
CA TYR A 47 0.38 -10.93 -5.36
C TYR A 47 -0.69 -11.63 -6.18
N CYS A 48 -1.93 -11.62 -5.69
CA CYS A 48 -3.04 -12.26 -6.38
C CYS A 48 -3.93 -11.22 -7.06
N ASN A 49 -3.89 -9.99 -6.55
CA ASN A 49 -4.70 -8.90 -7.10
C ASN A 49 -6.18 -9.13 -6.81
N ASN A 50 -6.50 -9.33 -5.54
CA ASN A 50 -7.88 -9.56 -5.13
C ASN A 50 -8.39 -8.38 -4.29
N LYS A 51 -9.71 -8.19 -4.31
CA LYS A 51 -10.33 -7.11 -3.56
C LYS A 51 -10.20 -7.35 -2.05
N LEU A 52 -9.78 -6.31 -1.33
CA LEU A 52 -9.62 -6.41 0.12
C LEU A 52 -10.30 -5.24 0.82
N SER A 53 -10.32 -5.29 2.15
CA SER A 53 -10.95 -4.24 2.94
C SER A 53 -10.01 -3.76 4.04
N LEU A 54 -10.49 -2.84 4.87
CA LEU A 54 -9.70 -2.30 5.97
C LEU A 54 -9.63 -3.29 7.13
N GLY A 55 -9.36 -4.55 6.82
CA GLY A 55 -9.27 -5.57 7.84
C GLY A 55 -8.58 -6.84 7.35
N THR A 56 -8.76 -7.13 6.07
CA THR A 56 -8.15 -8.33 5.48
C THR A 56 -6.84 -7.98 4.79
N TYR A 57 -6.61 -6.70 4.55
CA TYR A 57 -5.39 -6.24 3.89
C TYR A 57 -4.21 -6.31 4.85
N ALA A 58 -3.02 -5.98 4.34
CA ALA A 58 -1.81 -6.01 5.14
C ALA A 58 -0.64 -5.41 4.38
N SER A 59 -0.22 -4.22 4.78
CA SER A 59 0.90 -3.54 4.13
C SER A 59 2.17 -3.68 4.96
N LEU A 60 3.31 -3.77 4.27
CA LEU A 60 4.60 -3.92 4.93
C LEU A 60 5.51 -2.74 4.59
N HIS A 61 6.03 -2.73 3.36
CA HIS A 61 6.92 -1.67 2.91
C HIS A 61 6.22 -0.79 1.87
N GLY A 62 4.92 -0.60 2.04
CA GLY A 62 4.16 0.22 1.12
C GLY A 62 3.25 -0.60 0.23
N ARG A 63 3.66 -1.83 -0.06
CA ARG A 63 2.87 -2.72 -0.91
C ARG A 63 1.82 -3.45 -0.09
N ILE A 64 0.64 -3.64 -0.68
CA ILE A 64 -0.45 -4.34 -0.01
C ILE A 64 -0.37 -5.84 -0.23
N TYR A 65 -0.95 -6.60 0.69
CA TYR A 65 -0.95 -8.06 0.61
C TYR A 65 -2.11 -8.66 1.39
N CYS A 66 -2.60 -9.79 0.92
CA CYS A 66 -3.71 -10.47 1.58
C CYS A 66 -3.21 -11.35 2.73
N LYS A 67 -3.94 -11.34 3.84
CA LYS A 67 -3.57 -12.13 5.01
C LYS A 67 -2.82 -13.40 4.59
N PRO A 68 -3.44 -14.19 3.70
CA PRO A 68 -2.86 -15.44 3.20
C PRO A 68 -1.41 -15.26 2.75
N HIS A 69 -1.23 -14.48 1.69
CA HIS A 69 0.10 -14.22 1.15
C HIS A 69 0.98 -13.52 2.18
N PHE A 70 0.45 -12.44 2.77
CA PHE A 70 1.18 -11.67 3.76
C PHE A 70 1.84 -12.59 4.79
N ASN A 71 1.06 -13.51 5.34
CA ASN A 71 1.56 -14.46 6.33
C ASN A 71 2.38 -15.55 5.66
N GLN A 72 1.92 -16.01 4.50
CA GLN A 72 2.61 -17.05 3.76
C GLN A 72 4.04 -16.65 3.43
N LEU A 73 4.28 -15.34 3.40
CA LEU A 73 5.61 -14.81 3.09
C LEU A 73 6.25 -14.21 4.34
N PHE A 74 5.51 -13.36 5.03
CA PHE A 74 6.01 -12.72 6.25
C PHE A 74 6.30 -13.76 7.32
N LYS A 75 5.25 -14.24 7.97
CA LYS A 75 5.39 -15.24 9.02
C LYS A 75 6.47 -16.27 8.66
N SER A 76 7.08 -16.86 9.68
CA SER A 76 8.11 -17.86 9.47
C SER A 76 8.56 -18.47 10.79
N LYS A 77 9.55 -19.35 10.72
CA LYS A 77 10.08 -20.01 11.91
C LYS A 77 11.60 -20.09 11.86
N GLY A 78 12.18 -20.75 12.86
CA GLY A 78 13.63 -20.90 12.91
C GLY A 78 14.22 -21.19 11.55
N ASN A 79 15.03 -20.25 11.05
CA ASN A 79 15.66 -20.40 9.75
C ASN A 79 16.63 -19.25 9.48
N TYR A 80 17.93 -19.55 9.46
CA TYR A 80 18.94 -18.56 9.22
C TYR A 80 20.21 -19.18 8.65
N ASP A 81 21.01 -18.37 7.97
CA ASP A 81 22.26 -18.85 7.37
C ASP A 81 23.46 -18.24 8.07
N GLU A 82 24.65 -18.74 7.72
CA GLU A 82 25.88 -18.25 8.31
C GLU A 82 26.51 -17.15 7.45
N GLY A 83 25.67 -16.26 6.94
CA GLY A 83 26.16 -15.18 6.10
C GLY A 83 26.60 -13.98 6.91
N PHE A 84 25.67 -13.37 7.62
CA PHE A 84 25.96 -12.19 8.44
C PHE A 84 27.30 -12.37 9.16
N GLY A 85 28.00 -11.25 9.37
CA GLY A 85 29.28 -11.29 10.04
C GLY A 85 30.00 -9.96 10.01
N SER A 86 30.78 -9.68 11.06
CA SER A 86 31.51 -8.43 11.15
C SER A 86 32.95 -8.68 11.58
N GLY A 87 33.84 -7.75 11.22
CA GLY A 87 35.24 -7.89 11.57
C GLY A 87 35.96 -6.55 11.59
N PRO A 88 37.01 -6.46 12.43
CA PRO A 88 37.80 -5.23 12.56
C PRO A 88 38.64 -4.96 11.33
N SER A 89 39.18 -3.74 11.24
CA SER A 89 40.00 -3.34 10.10
C SER A 89 40.79 -2.07 10.42
N SER A 90 42.08 -2.11 10.13
CA SER A 90 42.96 -0.96 10.38
C SER A 90 42.41 0.29 9.71
N GLY A 91 42.34 1.39 10.47
CA GLY A 91 41.84 2.63 9.93
C GLY A 91 42.79 3.79 10.17
ZN ZN B . -6.75 3.94 -7.90
ZN ZN C . -2.52 -12.27 -2.22
N GLY A 1 10.08 11.21 -29.63
CA GLY A 1 10.37 12.59 -29.32
C GLY A 1 9.81 13.02 -27.98
N SER A 2 9.85 14.32 -27.71
CA SER A 2 9.35 14.86 -26.45
C SER A 2 8.33 15.97 -26.69
N SER A 3 7.10 15.74 -26.24
CA SER A 3 6.02 16.72 -26.42
C SER A 3 5.22 16.89 -25.14
N GLY A 4 4.94 18.13 -24.78
CA GLY A 4 4.19 18.41 -23.57
C GLY A 4 3.85 19.88 -23.42
N SER A 5 2.58 20.22 -23.57
CA SER A 5 2.14 21.60 -23.45
C SER A 5 0.63 21.67 -23.20
N SER A 6 0.27 22.19 -22.02
CA SER A 6 -1.14 22.30 -21.65
C SER A 6 -1.32 23.36 -20.56
N GLY A 7 -2.55 23.85 -20.43
CA GLY A 7 -2.84 24.86 -19.42
C GLY A 7 -2.70 24.32 -18.00
N MET A 8 -2.54 25.23 -17.05
CA MET A 8 -2.40 24.85 -15.65
C MET A 8 -3.72 24.97 -14.91
N LYS A 9 -4.54 23.92 -14.98
CA LYS A 9 -5.84 23.91 -14.32
C LYS A 9 -5.96 22.70 -13.40
N PHE A 10 -5.78 22.92 -12.10
CA PHE A 10 -5.88 21.85 -11.11
C PHE A 10 -6.15 22.42 -9.73
N GLN A 11 -6.57 21.55 -8.81
CA GLN A 11 -6.86 21.96 -7.44
C GLN A 11 -5.73 22.82 -6.88
N ALA A 12 -6.09 23.94 -6.27
CA ALA A 12 -5.11 24.85 -5.69
C ALA A 12 -4.35 24.18 -4.54
N PRO A 13 -5.10 23.74 -3.52
CA PRO A 13 -4.52 23.08 -2.35
C PRO A 13 -3.97 21.69 -2.67
N ALA A 14 -3.32 21.07 -1.69
CA ALA A 14 -2.76 19.74 -1.87
C ALA A 14 -3.85 18.69 -1.98
N ARG A 15 -4.13 18.25 -3.21
CA ARG A 15 -5.16 17.24 -3.43
C ARG A 15 -4.66 15.86 -3.06
N GLU A 16 -5.55 14.87 -3.12
CA GLU A 16 -5.19 13.49 -2.78
C GLU A 16 -4.95 12.67 -4.04
N THR A 17 -4.03 11.72 -3.95
CA THR A 17 -3.70 10.86 -5.08
C THR A 17 -3.65 9.40 -4.66
N CYS A 18 -3.96 8.50 -5.60
CA CYS A 18 -3.95 7.08 -5.33
C CYS A 18 -2.52 6.53 -5.39
N VAL A 19 -2.16 5.74 -4.38
CA VAL A 19 -0.83 5.16 -4.32
C VAL A 19 -0.78 3.82 -5.05
N GLU A 20 -1.76 3.61 -5.93
CA GLU A 20 -1.83 2.36 -6.70
C GLU A 20 -1.76 2.65 -8.19
N CYS A 21 -2.58 3.60 -8.65
CA CYS A 21 -2.62 3.96 -10.05
C CYS A 21 -2.11 5.39 -10.26
N GLN A 22 -2.01 6.14 -9.16
CA GLN A 22 -1.52 7.51 -9.22
C GLN A 22 -2.55 8.41 -9.91
N LYS A 23 -3.80 8.33 -9.46
CA LYS A 23 -4.86 9.14 -10.03
C LYS A 23 -5.58 9.94 -8.95
N THR A 24 -5.80 11.22 -9.22
CA THR A 24 -6.47 12.10 -8.26
C THR A 24 -7.66 11.39 -7.62
N VAL A 25 -7.52 11.03 -6.35
CA VAL A 25 -8.57 10.34 -5.62
C VAL A 25 -9.65 11.33 -5.17
N TYR A 26 -10.88 11.07 -5.58
CA TYR A 26 -12.00 11.94 -5.21
C TYR A 26 -12.47 11.66 -3.78
N PRO A 27 -13.21 12.61 -3.21
CA PRO A 27 -13.74 12.50 -1.84
C PRO A 27 -14.82 11.44 -1.73
N MET A 28 -15.09 10.74 -2.83
CA MET A 28 -16.11 9.70 -2.86
C MET A 28 -15.47 8.31 -2.91
N GLU A 29 -14.27 8.24 -3.49
CA GLU A 29 -13.56 6.98 -3.59
C GLU A 29 -12.25 7.02 -2.82
N ARG A 30 -12.16 7.93 -1.85
CA ARG A 30 -10.97 8.08 -1.04
C ARG A 30 -10.99 7.10 0.14
N LEU A 31 -10.44 5.91 -0.06
CA LEU A 31 -10.40 4.90 0.98
C LEU A 31 -9.05 4.93 1.71
N LEU A 32 -9.08 5.33 2.97
CA LEU A 32 -7.87 5.41 3.78
C LEU A 32 -7.38 4.00 4.13
N ALA A 33 -6.09 3.76 3.89
CA ALA A 33 -5.49 2.47 4.18
C ALA A 33 -3.99 2.61 4.47
N ASN A 34 -3.60 2.29 5.69
CA ASN A 34 -2.20 2.39 6.10
C ASN A 34 -1.71 3.83 6.01
N GLN A 35 -2.57 4.77 6.41
CA GLN A 35 -2.21 6.18 6.38
C GLN A 35 -1.88 6.63 4.97
N GLN A 36 -2.64 6.11 4.00
CA GLN A 36 -2.41 6.47 2.60
C GLN A 36 -3.72 6.41 1.81
N VAL A 37 -3.82 7.25 0.78
CA VAL A 37 -5.03 7.29 -0.04
C VAL A 37 -5.07 6.11 -1.01
N PHE A 38 -6.11 5.29 -0.89
CA PHE A 38 -6.27 4.13 -1.74
C PHE A 38 -7.65 4.12 -2.39
N HIS A 39 -7.74 3.53 -3.58
CA HIS A 39 -9.00 3.46 -4.30
C HIS A 39 -9.79 2.21 -3.90
N ILE A 40 -11.04 2.42 -3.50
CA ILE A 40 -11.89 1.31 -3.08
C ILE A 40 -11.73 0.10 -4.00
N SER A 41 -11.28 0.36 -5.23
CA SER A 41 -11.09 -0.70 -6.21
C SER A 41 -9.64 -1.17 -6.20
N CYS A 42 -8.72 -0.23 -6.41
CA CYS A 42 -7.29 -0.54 -6.43
C CYS A 42 -6.90 -1.38 -5.21
N PHE A 43 -7.50 -1.07 -4.07
CA PHE A 43 -7.22 -1.80 -2.84
C PHE A 43 -7.25 -3.31 -3.07
N ARG A 44 -6.08 -3.88 -3.34
CA ARG A 44 -5.98 -5.32 -3.58
C ARG A 44 -4.58 -5.82 -3.24
N CYS A 45 -4.43 -7.14 -3.17
CA CYS A 45 -3.15 -7.75 -2.85
C CYS A 45 -2.19 -7.66 -4.03
N SER A 46 -0.92 -7.44 -3.73
CA SER A 46 0.10 -7.32 -4.77
C SER A 46 0.59 -8.70 -5.20
N TYR A 47 -0.23 -9.71 -4.98
CA TYR A 47 0.11 -11.08 -5.34
C TYR A 47 -1.03 -11.74 -6.11
N CYS A 48 -2.21 -11.77 -5.48
CA CYS A 48 -3.38 -12.39 -6.11
C CYS A 48 -4.27 -11.33 -6.73
N ASN A 49 -4.19 -10.11 -6.20
CA ASN A 49 -4.99 -9.00 -6.71
C ASN A 49 -6.47 -9.19 -6.38
N ASN A 50 -6.74 -9.65 -5.15
CA ASN A 50 -8.10 -9.88 -4.71
C ASN A 50 -8.57 -8.75 -3.80
N LYS A 51 -9.67 -8.10 -4.19
CA LYS A 51 -10.22 -7.00 -3.41
C LYS A 51 -10.19 -7.32 -1.92
N LEU A 52 -9.68 -6.37 -1.13
CA LEU A 52 -9.59 -6.55 0.32
C LEU A 52 -10.48 -5.56 1.05
N SER A 53 -10.45 -5.60 2.37
CA SER A 53 -11.27 -4.71 3.19
C SER A 53 -10.50 -4.25 4.43
N LEU A 54 -10.75 -3.02 4.85
CA LEU A 54 -10.09 -2.46 6.02
C LEU A 54 -10.06 -3.46 7.17
N GLY A 55 -8.88 -3.98 7.46
CA GLY A 55 -8.75 -4.94 8.55
C GLY A 55 -8.11 -6.24 8.09
N THR A 56 -8.55 -6.74 6.93
CA THR A 56 -8.02 -7.99 6.39
C THR A 56 -6.72 -7.75 5.63
N TYR A 57 -6.68 -6.67 4.87
CA TYR A 57 -5.50 -6.32 4.09
C TYR A 57 -4.24 -6.40 4.95
N ALA A 58 -3.08 -6.17 4.32
CA ALA A 58 -1.81 -6.21 5.03
C ALA A 58 -0.68 -5.68 4.16
N SER A 59 -0.22 -4.46 4.47
CA SER A 59 0.85 -3.84 3.71
C SER A 59 2.21 -4.14 4.35
N LEU A 60 3.28 -3.81 3.63
CA LEU A 60 4.64 -4.04 4.12
C LEU A 60 5.47 -2.77 4.01
N HIS A 61 5.77 -2.37 2.77
CA HIS A 61 6.56 -1.17 2.53
C HIS A 61 5.75 -0.13 1.78
N GLY A 62 4.79 -0.59 0.97
CA GLY A 62 3.97 0.32 0.20
C GLY A 62 2.81 -0.39 -0.48
N ARG A 63 3.03 -1.63 -0.86
CA ARG A 63 2.00 -2.42 -1.53
C ARG A 63 1.13 -3.17 -0.50
N ILE A 64 -0.06 -3.58 -0.93
CA ILE A 64 -0.97 -4.29 -0.05
C ILE A 64 -0.90 -5.80 -0.30
N TYR A 65 -1.17 -6.58 0.74
CA TYR A 65 -1.13 -8.03 0.65
C TYR A 65 -2.21 -8.66 1.52
N CYS A 66 -2.76 -9.78 1.04
CA CYS A 66 -3.81 -10.48 1.77
C CYS A 66 -3.21 -11.31 2.92
N LYS A 67 -3.85 -11.21 4.09
CA LYS A 67 -3.39 -11.94 5.26
C LYS A 67 -2.73 -13.26 4.86
N PRO A 68 -3.47 -14.06 4.08
CA PRO A 68 -2.98 -15.37 3.61
C PRO A 68 -1.57 -15.29 3.05
N HIS A 69 -1.41 -14.53 1.96
CA HIS A 69 -0.11 -14.37 1.32
C HIS A 69 0.89 -13.71 2.27
N PHE A 70 0.44 -12.67 2.96
CA PHE A 70 1.29 -11.95 3.90
C PHE A 70 1.98 -12.92 4.86
N ASN A 71 1.19 -13.73 5.56
CA ASN A 71 1.72 -14.69 6.51
C ASN A 71 2.44 -15.83 5.78
N GLN A 72 2.50 -15.73 4.46
CA GLN A 72 3.16 -16.75 3.64
C GLN A 72 4.49 -16.23 3.10
N LEU A 73 4.55 -14.94 2.82
CA LEU A 73 5.76 -14.32 2.29
C LEU A 73 6.49 -13.55 3.38
N PHE A 74 5.74 -13.09 4.37
CA PHE A 74 6.33 -12.34 5.48
C PHE A 74 6.92 -13.28 6.53
N LYS A 75 6.10 -14.19 7.04
CA LYS A 75 6.54 -15.15 8.04
C LYS A 75 7.70 -15.98 7.52
N SER A 76 7.58 -16.46 6.28
CA SER A 76 8.61 -17.28 5.67
C SER A 76 9.98 -16.64 5.86
N LYS A 77 10.73 -17.14 6.83
CA LYS A 77 12.06 -16.62 7.11
C LYS A 77 12.78 -16.22 5.83
N GLY A 78 13.12 -14.94 5.72
CA GLY A 78 13.79 -14.45 4.54
C GLY A 78 14.21 -12.99 4.67
N ASN A 79 14.97 -12.69 5.71
CA ASN A 79 15.44 -11.32 5.95
C ASN A 79 16.94 -11.21 5.75
N TYR A 80 17.37 -10.25 4.95
CA TYR A 80 18.79 -10.04 4.69
C TYR A 80 19.14 -8.56 4.72
N ASP A 81 20.42 -8.25 4.55
CA ASP A 81 20.89 -6.86 4.56
C ASP A 81 19.91 -5.96 3.82
N GLU A 82 19.53 -4.86 4.47
CA GLU A 82 18.60 -3.91 3.87
C GLU A 82 19.24 -2.53 3.74
N GLY A 83 20.49 -2.51 3.30
CA GLY A 83 21.20 -1.26 3.13
C GLY A 83 21.20 -0.77 1.70
N PHE A 84 20.00 -0.68 1.12
CA PHE A 84 19.86 -0.22 -0.26
C PHE A 84 20.08 1.29 -0.37
N GLY A 85 19.51 2.03 0.57
CA GLY A 85 19.65 3.47 0.56
C GLY A 85 19.60 4.07 1.95
N SER A 86 18.41 4.51 2.35
CA SER A 86 18.22 5.11 3.67
C SER A 86 19.32 6.12 3.97
N GLY A 87 19.65 6.95 2.98
CA GLY A 87 20.69 7.95 3.17
C GLY A 87 20.36 8.92 4.28
N PRO A 88 21.41 9.38 4.98
CA PRO A 88 21.26 10.33 6.10
C PRO A 88 20.84 11.72 5.61
N SER A 89 20.65 11.85 4.31
CA SER A 89 20.26 13.13 3.73
C SER A 89 19.35 13.91 4.67
N SER A 90 19.94 14.86 5.38
CA SER A 90 19.18 15.67 6.33
C SER A 90 19.67 17.12 6.32
N GLY A 91 19.00 17.97 7.09
CA GLY A 91 19.37 19.37 7.14
C GLY A 91 19.10 19.99 8.50
ZN ZN B . -6.32 3.96 -7.89
ZN ZN C . -2.65 -12.33 -1.99
N GLY A 1 -2.36 10.30 -27.20
CA GLY A 1 -0.93 10.56 -27.11
C GLY A 1 -0.60 12.02 -27.30
N SER A 2 -1.23 12.88 -26.53
CA SER A 2 -1.00 14.32 -26.63
C SER A 2 -1.04 14.98 -25.26
N SER A 3 -0.65 16.25 -25.20
CA SER A 3 -0.64 17.00 -23.95
C SER A 3 -1.94 17.76 -23.76
N GLY A 4 -2.32 17.98 -22.50
CA GLY A 4 -3.54 18.71 -22.21
C GLY A 4 -3.30 19.95 -21.38
N SER A 5 -3.96 21.04 -21.75
CA SER A 5 -3.80 22.30 -21.04
C SER A 5 -5.10 22.69 -20.33
N SER A 6 -5.76 21.70 -19.73
CA SER A 6 -7.02 21.94 -19.03
C SER A 6 -7.20 20.91 -17.91
N GLY A 7 -7.51 21.41 -16.72
CA GLY A 7 -7.71 20.54 -15.58
C GLY A 7 -8.84 21.00 -14.68
N MET A 8 -9.79 20.11 -14.42
CA MET A 8 -10.93 20.44 -13.56
C MET A 8 -10.46 20.96 -12.20
N LYS A 9 -10.71 22.24 -11.95
CA LYS A 9 -10.32 22.86 -10.69
C LYS A 9 -11.31 22.52 -9.58
N PHE A 10 -10.80 21.92 -8.51
CA PHE A 10 -11.64 21.53 -7.38
C PHE A 10 -11.02 21.99 -6.06
N GLN A 11 -9.80 21.51 -5.80
CA GLN A 11 -9.10 21.86 -4.57
C GLN A 11 -8.27 23.13 -4.76
N ALA A 12 -8.36 24.04 -3.81
CA ALA A 12 -7.61 25.29 -3.87
C ALA A 12 -6.14 25.07 -3.53
N PRO A 13 -5.88 24.66 -2.28
CA PRO A 13 -4.52 24.40 -1.79
C PRO A 13 -3.89 23.17 -2.45
N ALA A 14 -4.61 22.05 -2.37
CA ALA A 14 -4.12 20.80 -2.95
C ALA A 14 -5.17 19.70 -2.82
N ARG A 15 -4.91 18.56 -3.47
CA ARG A 15 -5.82 17.43 -3.42
C ARG A 15 -5.06 16.12 -3.24
N GLU A 16 -5.80 15.04 -3.01
CA GLU A 16 -5.19 13.73 -2.83
C GLU A 16 -5.10 12.98 -4.14
N THR A 17 -4.40 11.84 -4.13
CA THR A 17 -4.24 11.03 -5.33
C THR A 17 -3.99 9.56 -4.97
N CYS A 18 -4.50 8.66 -5.79
CA CYS A 18 -4.33 7.23 -5.56
C CYS A 18 -2.87 6.84 -5.68
N VAL A 19 -2.39 6.06 -4.71
CA VAL A 19 -1.01 5.61 -4.71
C VAL A 19 -0.85 4.31 -5.50
N GLU A 20 -1.86 3.99 -6.30
CA GLU A 20 -1.83 2.78 -7.11
C GLU A 20 -1.90 3.12 -8.60
N CYS A 21 -3.00 3.73 -9.01
CA CYS A 21 -3.19 4.12 -10.40
C CYS A 21 -2.77 5.56 -10.64
N GLN A 22 -2.48 6.27 -9.55
CA GLN A 22 -2.06 7.66 -9.64
C GLN A 22 -3.15 8.52 -10.26
N LYS A 23 -4.34 8.47 -9.67
CA LYS A 23 -5.48 9.24 -10.16
C LYS A 23 -6.09 10.08 -9.04
N THR A 24 -6.71 11.19 -9.42
CA THR A 24 -7.34 12.09 -8.44
C THR A 24 -8.43 11.35 -7.66
N VAL A 25 -8.11 10.97 -6.44
CA VAL A 25 -9.06 10.26 -5.58
C VAL A 25 -10.13 11.22 -5.05
N TYR A 26 -11.39 10.90 -5.31
CA TYR A 26 -12.50 11.73 -4.85
C TYR A 26 -12.85 11.41 -3.40
N PRO A 27 -13.59 12.33 -2.76
CA PRO A 27 -14.02 12.16 -1.36
C PRO A 27 -15.07 11.08 -1.20
N MET A 28 -15.39 10.40 -2.31
CA MET A 28 -16.37 9.33 -2.29
C MET A 28 -15.71 7.96 -2.39
N GLU A 29 -14.52 7.94 -3.00
CA GLU A 29 -13.78 6.70 -3.17
C GLU A 29 -12.41 6.79 -2.50
N ARG A 30 -12.31 7.65 -1.50
CA ARG A 30 -11.05 7.84 -0.78
C ARG A 30 -10.94 6.86 0.39
N LEU A 31 -10.17 5.80 0.19
CA LEU A 31 -9.99 4.79 1.22
C LEU A 31 -8.59 4.88 1.84
N LEU A 32 -8.54 5.29 3.10
CA LEU A 32 -7.26 5.41 3.81
C LEU A 32 -6.65 4.05 4.09
N ALA A 33 -5.39 3.88 3.72
CA ALA A 33 -4.69 2.62 3.94
C ALA A 33 -3.20 2.85 4.15
N ASN A 34 -2.72 2.59 5.36
CA ASN A 34 -1.32 2.77 5.70
C ASN A 34 -0.90 4.22 5.53
N GLN A 35 -1.74 5.13 6.02
CA GLN A 35 -1.46 6.57 5.92
C GLN A 35 -1.28 6.98 4.46
N GLN A 36 -2.09 6.40 3.58
CA GLN A 36 -2.02 6.71 2.15
C GLN A 36 -3.39 6.61 1.51
N VAL A 37 -3.60 7.39 0.45
CA VAL A 37 -4.87 7.38 -0.26
C VAL A 37 -4.95 6.19 -1.22
N PHE A 38 -5.95 5.34 -1.00
CA PHE A 38 -6.14 4.17 -1.85
C PHE A 38 -7.57 4.09 -2.37
N HIS A 39 -7.74 3.50 -3.54
CA HIS A 39 -9.07 3.37 -4.15
C HIS A 39 -9.76 2.11 -3.67
N ILE A 40 -10.99 2.25 -3.20
CA ILE A 40 -11.77 1.11 -2.71
C ILE A 40 -11.67 -0.08 -3.66
N SER A 41 -11.30 0.20 -4.90
CA SER A 41 -11.16 -0.84 -5.92
C SER A 41 -9.71 -1.27 -6.06
N CYS A 42 -8.84 -0.29 -6.27
CA CYS A 42 -7.41 -0.56 -6.43
C CYS A 42 -6.88 -1.40 -5.27
N PHE A 43 -7.36 -1.10 -4.07
CA PHE A 43 -6.94 -1.83 -2.88
C PHE A 43 -6.95 -3.34 -3.12
N ARG A 44 -5.80 -3.87 -3.50
CA ARG A 44 -5.68 -5.30 -3.76
C ARG A 44 -4.31 -5.83 -3.35
N CYS A 45 -4.17 -7.14 -3.28
CA CYS A 45 -2.91 -7.77 -2.90
C CYS A 45 -1.89 -7.67 -4.03
N SER A 46 -0.63 -7.45 -3.66
CA SER A 46 0.45 -7.33 -4.65
C SER A 46 0.95 -8.71 -5.07
N TYR A 47 0.07 -9.70 -5.00
CA TYR A 47 0.43 -11.07 -5.37
C TYR A 47 -0.66 -11.69 -6.23
N CYS A 48 -1.88 -11.77 -5.68
CA CYS A 48 -3.00 -12.35 -6.39
C CYS A 48 -3.86 -11.25 -7.04
N ASN A 49 -3.81 -10.06 -6.47
CA ASN A 49 -4.57 -8.93 -6.99
C ASN A 49 -6.06 -9.10 -6.70
N ASN A 50 -6.39 -9.32 -5.42
CA ASN A 50 -7.77 -9.50 -5.01
C ASN A 50 -8.22 -8.36 -4.10
N LYS A 51 -9.33 -7.73 -4.46
CA LYS A 51 -9.87 -6.62 -3.68
C LYS A 51 -9.88 -6.95 -2.19
N LEU A 52 -9.46 -6.00 -1.37
CA LEU A 52 -9.42 -6.20 0.07
C LEU A 52 -10.25 -5.14 0.79
N SER A 53 -10.19 -5.14 2.12
CA SER A 53 -10.95 -4.19 2.92
C SER A 53 -10.23 -3.91 4.24
N LEU A 54 -10.45 -2.71 4.78
CA LEU A 54 -9.82 -2.31 6.03
C LEU A 54 -9.99 -3.38 7.09
N GLY A 55 -8.94 -4.16 7.31
CA GLY A 55 -9.00 -5.22 8.31
C GLY A 55 -8.24 -6.47 7.87
N THR A 56 -8.40 -6.83 6.61
CA THR A 56 -7.74 -8.01 6.07
C THR A 56 -6.44 -7.65 5.37
N TYR A 57 -6.43 -6.49 4.72
CA TYR A 57 -5.25 -6.02 4.00
C TYR A 57 -4.04 -5.99 4.93
N ALA A 58 -2.85 -6.04 4.33
CA ALA A 58 -1.61 -6.01 5.09
C ALA A 58 -0.46 -5.43 4.27
N SER A 59 0.03 -4.27 4.69
CA SER A 59 1.12 -3.61 4.00
C SER A 59 2.43 -3.76 4.76
N LEU A 60 3.52 -3.97 4.02
CA LEU A 60 4.84 -4.15 4.62
C LEU A 60 5.77 -3.02 4.21
N HIS A 61 6.18 -3.04 2.95
CA HIS A 61 7.08 -2.01 2.43
C HIS A 61 6.34 -1.06 1.49
N GLY A 62 5.11 -0.72 1.85
CA GLY A 62 4.31 0.17 1.03
C GLY A 62 3.32 -0.57 0.16
N ARG A 63 3.64 -1.82 -0.16
CA ARG A 63 2.76 -2.64 -1.00
C ARG A 63 1.74 -3.39 -0.15
N ILE A 64 0.56 -3.60 -0.71
CA ILE A 64 -0.51 -4.31 0.00
C ILE A 64 -0.44 -5.81 -0.27
N TYR A 65 -0.99 -6.59 0.66
CA TYR A 65 -0.99 -8.05 0.53
C TYR A 65 -2.16 -8.66 1.30
N CYS A 66 -2.70 -9.74 0.76
CA CYS A 66 -3.83 -10.42 1.40
C CYS A 66 -3.35 -11.28 2.56
N LYS A 67 -4.21 -11.46 3.55
CA LYS A 67 -3.88 -12.26 4.73
C LYS A 67 -3.20 -13.56 4.33
N PRO A 68 -3.78 -14.26 3.34
CA PRO A 68 -3.25 -15.52 2.84
C PRO A 68 -1.76 -15.45 2.54
N HIS A 69 -1.40 -14.66 1.53
CA HIS A 69 0.00 -14.50 1.15
C HIS A 69 0.80 -13.87 2.29
N PHE A 70 0.27 -12.81 2.87
CA PHE A 70 0.94 -12.11 3.97
C PHE A 70 1.41 -13.10 5.02
N ASN A 71 0.48 -13.90 5.54
CA ASN A 71 0.80 -14.89 6.56
C ASN A 71 1.59 -16.06 5.96
N GLN A 72 1.90 -15.96 4.67
CA GLN A 72 2.66 -16.98 3.99
C GLN A 72 4.09 -16.53 3.71
N LEU A 73 4.25 -15.23 3.51
CA LEU A 73 5.57 -14.65 3.24
C LEU A 73 6.12 -13.94 4.47
N PHE A 74 5.22 -13.41 5.29
CA PHE A 74 5.62 -12.70 6.49
C PHE A 74 5.95 -13.68 7.62
N LYS A 75 4.99 -14.57 7.91
CA LYS A 75 5.18 -15.57 8.96
C LYS A 75 6.37 -16.47 8.66
N SER A 76 6.54 -16.82 7.38
CA SER A 76 7.65 -17.67 6.97
C SER A 76 8.95 -16.89 6.92
N LYS A 77 9.81 -17.10 7.91
CA LYS A 77 11.09 -16.42 7.98
C LYS A 77 12.13 -17.28 8.69
N GLY A 78 13.37 -16.82 8.69
CA GLY A 78 14.44 -17.56 9.33
C GLY A 78 15.25 -16.71 10.29
N ASN A 79 16.06 -15.82 9.75
CA ASN A 79 16.90 -14.94 10.57
C ASN A 79 16.08 -13.78 11.11
N TYR A 80 16.52 -13.23 12.25
CA TYR A 80 15.83 -12.11 12.87
C TYR A 80 16.77 -10.93 13.07
N ASP A 81 16.20 -9.74 13.08
CA ASP A 81 16.99 -8.52 13.27
C ASP A 81 16.25 -7.51 14.13
N GLU A 82 16.98 -6.55 14.68
CA GLU A 82 16.39 -5.52 15.53
C GLU A 82 16.24 -4.21 14.77
N GLY A 83 15.99 -4.31 13.47
CA GLY A 83 15.82 -3.12 12.65
C GLY A 83 14.76 -2.18 13.18
N PHE A 84 13.50 -2.54 12.95
CA PHE A 84 12.38 -1.72 13.40
C PHE A 84 12.48 -1.45 14.90
N GLY A 85 12.68 -2.51 15.68
CA GLY A 85 12.79 -2.37 17.12
C GLY A 85 13.51 -1.10 17.52
N SER A 86 12.95 -0.39 18.51
CA SER A 86 13.54 0.85 18.98
C SER A 86 13.14 1.12 20.43
N GLY A 87 13.92 1.96 21.11
CA GLY A 87 13.64 2.28 22.49
C GLY A 87 12.17 2.54 22.74
N PRO A 88 11.78 2.56 24.02
CA PRO A 88 10.38 2.80 24.42
C PRO A 88 9.95 4.24 24.16
N SER A 89 8.64 4.48 24.25
CA SER A 89 8.09 5.81 24.02
C SER A 89 8.13 6.64 25.30
N SER A 90 9.05 7.60 25.35
CA SER A 90 9.20 8.46 26.51
C SER A 90 8.31 9.71 26.39
N GLY A 91 8.12 10.40 27.51
CA GLY A 91 7.29 11.59 27.49
C GLY A 91 7.46 12.41 28.76
ZN ZN B . -6.71 3.98 -7.93
ZN ZN C . -2.50 -12.39 -2.28
N GLY A 1 19.81 34.46 -14.59
CA GLY A 1 18.82 33.82 -13.74
C GLY A 1 17.46 34.45 -13.86
N SER A 2 16.51 33.97 -13.07
CA SER A 2 15.14 34.48 -13.10
C SER A 2 14.36 34.03 -11.87
N SER A 3 13.67 34.98 -11.23
CA SER A 3 12.89 34.68 -10.05
C SER A 3 11.39 34.70 -10.35
N GLY A 4 10.89 33.60 -10.90
CA GLY A 4 9.48 33.51 -11.23
C GLY A 4 9.11 32.18 -11.85
N SER A 5 9.40 31.10 -11.13
CA SER A 5 9.10 29.75 -11.62
C SER A 5 8.05 29.08 -10.74
N SER A 6 6.78 29.25 -11.11
CA SER A 6 5.68 28.67 -10.36
C SER A 6 4.43 28.58 -11.22
N GLY A 7 3.44 27.84 -10.72
CA GLY A 7 2.19 27.69 -11.46
C GLY A 7 1.90 26.25 -11.82
N MET A 8 2.15 25.34 -10.89
CA MET A 8 1.93 23.91 -11.11
C MET A 8 0.73 23.43 -10.31
N LYS A 9 0.65 23.87 -9.05
CA LYS A 9 -0.45 23.47 -8.17
C LYS A 9 -1.46 24.61 -8.03
N PHE A 10 -2.37 24.71 -8.99
CA PHE A 10 -3.40 25.75 -8.96
C PHE A 10 -4.36 25.53 -7.80
N GLN A 11 -4.81 24.29 -7.64
CA GLN A 11 -5.74 23.96 -6.56
C GLN A 11 -5.16 24.33 -5.20
N ALA A 12 -5.83 25.26 -4.51
CA ALA A 12 -5.38 25.71 -3.20
C ALA A 12 -5.30 24.54 -2.23
N PRO A 13 -6.44 23.88 -1.99
CA PRO A 13 -6.53 22.74 -1.08
C PRO A 13 -5.80 21.51 -1.62
N ALA A 14 -4.79 21.06 -0.90
CA ALA A 14 -4.01 19.89 -1.31
C ALA A 14 -4.91 18.86 -1.97
N ARG A 15 -4.49 18.40 -3.15
CA ARG A 15 -5.26 17.40 -3.89
C ARG A 15 -4.75 16.00 -3.61
N GLU A 16 -5.66 15.07 -3.33
CA GLU A 16 -5.30 13.70 -3.04
C GLU A 16 -5.22 12.87 -4.32
N THR A 17 -4.40 11.82 -4.30
CA THR A 17 -4.23 10.95 -5.46
C THR A 17 -4.06 9.51 -5.04
N CYS A 18 -4.39 8.59 -5.94
CA CYS A 18 -4.27 7.16 -5.67
C CYS A 18 -2.83 6.69 -5.84
N VAL A 19 -2.29 6.06 -4.80
CA VAL A 19 -0.92 5.56 -4.84
C VAL A 19 -0.84 4.24 -5.59
N GLU A 20 -1.91 3.91 -6.31
CA GLU A 20 -1.95 2.67 -7.08
C GLU A 20 -2.06 2.97 -8.58
N CYS A 21 -3.04 3.77 -8.95
CA CYS A 21 -3.25 4.12 -10.35
C CYS A 21 -2.83 5.56 -10.61
N GLN A 22 -2.52 6.28 -9.54
CA GLN A 22 -2.10 7.68 -9.65
C GLN A 22 -3.22 8.54 -10.22
N LYS A 23 -4.42 8.38 -9.67
CA LYS A 23 -5.58 9.14 -10.12
C LYS A 23 -6.21 9.92 -8.97
N THR A 24 -6.46 11.20 -9.20
CA THR A 24 -7.06 12.06 -8.18
C THR A 24 -8.18 11.33 -7.45
N VAL A 25 -7.92 10.91 -6.22
CA VAL A 25 -8.91 10.21 -5.42
C VAL A 25 -9.97 11.17 -4.89
N TYR A 26 -11.23 10.86 -5.18
CA TYR A 26 -12.33 11.70 -4.73
C TYR A 26 -12.71 11.40 -3.29
N PRO A 27 -13.46 12.32 -2.66
CA PRO A 27 -13.90 12.18 -1.28
C PRO A 27 -14.94 11.07 -1.12
N MET A 28 -15.34 10.46 -2.23
CA MET A 28 -16.32 9.38 -2.20
C MET A 28 -15.64 8.02 -2.28
N GLU A 29 -14.51 7.97 -2.96
CA GLU A 29 -13.76 6.72 -3.10
C GLU A 29 -12.40 6.82 -2.43
N ARG A 30 -12.32 7.62 -1.36
CA ARG A 30 -11.09 7.80 -0.63
C ARG A 30 -10.98 6.80 0.52
N LEU A 31 -10.13 5.79 0.35
CA LEU A 31 -9.94 4.76 1.37
C LEU A 31 -8.55 4.85 1.97
N LEU A 32 -8.49 5.24 3.23
CA LEU A 32 -7.22 5.37 3.94
C LEU A 32 -6.63 4.00 4.27
N ALA A 33 -5.39 3.76 3.82
CA ALA A 33 -4.73 2.49 4.06
C ALA A 33 -3.24 2.70 4.30
N ASN A 34 -2.81 2.48 5.53
CA ASN A 34 -1.40 2.65 5.89
C ASN A 34 -0.95 4.10 5.69
N GLN A 35 -1.81 5.03 6.07
CA GLN A 35 -1.51 6.44 5.94
C GLN A 35 -1.31 6.84 4.47
N GLN A 36 -2.17 6.30 3.61
CA GLN A 36 -2.09 6.58 2.18
C GLN A 36 -3.46 6.47 1.52
N VAL A 37 -3.70 7.33 0.53
CA VAL A 37 -4.97 7.33 -0.19
C VAL A 37 -5.05 6.18 -1.17
N PHE A 38 -6.02 5.28 -0.94
CA PHE A 38 -6.21 4.13 -1.82
C PHE A 38 -7.64 4.07 -2.34
N HIS A 39 -7.81 3.49 -3.52
CA HIS A 39 -9.13 3.37 -4.13
C HIS A 39 -9.83 2.10 -3.65
N ILE A 40 -11.02 2.26 -3.06
CA ILE A 40 -11.79 1.12 -2.57
C ILE A 40 -11.68 -0.07 -3.52
N SER A 41 -11.40 0.21 -4.78
CA SER A 41 -11.27 -0.84 -5.78
C SER A 41 -9.83 -1.27 -5.94
N CYS A 42 -8.95 -0.30 -6.20
CA CYS A 42 -7.53 -0.58 -6.37
C CYS A 42 -6.99 -1.41 -5.20
N PHE A 43 -7.45 -1.09 -3.99
CA PHE A 43 -7.01 -1.80 -2.81
C PHE A 43 -7.00 -3.31 -3.05
N ARG A 44 -5.86 -3.82 -3.49
CA ARG A 44 -5.72 -5.24 -3.76
C ARG A 44 -4.34 -5.74 -3.34
N CYS A 45 -4.14 -7.06 -3.41
CA CYS A 45 -2.86 -7.66 -3.04
C CYS A 45 -1.88 -7.60 -4.19
N SER A 46 -0.62 -7.28 -3.88
CA SER A 46 0.43 -7.20 -4.89
C SER A 46 0.97 -8.58 -5.23
N TYR A 47 0.13 -9.60 -5.07
CA TYR A 47 0.52 -10.97 -5.36
C TYR A 47 -0.56 -11.69 -6.15
N CYS A 48 -1.78 -11.67 -5.63
CA CYS A 48 -2.91 -12.32 -6.28
C CYS A 48 -3.81 -11.30 -6.96
N ASN A 49 -3.85 -10.10 -6.41
CA ASN A 49 -4.67 -9.02 -6.96
C ASN A 49 -6.15 -9.24 -6.64
N ASN A 50 -6.45 -9.42 -5.37
CA ASN A 50 -7.83 -9.66 -4.93
C ASN A 50 -8.32 -8.50 -4.05
N LYS A 51 -9.36 -7.83 -4.52
CA LYS A 51 -9.93 -6.71 -3.78
C LYS A 51 -9.90 -6.96 -2.27
N LEU A 52 -9.32 -6.03 -1.53
CA LEU A 52 -9.23 -6.16 -0.08
C LEU A 52 -10.07 -5.10 0.63
N SER A 53 -9.97 -5.05 1.95
CA SER A 53 -10.72 -4.08 2.74
C SER A 53 -9.89 -3.59 3.92
N LEU A 54 -10.43 -2.61 4.65
CA LEU A 54 -9.75 -2.05 5.81
C LEU A 54 -9.82 -3.00 6.99
N GLY A 55 -9.49 -4.27 6.76
CA GLY A 55 -9.52 -5.26 7.82
C GLY A 55 -8.85 -6.55 7.42
N THR A 56 -8.90 -6.88 6.13
CA THR A 56 -8.30 -8.10 5.62
C THR A 56 -7.04 -7.80 4.81
N TYR A 57 -6.57 -6.56 4.90
CA TYR A 57 -5.37 -6.15 4.17
C TYR A 57 -4.15 -6.22 5.07
N ALA A 58 -2.97 -6.02 4.47
CA ALA A 58 -1.71 -6.07 5.20
C ALA A 58 -0.55 -5.62 4.33
N SER A 59 0.01 -4.45 4.63
CA SER A 59 1.12 -3.91 3.87
C SER A 59 2.43 -4.03 4.66
N LEU A 60 3.53 -4.18 3.94
CA LEU A 60 4.84 -4.31 4.56
C LEU A 60 5.73 -3.13 4.21
N HIS A 61 6.14 -3.05 2.95
CA HIS A 61 7.00 -1.96 2.49
C HIS A 61 6.27 -1.11 1.45
N GLY A 62 5.03 -0.74 1.77
CA GLY A 62 4.25 0.08 0.86
C GLY A 62 3.31 -0.74 0.00
N ARG A 63 3.73 -1.96 -0.33
CA ARG A 63 2.91 -2.84 -1.15
C ARG A 63 1.86 -3.57 -0.29
N ILE A 64 0.63 -3.61 -0.80
CA ILE A 64 -0.46 -4.26 -0.08
C ILE A 64 -0.44 -5.77 -0.31
N TYR A 65 -0.90 -6.53 0.68
CA TYR A 65 -0.94 -7.98 0.58
C TYR A 65 -2.13 -8.55 1.35
N CYS A 66 -2.64 -9.69 0.89
CA CYS A 66 -3.78 -10.34 1.54
C CYS A 66 -3.32 -11.13 2.76
N LYS A 67 -4.29 -11.57 3.55
CA LYS A 67 -4.00 -12.34 4.75
C LYS A 67 -3.23 -13.61 4.41
N PRO A 68 -3.80 -14.41 3.50
CA PRO A 68 -3.18 -15.67 3.07
C PRO A 68 -1.71 -15.50 2.71
N HIS A 69 -1.44 -14.63 1.73
CA HIS A 69 -0.08 -14.37 1.29
C HIS A 69 0.74 -13.74 2.41
N PHE A 70 0.20 -12.69 3.02
CA PHE A 70 0.88 -12.00 4.10
C PHE A 70 1.36 -12.99 5.17
N ASN A 71 0.47 -13.85 5.62
CA ASN A 71 0.81 -14.85 6.63
C ASN A 71 1.83 -15.84 6.09
N GLN A 72 2.17 -15.71 4.81
CA GLN A 72 3.13 -16.60 4.17
C GLN A 72 4.46 -15.88 3.96
N LEU A 73 4.41 -14.75 3.25
CA LEU A 73 5.61 -13.97 2.97
C LEU A 73 6.16 -13.33 4.25
N PHE A 74 5.27 -13.09 5.20
CA PHE A 74 5.67 -12.47 6.47
C PHE A 74 6.02 -13.53 7.50
N LYS A 75 5.04 -14.37 7.85
CA LYS A 75 5.25 -15.43 8.83
C LYS A 75 6.51 -16.23 8.51
N SER A 76 6.84 -16.31 7.23
CA SER A 76 8.03 -17.04 6.79
C SER A 76 9.14 -16.93 7.82
N LYS A 77 9.40 -18.02 8.54
CA LYS A 77 10.44 -18.05 9.55
C LYS A 77 11.62 -17.19 9.15
N GLY A 78 12.14 -16.41 10.09
CA GLY A 78 13.28 -15.55 9.81
C GLY A 78 13.61 -14.64 10.97
N ASN A 79 12.81 -13.60 11.16
CA ASN A 79 13.03 -12.65 12.25
C ASN A 79 11.89 -11.62 12.32
N TYR A 80 11.10 -11.71 13.38
CA TYR A 80 9.98 -10.80 13.56
C TYR A 80 9.43 -10.89 14.98
N ASP A 81 8.59 -9.93 15.35
CA ASP A 81 7.99 -9.91 16.68
C ASP A 81 6.47 -9.96 16.59
N GLU A 82 5.87 -10.85 17.38
CA GLU A 82 4.42 -11.01 17.39
C GLU A 82 3.87 -10.98 18.81
N GLY A 83 4.45 -10.11 19.64
CA GLY A 83 4.02 -9.99 21.02
C GLY A 83 4.47 -11.16 21.88
N PHE A 84 3.96 -12.35 21.55
CA PHE A 84 4.32 -13.56 22.29
C PHE A 84 5.78 -13.92 22.08
N GLY A 85 6.23 -14.97 22.76
CA GLY A 85 7.61 -15.41 22.62
C GLY A 85 7.74 -16.83 22.12
N SER A 86 7.23 -17.77 22.91
CA SER A 86 7.28 -19.18 22.54
C SER A 86 5.89 -19.77 22.45
N GLY A 87 5.75 -20.84 21.66
CA GLY A 87 4.46 -21.48 21.51
C GLY A 87 4.58 -22.97 21.20
N PRO A 88 4.01 -23.81 22.07
CA PRO A 88 4.05 -25.27 21.90
C PRO A 88 3.19 -25.73 20.74
N SER A 89 3.10 -27.05 20.56
CA SER A 89 2.32 -27.63 19.49
C SER A 89 2.00 -29.10 19.76
N SER A 90 0.92 -29.58 19.17
CA SER A 90 0.51 -30.98 19.36
C SER A 90 -0.54 -31.37 18.32
N GLY A 91 -0.29 -32.49 17.66
CA GLY A 91 -1.23 -32.96 16.64
C GLY A 91 -1.04 -34.44 16.32
ZN ZN B . -6.82 3.95 -7.91
ZN ZN C . -2.39 -12.22 -2.12
N GLY A 1 13.72 32.73 1.18
CA GLY A 1 13.17 33.07 -0.11
C GLY A 1 11.87 32.32 -0.40
N SER A 2 10.79 33.06 -0.62
CA SER A 2 9.49 32.46 -0.90
C SER A 2 8.61 33.43 -1.69
N SER A 3 7.94 32.90 -2.70
CA SER A 3 7.06 33.71 -3.55
C SER A 3 6.05 32.83 -4.28
N GLY A 4 4.87 33.39 -4.52
CA GLY A 4 3.83 32.64 -5.21
C GLY A 4 2.44 33.16 -4.89
N SER A 5 2.21 34.43 -5.18
CA SER A 5 0.91 35.06 -4.92
C SER A 5 0.06 35.08 -6.18
N SER A 6 -0.81 34.09 -6.32
CA SER A 6 -1.68 34.00 -7.48
C SER A 6 -2.98 33.27 -7.14
N GLY A 7 -4.09 33.74 -7.71
CA GLY A 7 -5.37 33.11 -7.45
C GLY A 7 -5.43 31.68 -7.93
N MET A 8 -6.41 30.93 -7.45
CA MET A 8 -6.58 29.53 -7.83
C MET A 8 -8.06 29.19 -7.98
N LYS A 9 -8.34 28.14 -8.75
CA LYS A 9 -9.71 27.70 -8.99
C LYS A 9 -10.00 26.41 -8.24
N PHE A 10 -9.22 25.37 -8.54
CA PHE A 10 -9.40 24.07 -7.89
C PHE A 10 -9.29 24.20 -6.37
N GLN A 11 -9.80 23.20 -5.67
CA GLN A 11 -9.76 23.21 -4.21
C GLN A 11 -8.48 23.87 -3.70
N ALA A 12 -8.63 25.01 -3.03
CA ALA A 12 -7.50 25.74 -2.50
C ALA A 12 -6.41 24.80 -2.01
N PRO A 13 -6.77 23.96 -1.02
CA PRO A 13 -5.83 22.98 -0.43
C PRO A 13 -5.50 21.85 -1.41
N ALA A 14 -4.28 21.34 -1.31
CA ALA A 14 -3.84 20.25 -2.18
C ALA A 14 -4.80 19.08 -2.12
N ARG A 15 -5.05 18.46 -3.27
CA ARG A 15 -5.96 17.32 -3.35
C ARG A 15 -5.21 16.01 -3.13
N GLU A 16 -5.95 14.93 -2.96
CA GLU A 16 -5.36 13.61 -2.74
C GLU A 16 -5.12 12.90 -4.07
N THR A 17 -4.46 11.75 -4.00
CA THR A 17 -4.17 10.96 -5.19
C THR A 17 -3.94 9.49 -4.85
N CYS A 18 -4.40 8.60 -5.71
CA CYS A 18 -4.26 7.17 -5.49
C CYS A 18 -2.79 6.75 -5.64
N VAL A 19 -2.28 6.05 -4.62
CA VAL A 19 -0.91 5.60 -4.63
C VAL A 19 -0.77 4.28 -5.39
N GLU A 20 -1.78 3.95 -6.18
CA GLU A 20 -1.78 2.72 -6.97
C GLU A 20 -1.82 3.03 -8.46
N CYS A 21 -2.83 3.79 -8.86
CA CYS A 21 -2.99 4.15 -10.26
C CYS A 21 -2.57 5.60 -10.50
N GLN A 22 -2.41 6.35 -9.42
CA GLN A 22 -2.02 7.75 -9.51
C GLN A 22 -3.11 8.59 -10.16
N LYS A 23 -4.34 8.45 -9.65
CA LYS A 23 -5.47 9.19 -10.18
C LYS A 23 -6.19 9.95 -9.08
N THR A 24 -6.46 11.24 -9.32
CA THR A 24 -7.14 12.07 -8.34
C THR A 24 -8.25 11.31 -7.63
N VAL A 25 -8.02 10.98 -6.36
CA VAL A 25 -9.00 10.25 -5.57
C VAL A 25 -10.12 11.16 -5.10
N TYR A 26 -11.35 10.85 -5.49
CA TYR A 26 -12.50 11.64 -5.10
C TYR A 26 -12.90 11.37 -3.66
N PRO A 27 -13.64 12.31 -3.06
CA PRO A 27 -14.10 12.19 -1.67
C PRO A 27 -15.16 11.11 -1.50
N MET A 28 -15.44 10.40 -2.58
CA MET A 28 -16.44 9.32 -2.55
C MET A 28 -15.77 7.96 -2.65
N GLU A 29 -14.53 7.94 -3.16
CA GLU A 29 -13.80 6.70 -3.32
C GLU A 29 -12.46 6.77 -2.60
N ARG A 30 -12.40 7.60 -1.56
CA ARG A 30 -11.17 7.76 -0.78
C ARG A 30 -11.14 6.77 0.38
N LEU A 31 -10.25 5.78 0.27
CA LEU A 31 -10.11 4.76 1.31
C LEU A 31 -8.73 4.83 1.95
N LEU A 32 -8.68 5.29 3.19
CA LEU A 32 -7.42 5.40 3.92
C LEU A 32 -6.82 4.03 4.18
N ALA A 33 -5.59 3.82 3.72
CA ALA A 33 -4.90 2.55 3.91
C ALA A 33 -3.41 2.76 4.14
N ASN A 34 -2.96 2.50 5.36
CA ASN A 34 -1.56 2.66 5.71
C ASN A 34 -1.14 4.13 5.63
N GLN A 35 -2.02 5.02 6.07
CA GLN A 35 -1.74 6.45 6.04
C GLN A 35 -1.58 6.94 4.61
N GLN A 36 -2.35 6.37 3.69
CA GLN A 36 -2.28 6.75 2.28
C GLN A 36 -3.64 6.61 1.61
N VAL A 37 -3.87 7.41 0.59
CA VAL A 37 -5.14 7.38 -0.14
C VAL A 37 -5.17 6.21 -1.13
N PHE A 38 -6.13 5.32 -0.94
CA PHE A 38 -6.28 4.16 -1.81
C PHE A 38 -7.69 4.08 -2.38
N HIS A 39 -7.80 3.52 -3.58
CA HIS A 39 -9.11 3.39 -4.24
C HIS A 39 -9.82 2.11 -3.78
N ILE A 40 -11.02 2.27 -3.25
CA ILE A 40 -11.79 1.13 -2.77
C ILE A 40 -11.67 -0.06 -3.71
N SER A 41 -11.35 0.22 -4.97
CA SER A 41 -11.19 -0.82 -5.98
C SER A 41 -9.74 -1.26 -6.09
N CYS A 42 -8.86 -0.29 -6.30
CA CYS A 42 -7.43 -0.57 -6.42
C CYS A 42 -6.93 -1.41 -5.26
N PHE A 43 -7.39 -1.07 -4.05
CA PHE A 43 -6.99 -1.79 -2.85
C PHE A 43 -7.00 -3.30 -3.09
N ARG A 44 -5.86 -3.83 -3.51
CA ARG A 44 -5.73 -5.25 -3.78
C ARG A 44 -4.38 -5.78 -3.31
N CYS A 45 -4.21 -7.10 -3.36
CA CYS A 45 -2.97 -7.73 -2.92
C CYS A 45 -1.93 -7.68 -4.04
N SER A 46 -0.67 -7.46 -3.66
CA SER A 46 0.42 -7.38 -4.62
C SER A 46 0.90 -8.77 -5.01
N TYR A 47 0.01 -9.76 -4.90
CA TYR A 47 0.34 -11.13 -5.24
C TYR A 47 -0.76 -11.77 -6.07
N CYS A 48 -1.99 -11.73 -5.54
CA CYS A 48 -3.13 -12.31 -6.24
C CYS A 48 -3.96 -11.22 -6.92
N ASN A 49 -3.89 -10.00 -6.38
CA ASN A 49 -4.62 -8.87 -6.94
C ASN A 49 -6.10 -8.98 -6.60
N ASN A 50 -6.39 -9.38 -5.37
CA ASN A 50 -7.77 -9.51 -4.91
C ASN A 50 -8.18 -8.32 -4.05
N LYS A 51 -9.29 -7.68 -4.42
CA LYS A 51 -9.79 -6.53 -3.69
C LYS A 51 -9.81 -6.81 -2.19
N LEU A 52 -9.30 -5.86 -1.40
CA LEU A 52 -9.27 -6.01 0.04
C LEU A 52 -9.98 -4.85 0.72
N SER A 53 -9.91 -4.80 2.05
CA SER A 53 -10.55 -3.74 2.82
C SER A 53 -9.89 -3.59 4.19
N LEU A 54 -10.15 -2.47 4.84
CA LEU A 54 -9.58 -2.20 6.16
C LEU A 54 -9.75 -3.40 7.08
N GLY A 55 -8.65 -4.04 7.42
CA GLY A 55 -8.68 -5.20 8.30
C GLY A 55 -8.23 -6.47 7.60
N THR A 56 -8.55 -6.59 6.32
CA THR A 56 -8.18 -7.77 5.54
C THR A 56 -6.85 -7.55 4.82
N TYR A 57 -6.54 -6.29 4.53
CA TYR A 57 -5.29 -5.95 3.86
C TYR A 57 -4.11 -6.04 4.81
N ALA A 58 -2.90 -5.85 4.27
CA ALA A 58 -1.69 -5.90 5.08
C ALA A 58 -0.48 -5.45 4.28
N SER A 59 0.05 -4.28 4.60
CA SER A 59 1.21 -3.74 3.91
C SER A 59 2.48 -3.98 4.70
N LEU A 60 3.62 -4.00 4.01
CA LEU A 60 4.91 -4.22 4.65
C LEU A 60 5.91 -3.13 4.26
N HIS A 61 6.30 -3.13 2.99
CA HIS A 61 7.25 -2.15 2.49
C HIS A 61 6.58 -1.21 1.48
N GLY A 62 5.30 -0.94 1.71
CA GLY A 62 4.56 -0.05 0.82
C GLY A 62 3.55 -0.79 -0.03
N ARG A 63 3.83 -2.07 -0.29
CA ARG A 63 2.93 -2.89 -1.10
C ARG A 63 1.88 -3.57 -0.23
N ILE A 64 0.69 -3.75 -0.79
CA ILE A 64 -0.40 -4.38 -0.06
C ILE A 64 -0.39 -5.90 -0.28
N TYR A 65 -0.96 -6.63 0.68
CA TYR A 65 -1.02 -8.08 0.60
C TYR A 65 -2.20 -8.62 1.40
N CYS A 66 -2.73 -9.75 0.96
CA CYS A 66 -3.87 -10.39 1.62
C CYS A 66 -3.39 -11.23 2.81
N LYS A 67 -4.10 -11.13 3.93
CA LYS A 67 -3.75 -11.87 5.12
C LYS A 67 -3.09 -13.21 4.76
N PRO A 68 -3.77 -14.00 3.93
CA PRO A 68 -3.26 -15.31 3.48
C PRO A 68 -1.82 -15.23 3.00
N HIS A 69 -1.61 -14.53 1.89
CA HIS A 69 -0.28 -14.38 1.33
C HIS A 69 0.67 -13.72 2.32
N PHE A 70 0.18 -12.71 3.03
CA PHE A 70 0.98 -11.99 4.01
C PHE A 70 1.62 -12.97 5.00
N ASN A 71 0.79 -13.63 5.80
CA ASN A 71 1.26 -14.59 6.79
C ASN A 71 2.16 -15.63 6.13
N GLN A 72 1.94 -15.87 4.85
CA GLN A 72 2.73 -16.85 4.11
C GLN A 72 4.13 -16.33 3.84
N LEU A 73 4.23 -15.31 2.99
CA LEU A 73 5.53 -14.72 2.66
C LEU A 73 6.19 -14.11 3.89
N PHE A 74 5.37 -13.67 4.84
CA PHE A 74 5.88 -13.07 6.07
C PHE A 74 6.23 -14.15 7.09
N LYS A 75 5.22 -14.89 7.53
CA LYS A 75 5.41 -15.96 8.51
C LYS A 75 5.84 -17.25 7.83
N SER A 76 6.15 -18.25 8.63
CA SER A 76 6.58 -19.54 8.10
C SER A 76 6.40 -20.65 9.13
N LYS A 77 6.10 -21.86 8.66
CA LYS A 77 5.90 -23.00 9.54
C LYS A 77 6.83 -22.93 10.75
N GLY A 78 6.34 -23.39 11.89
CA GLY A 78 7.13 -23.37 13.10
C GLY A 78 6.41 -22.75 14.27
N ASN A 79 5.61 -23.56 14.97
CA ASN A 79 4.85 -23.09 16.11
C ASN A 79 5.27 -23.82 17.39
N TYR A 80 5.71 -23.05 18.39
CA TYR A 80 6.14 -23.64 19.66
C TYR A 80 5.19 -23.23 20.78
N ASP A 81 4.81 -24.21 21.59
CA ASP A 81 3.91 -23.96 22.72
C ASP A 81 4.35 -22.72 23.50
N GLU A 82 3.70 -21.60 23.25
CA GLU A 82 4.03 -20.35 23.94
C GLU A 82 3.01 -20.05 25.03
N GLY A 83 2.61 -21.07 25.77
CA GLY A 83 1.64 -20.90 26.84
C GLY A 83 0.23 -21.23 26.39
N PHE A 84 -0.11 -20.81 25.18
CA PHE A 84 -1.45 -21.05 24.65
C PHE A 84 -1.47 -22.30 23.76
N GLY A 85 -1.85 -23.43 24.37
CA GLY A 85 -1.90 -24.68 23.63
C GLY A 85 -2.40 -24.49 22.21
N SER A 86 -1.50 -24.61 21.24
CA SER A 86 -1.87 -24.46 19.83
C SER A 86 -1.04 -25.39 18.95
N GLY A 87 -1.72 -26.33 18.29
CA GLY A 87 -1.04 -27.27 17.43
C GLY A 87 -1.77 -28.59 17.29
N PRO A 88 -1.73 -29.17 16.09
CA PRO A 88 -2.39 -30.45 15.81
C PRO A 88 -1.72 -31.62 16.52
N SER A 89 -2.20 -32.83 16.24
CA SER A 89 -1.65 -34.03 16.86
C SER A 89 -1.05 -34.95 15.79
N SER A 90 0.15 -35.45 16.07
CA SER A 90 0.84 -36.34 15.13
C SER A 90 -0.16 -37.26 14.43
N GLY A 91 -0.21 -37.17 13.11
CA GLY A 91 -1.13 -38.01 12.34
C GLY A 91 -0.68 -38.20 10.92
ZN ZN B . -6.64 3.97 -7.94
ZN ZN C . -2.66 -12.31 -2.08
N GLY A 1 14.13 15.99 -31.72
CA GLY A 1 13.85 14.57 -31.73
C GLY A 1 13.26 14.08 -30.42
N SER A 2 12.19 14.72 -29.98
CA SER A 2 11.53 14.35 -28.73
C SER A 2 10.02 14.49 -28.85
N SER A 3 9.30 13.45 -28.46
CA SER A 3 7.84 13.45 -28.52
C SER A 3 7.24 12.73 -27.33
N GLY A 4 6.01 13.09 -26.97
CA GLY A 4 5.35 12.45 -25.84
C GLY A 4 4.12 13.23 -25.39
N SER A 5 3.58 12.83 -24.24
CA SER A 5 2.40 13.50 -23.70
C SER A 5 2.60 13.84 -22.22
N SER A 6 2.63 15.13 -21.91
CA SER A 6 2.81 15.58 -20.55
C SER A 6 1.89 16.75 -20.23
N GLY A 7 1.81 17.10 -18.95
CA GLY A 7 0.96 18.20 -18.53
C GLY A 7 -0.38 17.73 -18.00
N MET A 8 -0.61 17.95 -16.70
CA MET A 8 -1.85 17.54 -16.07
C MET A 8 -2.42 18.67 -15.21
N LYS A 9 -3.75 18.76 -15.17
CA LYS A 9 -4.43 19.79 -14.39
C LYS A 9 -4.51 19.40 -12.93
N PHE A 10 -3.96 20.25 -12.06
CA PHE A 10 -3.98 19.99 -10.63
C PHE A 10 -4.94 20.94 -9.91
N GLN A 11 -5.73 20.40 -8.99
CA GLN A 11 -6.68 21.20 -8.24
C GLN A 11 -5.98 22.32 -7.48
N ALA A 12 -6.75 23.33 -7.10
CA ALA A 12 -6.20 24.47 -6.38
C ALA A 12 -5.74 24.07 -4.98
N PRO A 13 -6.68 23.55 -4.17
CA PRO A 13 -6.39 23.11 -2.81
C PRO A 13 -5.53 21.85 -2.77
N ALA A 14 -5.12 21.44 -1.57
CA ALA A 14 -4.31 20.26 -1.40
C ALA A 14 -5.09 18.99 -1.71
N ARG A 15 -5.11 18.61 -2.98
CA ARG A 15 -5.83 17.41 -3.41
C ARG A 15 -4.94 16.17 -3.29
N GLU A 16 -5.57 15.04 -2.98
CA GLU A 16 -4.83 13.78 -2.84
C GLU A 16 -4.83 13.01 -4.15
N THR A 17 -4.17 11.85 -4.14
CA THR A 17 -4.09 11.01 -5.34
C THR A 17 -3.86 9.55 -4.97
N CYS A 18 -4.38 8.66 -5.80
CA CYS A 18 -4.23 7.22 -5.55
C CYS A 18 -2.78 6.79 -5.67
N VAL A 19 -2.29 6.06 -4.67
CA VAL A 19 -0.92 5.58 -4.67
C VAL A 19 -0.79 4.27 -5.44
N GLU A 20 -1.80 3.97 -6.25
CA GLU A 20 -1.80 2.74 -7.04
C GLU A 20 -1.84 3.05 -8.53
N CYS A 21 -2.90 3.74 -8.96
CA CYS A 21 -3.06 4.10 -10.36
C CYS A 21 -2.64 5.56 -10.59
N GLN A 22 -2.22 6.23 -9.52
CA GLN A 22 -1.79 7.62 -9.62
C GLN A 22 -2.89 8.48 -10.23
N LYS A 23 -4.11 8.34 -9.73
CA LYS A 23 -5.24 9.11 -10.23
C LYS A 23 -5.89 9.91 -9.11
N THR A 24 -6.21 11.17 -9.40
CA THR A 24 -6.85 12.04 -8.41
C THR A 24 -8.01 11.34 -7.73
N VAL A 25 -7.81 10.93 -6.48
CA VAL A 25 -8.84 10.25 -5.72
C VAL A 25 -9.93 11.22 -5.28
N TYR A 26 -11.17 10.87 -5.56
CA TYR A 26 -12.31 11.71 -5.20
C TYR A 26 -12.74 11.46 -3.75
N PRO A 27 -13.46 12.43 -3.18
CA PRO A 27 -13.94 12.34 -1.79
C PRO A 27 -15.05 11.30 -1.64
N MET A 28 -15.33 10.57 -2.72
CA MET A 28 -16.36 9.54 -2.70
C MET A 28 -15.74 8.15 -2.73
N GLU A 29 -14.52 8.07 -3.24
CA GLU A 29 -13.81 6.79 -3.34
C GLU A 29 -12.48 6.86 -2.60
N ARG A 30 -12.38 7.77 -1.65
CA ARG A 30 -11.15 7.94 -0.87
C ARG A 30 -11.10 6.95 0.29
N LEU A 31 -10.36 5.86 0.11
CA LEU A 31 -10.22 4.85 1.15
C LEU A 31 -8.85 4.92 1.82
N LEU A 32 -8.83 5.37 3.06
CA LEU A 32 -7.59 5.48 3.81
C LEU A 32 -7.04 4.10 4.16
N ALA A 33 -5.80 3.85 3.76
CA ALA A 33 -5.15 2.57 4.04
C ALA A 33 -3.66 2.75 4.25
N ASN A 34 -3.21 2.51 5.48
CA ASN A 34 -1.79 2.65 5.82
C ASN A 34 -1.35 4.11 5.74
N GLN A 35 -2.22 5.01 6.19
CA GLN A 35 -1.92 6.44 6.16
C GLN A 35 -1.68 6.91 4.73
N GLN A 36 -2.41 6.33 3.79
CA GLN A 36 -2.28 6.70 2.39
C GLN A 36 -3.62 6.60 1.67
N VAL A 37 -3.81 7.43 0.65
CA VAL A 37 -5.06 7.44 -0.11
C VAL A 37 -5.09 6.29 -1.10
N PHE A 38 -6.08 5.42 -0.95
CA PHE A 38 -6.23 4.27 -1.84
C PHE A 38 -7.65 4.21 -2.43
N HIS A 39 -7.78 3.53 -3.56
CA HIS A 39 -9.08 3.40 -4.22
C HIS A 39 -9.79 2.14 -3.75
N ILE A 40 -11.04 2.31 -3.32
CA ILE A 40 -11.84 1.18 -2.84
C ILE A 40 -11.69 -0.02 -3.77
N SER A 41 -11.29 0.24 -5.02
CA SER A 41 -11.12 -0.81 -6.00
C SER A 41 -9.65 -1.24 -6.10
N CYS A 42 -8.78 -0.27 -6.32
CA CYS A 42 -7.35 -0.55 -6.42
C CYS A 42 -6.86 -1.36 -5.23
N PHE A 43 -7.38 -1.03 -4.05
CA PHE A 43 -6.99 -1.74 -2.83
C PHE A 43 -7.04 -3.24 -3.04
N ARG A 44 -5.88 -3.82 -3.35
CA ARG A 44 -5.79 -5.27 -3.57
C ARG A 44 -4.39 -5.78 -3.24
N CYS A 45 -4.25 -7.10 -3.17
CA CYS A 45 -2.97 -7.72 -2.86
C CYS A 45 -2.02 -7.62 -4.04
N SER A 46 -0.74 -7.38 -3.74
CA SER A 46 0.28 -7.26 -4.78
C SER A 46 0.75 -8.64 -5.23
N TYR A 47 -0.08 -9.65 -5.03
CA TYR A 47 0.26 -11.01 -5.41
C TYR A 47 -0.87 -11.66 -6.21
N CYS A 48 -2.04 -11.73 -5.60
CA CYS A 48 -3.22 -12.32 -6.25
C CYS A 48 -4.08 -11.25 -6.90
N ASN A 49 -4.05 -10.04 -6.33
CA ASN A 49 -4.83 -8.92 -6.86
C ASN A 49 -6.30 -9.08 -6.52
N ASN A 50 -6.59 -9.35 -5.25
CA ASN A 50 -7.96 -9.52 -4.79
C ASN A 50 -8.40 -8.34 -3.94
N LYS A 51 -9.65 -7.91 -4.13
CA LYS A 51 -10.20 -6.80 -3.37
C LYS A 51 -10.09 -7.05 -1.87
N LEU A 52 -9.57 -6.05 -1.16
CA LEU A 52 -9.41 -6.16 0.30
C LEU A 52 -10.21 -5.07 1.01
N SER A 53 -10.14 -5.08 2.35
CA SER A 53 -10.87 -4.11 3.16
C SER A 53 -10.09 -3.78 4.43
N LEU A 54 -10.40 -2.64 5.02
CA LEU A 54 -9.74 -2.21 6.25
C LEU A 54 -9.92 -3.25 7.35
N GLY A 55 -9.05 -4.27 7.35
CA GLY A 55 -9.13 -5.31 8.35
C GLY A 55 -8.49 -6.60 7.89
N THR A 56 -8.57 -6.87 6.59
CA THR A 56 -8.00 -8.08 6.02
C THR A 56 -6.84 -7.76 5.09
N TYR A 57 -6.33 -6.54 5.18
CA TYR A 57 -5.22 -6.11 4.35
C TYR A 57 -3.95 -5.93 5.17
N ALA A 58 -2.82 -6.37 4.61
CA ALA A 58 -1.54 -6.27 5.28
C ALA A 58 -0.47 -5.70 4.35
N SER A 59 -0.13 -4.43 4.54
CA SER A 59 0.87 -3.78 3.71
C SER A 59 2.27 -4.00 4.27
N LEU A 60 3.26 -4.04 3.39
CA LEU A 60 4.64 -4.25 3.79
C LEU A 60 5.58 -3.28 3.08
N HIS A 61 5.78 -2.12 3.70
CA HIS A 61 6.66 -1.10 3.13
C HIS A 61 5.97 -0.39 1.97
N GLY A 62 4.64 -0.39 1.96
CA GLY A 62 3.90 0.25 0.90
C GLY A 62 3.16 -0.74 0.03
N ARG A 63 3.68 -1.97 -0.05
CA ARG A 63 3.06 -3.01 -0.85
C ARG A 63 1.96 -3.72 -0.08
N ILE A 64 0.76 -3.72 -0.65
CA ILE A 64 -0.39 -4.37 -0.01
C ILE A 64 -0.38 -5.87 -0.25
N TYR A 65 -0.74 -6.64 0.77
CA TYR A 65 -0.78 -8.10 0.67
C TYR A 65 -1.94 -8.68 1.46
N CYS A 66 -2.50 -9.77 0.98
CA CYS A 66 -3.61 -10.43 1.65
C CYS A 66 -3.13 -11.32 2.78
N LYS A 67 -3.81 -11.26 3.91
CA LYS A 67 -3.46 -12.06 5.07
C LYS A 67 -2.81 -13.37 4.65
N PRO A 68 -3.51 -14.13 3.79
CA PRO A 68 -3.02 -15.42 3.29
C PRO A 68 -1.58 -15.34 2.80
N HIS A 69 -1.38 -14.59 1.72
CA HIS A 69 -0.04 -14.43 1.15
C HIS A 69 0.92 -13.81 2.16
N PHE A 70 0.43 -12.80 2.88
CA PHE A 70 1.25 -12.12 3.88
C PHE A 70 1.80 -13.12 4.90
N ASN A 71 0.92 -13.68 5.71
CA ASN A 71 1.32 -14.65 6.73
C ASN A 71 2.17 -15.77 6.11
N GLN A 72 2.11 -15.89 4.78
CA GLN A 72 2.87 -16.91 4.08
C GLN A 72 4.28 -16.43 3.78
N LEU A 73 4.40 -15.48 2.86
CA LEU A 73 5.70 -14.93 2.49
C LEU A 73 6.38 -14.28 3.70
N PHE A 74 5.58 -13.77 4.62
CA PHE A 74 6.10 -13.13 5.82
C PHE A 74 6.46 -14.15 6.89
N LYS A 75 5.44 -14.86 7.38
CA LYS A 75 5.65 -15.87 8.41
C LYS A 75 5.90 -17.24 7.77
N SER A 76 6.84 -17.98 8.35
CA SER A 76 7.18 -19.31 7.83
C SER A 76 8.18 -20.00 8.75
N LYS A 77 8.33 -21.31 8.57
CA LYS A 77 9.26 -22.09 9.38
C LYS A 77 10.45 -22.56 8.55
N GLY A 78 11.07 -21.62 7.85
CA GLY A 78 12.22 -21.94 7.02
C GLY A 78 13.52 -21.42 7.60
N ASN A 79 14.64 -21.78 6.97
CA ASN A 79 15.95 -21.33 7.43
C ASN A 79 16.50 -20.23 6.53
N TYR A 80 17.23 -19.29 7.13
CA TYR A 80 17.81 -18.19 6.38
C TYR A 80 19.22 -17.89 6.87
N ASP A 81 20.02 -17.28 6.00
CA ASP A 81 21.39 -16.93 6.35
C ASP A 81 21.78 -15.58 5.75
N GLU A 82 22.65 -14.86 6.46
CA GLU A 82 23.09 -13.54 6.00
C GLU A 82 24.61 -13.51 5.84
N GLY A 83 25.16 -14.59 5.30
CA GLY A 83 26.60 -14.67 5.09
C GLY A 83 27.05 -13.90 3.86
N PHE A 84 26.37 -14.15 2.74
CA PHE A 84 26.70 -13.47 1.49
C PHE A 84 26.90 -11.97 1.71
N GLY A 85 28.10 -11.48 1.41
CA GLY A 85 28.39 -10.08 1.58
C GLY A 85 29.88 -9.81 1.76
N SER A 86 30.35 -8.69 1.21
CA SER A 86 31.76 -8.32 1.31
C SER A 86 31.99 -7.38 2.48
N GLY A 87 31.09 -6.42 2.65
CA GLY A 87 31.21 -5.46 3.73
C GLY A 87 32.37 -4.50 3.52
N PRO A 88 32.17 -3.52 2.62
CA PRO A 88 33.20 -2.52 2.31
C PRO A 88 33.42 -1.55 3.46
N SER A 89 34.44 -1.82 4.27
CA SER A 89 34.77 -0.97 5.41
C SER A 89 35.02 0.46 4.96
N SER A 90 34.06 1.35 5.22
CA SER A 90 34.20 2.75 4.85
C SER A 90 33.76 3.67 5.98
N GLY A 91 33.98 4.96 5.81
CA GLY A 91 33.62 5.92 6.84
C GLY A 91 32.28 6.60 6.54
ZN ZN B . -6.61 3.98 -7.95
ZN ZN C . -2.53 -12.31 -2.14
N GLY A 1 6.91 23.78 -26.43
CA GLY A 1 6.20 24.58 -27.41
C GLY A 1 5.61 25.84 -26.81
N SER A 2 5.90 26.98 -27.43
CA SER A 2 5.40 28.26 -26.95
C SER A 2 3.90 28.20 -26.69
N SER A 3 3.13 27.91 -27.74
CA SER A 3 1.69 27.83 -27.63
C SER A 3 1.28 26.77 -26.60
N GLY A 4 0.68 27.22 -25.50
CA GLY A 4 0.25 26.31 -24.46
C GLY A 4 0.17 26.97 -23.10
N SER A 5 -0.98 26.87 -22.45
CA SER A 5 -1.19 27.46 -21.15
C SER A 5 -1.86 26.48 -20.19
N SER A 6 -1.49 26.56 -18.91
CA SER A 6 -2.06 25.67 -17.90
C SER A 6 -2.66 26.47 -16.75
N GLY A 7 -3.90 26.15 -16.39
CA GLY A 7 -4.56 26.85 -15.31
C GLY A 7 -4.84 25.95 -14.12
N MET A 8 -5.87 26.28 -13.36
CA MET A 8 -6.23 25.49 -12.18
C MET A 8 -7.72 25.15 -12.21
N LYS A 9 -8.05 24.02 -12.83
CA LYS A 9 -9.43 23.56 -12.92
C LYS A 9 -9.80 22.70 -11.71
N PHE A 10 -9.04 21.63 -11.51
CA PHE A 10 -9.29 20.72 -10.40
C PHE A 10 -9.32 21.48 -9.07
N GLN A 11 -9.65 20.77 -8.00
CA GLN A 11 -9.72 21.37 -6.67
C GLN A 11 -8.64 22.44 -6.51
N ALA A 12 -9.07 23.68 -6.30
CA ALA A 12 -8.14 24.79 -6.13
C ALA A 12 -6.99 24.40 -5.20
N PRO A 13 -7.31 24.15 -3.93
CA PRO A 13 -6.32 23.77 -2.92
C PRO A 13 -5.77 22.37 -3.16
N ALA A 14 -4.61 22.08 -2.56
CA ALA A 14 -3.98 20.78 -2.70
C ALA A 14 -5.01 19.66 -2.58
N ARG A 15 -4.82 18.61 -3.38
CA ARG A 15 -5.73 17.47 -3.37
C ARG A 15 -4.96 16.17 -3.13
N GLU A 16 -5.71 15.07 -3.05
CA GLU A 16 -5.10 13.76 -2.83
C GLU A 16 -5.04 12.96 -4.12
N THR A 17 -4.19 11.93 -4.14
CA THR A 17 -4.05 11.08 -5.32
C THR A 17 -3.81 9.63 -4.93
N CYS A 18 -4.33 8.70 -5.73
CA CYS A 18 -4.17 7.28 -5.46
C CYS A 18 -2.70 6.89 -5.50
N VAL A 19 -2.30 6.03 -4.56
CA VAL A 19 -0.92 5.57 -4.48
C VAL A 19 -0.74 4.25 -5.22
N GLU A 20 -1.70 3.92 -6.08
CA GLU A 20 -1.66 2.68 -6.84
C GLU A 20 -1.67 2.97 -8.34
N CYS A 21 -2.65 3.74 -8.78
CA CYS A 21 -2.78 4.10 -10.20
C CYS A 21 -2.35 5.54 -10.44
N GLN A 22 -2.23 6.31 -9.35
CA GLN A 22 -1.83 7.70 -9.45
C GLN A 22 -2.91 8.54 -10.13
N LYS A 23 -4.13 8.44 -9.63
CA LYS A 23 -5.25 9.19 -10.20
C LYS A 23 -5.97 9.99 -9.11
N THR A 24 -6.24 11.26 -9.40
CA THR A 24 -6.92 12.14 -8.45
C THR A 24 -8.06 11.41 -7.75
N VAL A 25 -7.83 11.04 -6.49
CA VAL A 25 -8.84 10.33 -5.70
C VAL A 25 -9.92 11.28 -5.23
N TYR A 26 -11.17 10.97 -5.57
CA TYR A 26 -12.30 11.80 -5.18
C TYR A 26 -12.72 11.51 -3.74
N PRO A 27 -13.47 12.45 -3.14
CA PRO A 27 -13.96 12.31 -1.77
C PRO A 27 -15.02 11.23 -1.62
N MET A 28 -15.31 10.54 -2.73
CA MET A 28 -16.30 9.48 -2.73
C MET A 28 -15.63 8.11 -2.80
N GLU A 29 -14.42 8.08 -3.32
CA GLU A 29 -13.67 6.84 -3.45
C GLU A 29 -12.34 6.92 -2.72
N ARG A 30 -12.29 7.76 -1.70
CA ARG A 30 -11.07 7.94 -0.91
C ARG A 30 -11.03 6.95 0.25
N LEU A 31 -10.29 5.86 0.06
CA LEU A 31 -10.16 4.83 1.09
C LEU A 31 -8.78 4.90 1.75
N LEU A 32 -8.76 5.33 3.01
CA LEU A 32 -7.51 5.43 3.75
C LEU A 32 -6.97 4.04 4.09
N ALA A 33 -5.71 3.80 3.73
CA ALA A 33 -5.07 2.51 4.02
C ALA A 33 -3.58 2.68 4.24
N ASN A 34 -3.14 2.42 5.47
CA ASN A 34 -1.73 2.54 5.82
C ASN A 34 -1.29 4.01 5.77
N GLN A 35 -2.15 4.90 6.23
CA GLN A 35 -1.84 6.32 6.24
C GLN A 35 -1.63 6.84 4.82
N GLN A 36 -2.39 6.31 3.88
CA GLN A 36 -2.29 6.71 2.48
C GLN A 36 -3.63 6.60 1.77
N VAL A 37 -3.80 7.38 0.71
CA VAL A 37 -5.05 7.36 -0.06
C VAL A 37 -5.07 6.20 -1.04
N PHE A 38 -6.06 5.32 -0.88
CA PHE A 38 -6.20 4.17 -1.77
C PHE A 38 -7.60 4.10 -2.38
N HIS A 39 -7.70 3.54 -3.57
CA HIS A 39 -8.98 3.42 -4.25
C HIS A 39 -9.71 2.16 -3.81
N ILE A 40 -10.97 2.32 -3.39
CA ILE A 40 -11.77 1.20 -2.94
C ILE A 40 -11.61 0.00 -3.88
N SER A 41 -11.20 0.27 -5.11
CA SER A 41 -11.01 -0.78 -6.10
C SER A 41 -9.55 -1.22 -6.17
N CYS A 42 -8.66 -0.26 -6.35
CA CYS A 42 -7.23 -0.54 -6.43
C CYS A 42 -6.79 -1.39 -5.24
N PHE A 43 -7.31 -1.08 -4.06
CA PHE A 43 -6.98 -1.82 -2.85
C PHE A 43 -7.07 -3.32 -3.08
N ARG A 44 -5.95 -3.93 -3.45
CA ARG A 44 -5.91 -5.36 -3.70
C ARG A 44 -4.51 -5.91 -3.52
N CYS A 45 -4.41 -7.15 -3.04
CA CYS A 45 -3.12 -7.80 -2.81
C CYS A 45 -2.24 -7.69 -4.05
N SER A 46 -0.96 -7.38 -3.84
CA SER A 46 -0.02 -7.25 -4.94
C SER A 46 0.51 -8.61 -5.38
N TYR A 47 -0.26 -9.66 -5.06
CA TYR A 47 0.13 -11.01 -5.42
C TYR A 47 -0.97 -11.71 -6.21
N CYS A 48 -2.17 -11.75 -5.63
CA CYS A 48 -3.32 -12.38 -6.28
C CYS A 48 -4.23 -11.33 -6.90
N ASN A 49 -4.12 -10.09 -6.43
CA ASN A 49 -4.93 -9.00 -6.94
C ASN A 49 -6.40 -9.20 -6.57
N ASN A 50 -6.65 -9.49 -5.29
CA ASN A 50 -8.00 -9.70 -4.81
C ASN A 50 -8.45 -8.55 -3.92
N LYS A 51 -9.71 -8.16 -4.05
CA LYS A 51 -10.27 -7.06 -3.27
C LYS A 51 -10.10 -7.33 -1.77
N LEU A 52 -9.68 -6.32 -1.03
CA LEU A 52 -9.48 -6.45 0.41
C LEU A 52 -10.22 -5.35 1.16
N SER A 53 -10.22 -5.43 2.48
CA SER A 53 -10.90 -4.45 3.32
C SER A 53 -9.95 -3.87 4.36
N LEU A 54 -10.46 -2.98 5.20
CA LEU A 54 -9.66 -2.36 6.25
C LEU A 54 -9.52 -3.29 7.45
N GLY A 55 -9.28 -4.57 7.18
CA GLY A 55 -9.13 -5.54 8.25
C GLY A 55 -8.31 -6.74 7.82
N THR A 56 -8.43 -7.12 6.55
CA THR A 56 -7.70 -8.26 6.02
C THR A 56 -6.44 -7.82 5.28
N TYR A 57 -6.39 -6.54 4.92
CA TYR A 57 -5.24 -5.99 4.21
C TYR A 57 -4.01 -5.97 5.10
N ALA A 58 -2.84 -6.09 4.48
CA ALA A 58 -1.58 -6.07 5.22
C ALA A 58 -0.46 -5.47 4.38
N SER A 59 0.00 -4.29 4.78
CA SER A 59 1.07 -3.60 4.07
C SER A 59 2.42 -3.82 4.75
N LEU A 60 3.49 -3.83 3.97
CA LEU A 60 4.83 -4.02 4.50
C LEU A 60 5.77 -2.92 4.03
N HIS A 61 6.15 -2.99 2.76
CA HIS A 61 7.06 -1.99 2.18
C HIS A 61 6.29 -1.05 1.25
N GLY A 62 5.08 -0.68 1.64
CA GLY A 62 4.27 0.21 0.83
C GLY A 62 3.24 -0.54 0.01
N ARG A 63 3.53 -1.79 -0.32
CA ARG A 63 2.63 -2.61 -1.11
C ARG A 63 1.63 -3.33 -0.21
N ILE A 64 0.45 -3.64 -0.76
CA ILE A 64 -0.58 -4.33 -0.02
C ILE A 64 -0.52 -5.84 -0.26
N TYR A 65 -1.05 -6.61 0.69
CA TYR A 65 -1.06 -8.06 0.58
C TYR A 65 -2.19 -8.67 1.40
N CYS A 66 -2.75 -9.76 0.89
CA CYS A 66 -3.85 -10.43 1.57
C CYS A 66 -3.33 -11.29 2.72
N LYS A 67 -4.13 -11.42 3.78
CA LYS A 67 -3.75 -12.21 4.93
C LYS A 67 -3.07 -13.51 4.51
N PRO A 68 -3.70 -14.23 3.57
CA PRO A 68 -3.16 -15.50 3.05
C PRO A 68 -1.69 -15.40 2.68
N HIS A 69 -1.39 -14.61 1.65
CA HIS A 69 -0.01 -14.42 1.20
C HIS A 69 0.84 -13.78 2.29
N PHE A 70 0.30 -12.75 2.92
CA PHE A 70 1.02 -12.05 3.99
C PHE A 70 1.60 -13.03 4.99
N ASN A 71 0.71 -13.79 5.64
CA ASN A 71 1.15 -14.77 6.63
C ASN A 71 2.17 -15.74 6.03
N GLN A 72 2.26 -15.75 4.71
CA GLN A 72 3.20 -16.62 4.01
C GLN A 72 4.52 -15.93 3.77
N LEU A 73 4.49 -14.91 2.91
CA LEU A 73 5.70 -14.16 2.58
C LEU A 73 6.31 -13.53 3.83
N PHE A 74 5.46 -13.24 4.82
CA PHE A 74 5.90 -12.64 6.06
C PHE A 74 6.29 -13.71 7.07
N LYS A 75 5.30 -14.45 7.56
CA LYS A 75 5.55 -15.51 8.53
C LYS A 75 6.23 -16.70 7.87
N SER A 76 6.72 -17.63 8.69
CA SER A 76 7.40 -18.82 8.18
C SER A 76 7.47 -19.90 9.26
N LYS A 77 7.89 -21.10 8.86
CA LYS A 77 8.01 -22.22 9.79
C LYS A 77 8.87 -21.84 10.97
N GLY A 78 10.00 -21.20 10.71
CA GLY A 78 10.90 -20.79 11.77
C GLY A 78 12.33 -20.63 11.29
N ASN A 79 12.64 -19.45 10.75
CA ASN A 79 13.98 -19.17 10.25
C ASN A 79 14.26 -17.68 10.25
N TYR A 80 15.23 -17.25 11.06
CA TYR A 80 15.60 -15.84 11.14
C TYR A 80 16.49 -15.43 9.98
N ASP A 81 16.24 -14.24 9.44
CA ASP A 81 17.02 -13.73 8.32
C ASP A 81 17.75 -12.45 8.70
N GLU A 82 18.62 -11.97 7.82
CA GLU A 82 19.37 -10.75 8.07
C GLU A 82 19.72 -10.63 9.55
N GLY A 83 20.11 -11.74 10.16
CA GLY A 83 20.46 -11.72 11.57
C GLY A 83 21.94 -11.46 11.80
N PHE A 84 22.42 -10.34 11.26
CA PHE A 84 23.82 -9.97 11.41
C PHE A 84 23.96 -8.55 11.95
N GLY A 85 23.87 -8.41 13.27
CA GLY A 85 23.98 -7.10 13.88
C GLY A 85 25.40 -6.57 13.85
N SER A 86 25.54 -5.26 13.97
CA SER A 86 26.85 -4.62 13.95
C SER A 86 26.82 -3.29 14.71
N GLY A 87 28.00 -2.85 15.16
CA GLY A 87 28.09 -1.61 15.89
C GLY A 87 27.76 -0.40 15.04
N PRO A 88 27.31 0.69 15.68
CA PRO A 88 26.94 1.93 14.99
C PRO A 88 28.16 2.66 14.42
N SER A 89 27.91 3.60 13.53
CA SER A 89 28.98 4.37 12.90
C SER A 89 28.77 5.86 13.08
N SER A 90 29.87 6.61 13.13
CA SER A 90 29.80 8.06 13.30
C SER A 90 31.13 8.71 12.96
N GLY A 91 31.17 10.03 13.02
CA GLY A 91 32.38 10.76 12.70
C GLY A 91 32.49 12.08 13.46
ZN ZN B . -6.42 3.99 -7.90
ZN ZN C . -2.65 -12.39 -2.14
N GLY A 1 0.37 37.81 -18.41
CA GLY A 1 -0.83 37.21 -17.83
C GLY A 1 -1.23 37.87 -16.53
N SER A 2 -2.06 38.90 -16.62
CA SER A 2 -2.52 39.62 -15.43
C SER A 2 -4.05 39.58 -15.34
N SER A 3 -4.56 38.56 -14.65
CA SER A 3 -6.00 38.40 -14.49
C SER A 3 -6.32 37.68 -13.17
N GLY A 4 -7.53 37.90 -12.67
CA GLY A 4 -7.93 37.27 -11.43
C GLY A 4 -8.96 36.17 -11.65
N SER A 5 -8.74 35.02 -11.02
CA SER A 5 -9.65 33.89 -11.15
C SER A 5 -10.13 33.43 -9.79
N SER A 6 -11.43 33.13 -9.69
CA SER A 6 -12.02 32.67 -8.44
C SER A 6 -13.32 31.90 -8.70
N GLY A 7 -13.65 30.99 -7.79
CA GLY A 7 -14.86 30.21 -7.93
C GLY A 7 -14.66 28.76 -7.54
N MET A 8 -14.27 28.55 -6.28
CA MET A 8 -14.05 27.19 -5.78
C MET A 8 -13.74 27.21 -4.28
N LYS A 9 -14.61 26.61 -3.49
CA LYS A 9 -14.42 26.56 -2.04
C LYS A 9 -13.07 25.95 -1.69
N PHE A 10 -12.41 26.55 -0.71
CA PHE A 10 -11.10 26.07 -0.27
C PHE A 10 -11.15 24.59 0.08
N GLN A 11 -10.67 23.75 -0.84
CA GLN A 11 -10.67 22.31 -0.62
C GLN A 11 -9.47 21.89 0.23
N ALA A 12 -8.27 22.20 -0.24
CA ALA A 12 -7.06 21.86 0.48
C ALA A 12 -5.82 22.44 -0.22
N PRO A 13 -4.69 22.50 0.51
CA PRO A 13 -3.44 23.02 -0.01
C PRO A 13 -2.82 22.10 -1.06
N ALA A 14 -3.41 20.93 -1.24
CA ALA A 14 -2.91 19.97 -2.21
C ALA A 14 -3.81 18.74 -2.28
N ARG A 15 -4.62 18.64 -3.32
CA ARG A 15 -5.53 17.52 -3.50
C ARG A 15 -4.82 16.20 -3.24
N GLU A 16 -5.58 15.11 -3.19
CA GLU A 16 -5.02 13.79 -2.94
C GLU A 16 -5.06 12.95 -4.21
N THR A 17 -4.19 11.94 -4.26
CA THR A 17 -4.11 11.05 -5.41
C THR A 17 -3.91 9.60 -4.98
N CYS A 18 -4.41 8.67 -5.79
CA CYS A 18 -4.29 7.25 -5.49
C CYS A 18 -2.84 6.79 -5.60
N VAL A 19 -2.40 6.01 -4.63
CA VAL A 19 -1.04 5.50 -4.61
C VAL A 19 -0.93 4.19 -5.37
N GLU A 20 -1.92 3.91 -6.21
CA GLU A 20 -1.95 2.68 -6.99
C GLU A 20 -1.99 2.99 -8.48
N CYS A 21 -2.90 3.88 -8.88
CA CYS A 21 -3.05 4.27 -10.27
C CYS A 21 -2.60 5.71 -10.49
N GLN A 22 -2.44 6.45 -9.39
CA GLN A 22 -2.02 7.83 -9.46
C GLN A 22 -3.11 8.71 -10.07
N LYS A 23 -4.36 8.41 -9.73
CA LYS A 23 -5.49 9.16 -10.25
C LYS A 23 -6.16 9.98 -9.14
N THR A 24 -6.49 11.23 -9.44
CA THR A 24 -7.13 12.11 -8.48
C THR A 24 -8.25 11.39 -7.73
N VAL A 25 -7.96 11.01 -6.49
CA VAL A 25 -8.95 10.30 -5.67
C VAL A 25 -10.03 11.26 -5.18
N TYR A 26 -11.28 10.91 -5.43
CA TYR A 26 -12.41 11.74 -5.01
C TYR A 26 -12.77 11.48 -3.55
N PRO A 27 -13.49 12.42 -2.93
CA PRO A 27 -13.91 12.32 -1.54
C PRO A 27 -14.98 11.24 -1.33
N MET A 28 -15.30 10.53 -2.41
CA MET A 28 -16.30 9.47 -2.35
C MET A 28 -15.65 8.09 -2.43
N GLU A 29 -14.46 8.05 -3.02
CA GLU A 29 -13.73 6.79 -3.15
C GLU A 29 -12.36 6.89 -2.50
N ARG A 30 -12.25 7.74 -1.49
CA ARG A 30 -10.99 7.92 -0.77
C ARG A 30 -10.89 6.96 0.41
N LEU A 31 -10.24 5.82 0.17
CA LEU A 31 -10.07 4.81 1.21
C LEU A 31 -8.68 4.90 1.83
N LEU A 32 -8.63 5.32 3.09
CA LEU A 32 -7.37 5.45 3.81
C LEU A 32 -6.81 4.09 4.18
N ALA A 33 -5.56 3.84 3.80
CA ALA A 33 -4.91 2.57 4.10
C ALA A 33 -3.41 2.77 4.35
N ASN A 34 -3.00 2.58 5.61
CA ASN A 34 -1.61 2.75 5.98
C ASN A 34 -1.14 4.18 5.76
N GLN A 35 -1.92 5.13 6.27
CA GLN A 35 -1.59 6.55 6.12
C GLN A 35 -1.37 6.91 4.66
N GLN A 36 -2.22 6.37 3.78
CA GLN A 36 -2.11 6.63 2.35
C GLN A 36 -3.48 6.53 1.69
N VAL A 37 -3.67 7.33 0.64
CA VAL A 37 -4.93 7.33 -0.10
C VAL A 37 -5.01 6.15 -1.07
N PHE A 38 -6.01 5.31 -0.90
CA PHE A 38 -6.19 4.15 -1.76
C PHE A 38 -7.63 4.09 -2.30
N HIS A 39 -7.77 3.53 -3.49
CA HIS A 39 -9.08 3.41 -4.13
C HIS A 39 -9.80 2.15 -3.65
N ILE A 40 -11.04 2.32 -3.21
CA ILE A 40 -11.84 1.19 -2.72
C ILE A 40 -11.73 -0.01 -3.66
N SER A 41 -11.33 0.26 -4.91
CA SER A 41 -11.19 -0.79 -5.90
C SER A 41 -9.73 -1.23 -6.02
N CYS A 42 -8.85 -0.26 -6.23
CA CYS A 42 -7.42 -0.54 -6.35
C CYS A 42 -6.92 -1.39 -5.19
N PHE A 43 -7.43 -1.10 -4.00
CA PHE A 43 -7.04 -1.83 -2.80
C PHE A 43 -7.07 -3.34 -3.05
N ARG A 44 -5.92 -3.90 -3.42
CA ARG A 44 -5.82 -5.33 -3.70
C ARG A 44 -4.43 -5.86 -3.31
N CYS A 45 -4.28 -7.17 -3.34
CA CYS A 45 -3.02 -7.80 -2.99
C CYS A 45 -2.03 -7.73 -4.15
N SER A 46 -0.78 -7.41 -3.85
CA SER A 46 0.26 -7.30 -4.87
C SER A 46 0.71 -8.69 -5.32
N TYR A 47 -0.03 -9.70 -4.92
CA TYR A 47 0.30 -11.08 -5.29
C TYR A 47 -0.83 -11.71 -6.10
N CYS A 48 -1.98 -11.88 -5.47
CA CYS A 48 -3.14 -12.48 -6.13
C CYS A 48 -3.97 -11.40 -6.83
N ASN A 49 -3.81 -10.17 -6.40
CA ASN A 49 -4.54 -9.04 -6.99
C ASN A 49 -6.04 -9.19 -6.74
N ASN A 50 -6.41 -9.49 -5.50
CA ASN A 50 -7.81 -9.66 -5.14
C ASN A 50 -8.31 -8.45 -4.34
N LYS A 51 -9.61 -8.18 -4.45
CA LYS A 51 -10.21 -7.06 -3.74
C LYS A 51 -10.08 -7.23 -2.23
N LEU A 52 -9.60 -6.18 -1.56
CA LEU A 52 -9.44 -6.23 -0.11
C LEU A 52 -10.14 -5.04 0.55
N SER A 53 -10.03 -4.97 1.87
CA SER A 53 -10.66 -3.89 2.63
C SER A 53 -10.06 -3.79 4.02
N LEU A 54 -10.20 -2.61 4.63
CA LEU A 54 -9.67 -2.37 5.97
C LEU A 54 -10.07 -3.49 6.92
N GLY A 55 -9.23 -4.52 7.01
CA GLY A 55 -9.51 -5.64 7.89
C GLY A 55 -8.92 -6.94 7.37
N THR A 56 -8.83 -7.07 6.06
CA THR A 56 -8.30 -8.27 5.43
C THR A 56 -7.06 -7.95 4.59
N TYR A 57 -6.47 -6.78 4.84
CA TYR A 57 -5.29 -6.36 4.10
C TYR A 57 -4.07 -6.31 5.01
N ALA A 58 -2.90 -6.10 4.41
CA ALA A 58 -1.66 -6.02 5.17
C ALA A 58 -0.51 -5.53 4.29
N SER A 59 0.07 -4.41 4.68
CA SER A 59 1.19 -3.82 3.92
C SER A 59 2.50 -4.00 4.67
N LEU A 60 3.61 -3.95 3.92
CA LEU A 60 4.93 -4.11 4.52
C LEU A 60 5.85 -2.96 4.11
N HIS A 61 6.16 -2.90 2.81
CA HIS A 61 7.02 -1.85 2.29
C HIS A 61 6.26 -0.92 1.36
N GLY A 62 5.01 -0.63 1.71
CA GLY A 62 4.19 0.24 0.89
C GLY A 62 3.16 -0.53 0.08
N ARG A 63 3.50 -1.76 -0.29
CA ARG A 63 2.60 -2.60 -1.08
C ARG A 63 1.59 -3.30 -0.17
N ILE A 64 0.47 -3.71 -0.76
CA ILE A 64 -0.59 -4.39 -0.03
C ILE A 64 -0.53 -5.91 -0.24
N TYR A 65 -0.96 -6.66 0.76
CA TYR A 65 -0.96 -8.12 0.68
C TYR A 65 -2.07 -8.71 1.53
N CYS A 66 -2.71 -9.76 1.02
CA CYS A 66 -3.79 -10.42 1.73
C CYS A 66 -3.25 -11.23 2.91
N LYS A 67 -3.98 -11.20 4.02
CA LYS A 67 -3.58 -11.93 5.22
C LYS A 67 -2.85 -13.23 4.85
N PRO A 68 -3.51 -14.05 4.02
CA PRO A 68 -2.95 -15.33 3.58
C PRO A 68 -1.51 -15.19 3.08
N HIS A 69 -1.34 -14.50 1.97
CA HIS A 69 0.00 -14.29 1.39
C HIS A 69 0.91 -13.59 2.40
N PHE A 70 0.40 -12.54 3.03
CA PHE A 70 1.17 -11.79 4.01
C PHE A 70 1.81 -12.72 5.03
N ASN A 71 0.97 -13.49 5.72
CA ASN A 71 1.44 -14.43 6.73
C ASN A 71 2.13 -15.63 6.08
N GLN A 72 1.72 -15.95 4.87
CA GLN A 72 2.30 -17.07 4.14
C GLN A 72 3.72 -16.75 3.68
N LEU A 73 3.98 -15.47 3.43
CA LEU A 73 5.31 -15.04 2.99
C LEU A 73 6.10 -14.45 4.15
N PHE A 74 5.53 -13.44 4.80
CA PHE A 74 6.19 -12.78 5.93
C PHE A 74 6.55 -13.80 7.00
N LYS A 75 5.54 -14.47 7.53
CA LYS A 75 5.74 -15.47 8.58
C LYS A 75 6.77 -16.51 8.14
N SER A 76 6.76 -16.84 6.85
CA SER A 76 7.69 -17.82 6.31
C SER A 76 9.04 -17.75 7.02
N LYS A 77 9.43 -18.85 7.64
CA LYS A 77 10.70 -18.92 8.36
C LYS A 77 11.80 -18.19 7.58
N GLY A 78 12.70 -17.54 8.31
CA GLY A 78 13.78 -16.81 7.69
C GLY A 78 13.99 -15.44 8.29
N ASN A 79 14.28 -15.40 9.59
CA ASN A 79 14.51 -14.15 10.29
C ASN A 79 15.75 -14.23 11.18
N TYR A 80 16.46 -15.35 11.09
CA TYR A 80 17.67 -15.55 11.89
C TYR A 80 18.59 -14.34 11.81
N ASP A 81 19.23 -14.02 12.93
CA ASP A 81 20.14 -12.88 12.98
C ASP A 81 21.04 -12.97 14.21
N GLU A 82 22.07 -12.14 14.24
CA GLU A 82 23.01 -12.12 15.36
C GLU A 82 22.66 -11.02 16.35
N GLY A 83 21.69 -10.19 15.98
CA GLY A 83 21.27 -9.11 16.85
C GLY A 83 22.44 -8.31 17.39
N PHE A 84 23.39 -7.98 16.50
CA PHE A 84 24.56 -7.21 16.90
C PHE A 84 24.22 -5.73 17.02
N GLY A 85 24.38 -5.19 18.24
CA GLY A 85 24.09 -3.79 18.47
C GLY A 85 24.33 -3.38 19.91
N SER A 86 25.28 -2.47 20.11
CA SER A 86 25.62 -1.99 21.43
C SER A 86 24.80 -0.76 21.79
N GLY A 87 24.56 -0.57 23.09
CA GLY A 87 23.79 0.57 23.54
C GLY A 87 24.64 1.59 24.28
N PRO A 88 24.28 2.87 24.15
CA PRO A 88 25.00 3.97 24.80
C PRO A 88 24.81 3.97 26.31
N SER A 89 25.88 4.32 27.05
CA SER A 89 25.83 4.35 28.49
C SER A 89 26.24 5.72 29.02
N SER A 90 25.69 6.10 30.16
CA SER A 90 26.00 7.40 30.77
C SER A 90 27.39 7.38 31.39
N GLY A 91 27.86 8.56 31.80
CA GLY A 91 29.18 8.66 32.40
C GLY A 91 29.90 9.92 31.98
ZN ZN B . -6.64 3.99 -7.87
ZN ZN C . -2.61 -12.34 -1.98
N GLY A 1 19.78 12.23 -28.70
CA GLY A 1 18.87 13.37 -28.63
C GLY A 1 17.96 13.30 -27.44
N SER A 2 17.47 14.46 -27.00
CA SER A 2 16.57 14.52 -25.86
C SER A 2 15.84 15.87 -25.81
N SER A 3 14.72 15.89 -25.11
CA SER A 3 13.92 17.11 -25.00
C SER A 3 13.13 17.12 -23.69
N GLY A 4 12.98 18.31 -23.11
CA GLY A 4 12.26 18.45 -21.86
C GLY A 4 11.19 19.53 -21.93
N SER A 5 10.27 19.49 -20.98
CA SER A 5 9.19 20.47 -20.92
C SER A 5 8.63 20.58 -19.51
N SER A 6 8.15 21.78 -19.16
CA SER A 6 7.60 22.03 -17.83
C SER A 6 6.18 22.59 -17.95
N GLY A 7 5.41 22.46 -16.87
CA GLY A 7 4.05 22.96 -16.86
C GLY A 7 3.12 22.10 -16.03
N MET A 8 3.51 21.84 -14.78
CA MET A 8 2.71 21.03 -13.87
C MET A 8 1.54 21.84 -13.33
N LYS A 9 0.34 21.26 -13.41
CA LYS A 9 -0.87 21.92 -12.91
C LYS A 9 -1.70 20.98 -12.06
N PHE A 10 -2.20 21.48 -10.94
CA PHE A 10 -3.01 20.68 -10.03
C PHE A 10 -4.11 21.52 -9.38
N GLN A 11 -5.09 20.86 -8.81
CA GLN A 11 -6.21 21.55 -8.16
C GLN A 11 -5.69 22.58 -7.17
N ALA A 12 -6.23 23.80 -7.26
CA ALA A 12 -5.82 24.88 -6.37
C ALA A 12 -5.65 24.38 -4.94
N PRO A 13 -6.76 23.93 -4.33
CA PRO A 13 -6.75 23.42 -2.96
C PRO A 13 -6.03 22.09 -2.84
N ALA A 14 -5.93 21.57 -1.62
CA ALA A 14 -5.27 20.30 -1.36
C ALA A 14 -5.96 19.16 -2.12
N ARG A 15 -5.27 18.60 -3.10
CA ARG A 15 -5.83 17.51 -3.89
C ARG A 15 -5.12 16.19 -3.56
N GLU A 16 -5.90 15.11 -3.48
CA GLU A 16 -5.35 13.80 -3.17
C GLU A 16 -5.18 12.97 -4.45
N THR A 17 -4.30 11.97 -4.37
CA THR A 17 -4.04 11.11 -5.52
C THR A 17 -3.86 9.67 -5.09
N CYS A 18 -4.24 8.73 -5.95
CA CYS A 18 -4.13 7.31 -5.66
C CYS A 18 -2.67 6.86 -5.74
N VAL A 19 -2.24 6.08 -4.76
CA VAL A 19 -0.87 5.57 -4.73
C VAL A 19 -0.76 4.24 -5.45
N GLU A 20 -1.76 3.93 -6.28
CA GLU A 20 -1.78 2.68 -7.03
C GLU A 20 -1.80 2.95 -8.53
N CYS A 21 -2.73 3.80 -8.97
CA CYS A 21 -2.86 4.14 -10.37
C CYS A 21 -2.41 5.57 -10.63
N GLN A 22 -2.24 6.33 -9.55
CA GLN A 22 -1.81 7.73 -9.66
C GLN A 22 -2.90 8.59 -10.29
N LYS A 23 -4.11 8.47 -9.76
CA LYS A 23 -5.24 9.24 -10.28
C LYS A 23 -5.93 10.02 -9.15
N THR A 24 -6.20 11.29 -9.41
CA THR A 24 -6.86 12.15 -8.43
C THR A 24 -7.99 11.41 -7.74
N VAL A 25 -7.78 11.03 -6.48
CA VAL A 25 -8.80 10.33 -5.71
C VAL A 25 -9.90 11.27 -5.27
N TYR A 26 -11.14 10.93 -5.63
CA TYR A 26 -12.29 11.75 -5.26
C TYR A 26 -12.75 11.45 -3.85
N PRO A 27 -13.53 12.38 -3.28
CA PRO A 27 -14.04 12.25 -1.90
C PRO A 27 -15.10 11.15 -1.80
N MET A 28 -15.37 10.48 -2.90
CA MET A 28 -16.35 9.41 -2.93
C MET A 28 -15.67 8.04 -2.96
N GLU A 29 -14.45 8.00 -3.49
CA GLU A 29 -13.69 6.75 -3.58
C GLU A 29 -12.39 6.86 -2.80
N ARG A 30 -12.35 7.77 -1.83
CA ARG A 30 -11.15 7.97 -1.02
C ARG A 30 -11.12 6.98 0.15
N LEU A 31 -10.21 6.01 0.07
CA LEU A 31 -10.08 5.00 1.11
C LEU A 31 -8.71 5.09 1.78
N LEU A 32 -8.69 5.58 3.02
CA LEU A 32 -7.46 5.72 3.77
C LEU A 32 -6.89 4.35 4.15
N ALA A 33 -5.64 4.12 3.79
CA ALA A 33 -4.98 2.85 4.08
C ALA A 33 -3.48 3.04 4.29
N ASN A 34 -3.02 2.80 5.51
CA ASN A 34 -1.59 2.94 5.83
C ASN A 34 -1.16 4.40 5.70
N GLN A 35 -2.05 5.32 6.09
CA GLN A 35 -1.75 6.74 6.01
C GLN A 35 -1.52 7.17 4.57
N GLN A 36 -2.28 6.58 3.65
CA GLN A 36 -2.15 6.91 2.23
C GLN A 36 -3.49 6.76 1.53
N VAL A 37 -3.70 7.55 0.48
CA VAL A 37 -4.94 7.51 -0.29
C VAL A 37 -4.97 6.31 -1.23
N PHE A 38 -5.98 5.47 -1.06
CA PHE A 38 -6.13 4.28 -1.89
C PHE A 38 -7.54 4.19 -2.47
N HIS A 39 -7.65 3.60 -3.65
CA HIS A 39 -8.94 3.46 -4.31
C HIS A 39 -9.64 2.18 -3.86
N ILE A 40 -10.85 2.33 -3.32
CA ILE A 40 -11.62 1.19 -2.84
C ILE A 40 -11.47 0.00 -3.78
N SER A 41 -11.16 0.27 -5.04
CA SER A 41 -10.99 -0.78 -6.03
C SER A 41 -9.52 -1.21 -6.12
N CYS A 42 -8.64 -0.24 -6.36
CA CYS A 42 -7.21 -0.51 -6.48
C CYS A 42 -6.73 -1.34 -5.30
N PHE A 43 -7.20 -1.00 -4.11
CA PHE A 43 -6.82 -1.72 -2.89
C PHE A 43 -6.95 -3.22 -3.09
N ARG A 44 -5.83 -3.87 -3.42
CA ARG A 44 -5.83 -5.32 -3.63
C ARG A 44 -4.43 -5.89 -3.40
N CYS A 45 -4.39 -7.18 -3.08
CA CYS A 45 -3.12 -7.86 -2.82
C CYS A 45 -2.17 -7.71 -4.01
N SER A 46 -0.91 -7.38 -3.73
CA SER A 46 0.09 -7.20 -4.77
C SER A 46 0.49 -8.55 -5.37
N TYR A 47 -0.17 -9.60 -4.93
CA TYR A 47 0.12 -10.95 -5.41
C TYR A 47 -1.05 -11.51 -6.21
N CYS A 48 -2.17 -11.73 -5.52
CA CYS A 48 -3.37 -12.26 -6.16
C CYS A 48 -4.25 -11.13 -6.70
N ASN A 49 -4.15 -9.97 -6.07
CA ASN A 49 -4.93 -8.81 -6.48
C ASN A 49 -6.41 -9.02 -6.17
N ASN A 50 -6.71 -9.45 -4.95
CA ASN A 50 -8.08 -9.68 -4.53
C ASN A 50 -8.57 -8.57 -3.62
N LYS A 51 -9.67 -7.92 -4.01
CA LYS A 51 -10.25 -6.84 -3.23
C LYS A 51 -10.15 -7.13 -1.73
N LEU A 52 -9.64 -6.16 -0.98
CA LEU A 52 -9.49 -6.30 0.47
C LEU A 52 -10.33 -5.27 1.21
N SER A 53 -10.23 -5.29 2.54
CA SER A 53 -10.98 -4.35 3.37
C SER A 53 -10.21 -3.99 4.63
N LEU A 54 -10.29 -2.74 5.04
CA LEU A 54 -9.60 -2.27 6.24
C LEU A 54 -9.72 -3.29 7.36
N GLY A 55 -8.60 -3.93 7.71
CA GLY A 55 -8.62 -4.92 8.77
C GLY A 55 -8.19 -6.29 8.29
N THR A 56 -8.51 -6.60 7.03
CA THR A 56 -8.16 -7.89 6.45
C THR A 56 -6.97 -7.77 5.51
N TYR A 57 -6.51 -6.54 5.30
CA TYR A 57 -5.38 -6.28 4.42
C TYR A 57 -4.08 -6.19 5.22
N ALA A 58 -3.02 -6.78 4.67
CA ALA A 58 -1.71 -6.77 5.32
C ALA A 58 -0.67 -6.04 4.47
N SER A 59 -0.42 -4.78 4.80
CA SER A 59 0.54 -3.98 4.05
C SER A 59 1.96 -4.23 4.57
N LEU A 60 2.92 -4.23 3.65
CA LEU A 60 4.32 -4.46 4.00
C LEU A 60 5.11 -3.16 3.93
N HIS A 61 4.77 -2.22 4.81
CA HIS A 61 5.46 -0.94 4.85
C HIS A 61 5.58 -0.33 3.46
N GLY A 62 4.44 -0.25 2.77
CA GLY A 62 4.43 0.31 1.43
C GLY A 62 3.67 -0.56 0.45
N ARG A 63 3.75 -1.88 0.63
CA ARG A 63 3.07 -2.81 -0.25
C ARG A 63 1.82 -3.38 0.42
N ILE A 64 1.02 -4.10 -0.35
CA ILE A 64 -0.20 -4.70 0.16
C ILE A 64 -0.23 -6.20 -0.08
N TYR A 65 -0.79 -6.94 0.87
CA TYR A 65 -0.88 -8.39 0.77
C TYR A 65 -2.06 -8.93 1.57
N CYS A 66 -2.60 -10.06 1.13
CA CYS A 66 -3.74 -10.68 1.80
C CYS A 66 -3.26 -11.65 2.88
N LYS A 67 -3.94 -11.65 4.02
CA LYS A 67 -3.59 -12.53 5.12
C LYS A 67 -2.93 -13.80 4.62
N PRO A 68 -3.62 -14.52 3.72
CA PRO A 68 -3.11 -15.77 3.14
C PRO A 68 -1.68 -15.63 2.63
N HIS A 69 -1.50 -14.81 1.60
CA HIS A 69 -0.17 -14.60 1.03
C HIS A 69 0.78 -14.00 2.07
N PHE A 70 0.29 -13.03 2.83
CA PHE A 70 1.10 -12.39 3.85
C PHE A 70 1.77 -13.43 4.75
N ASN A 71 0.97 -14.33 5.29
CA ASN A 71 1.48 -15.38 6.18
C ASN A 71 2.26 -16.43 5.38
N GLN A 72 2.36 -16.20 4.07
CA GLN A 72 3.08 -17.13 3.20
C GLN A 72 4.32 -16.47 2.61
N LEU A 73 4.31 -15.14 2.55
CA LEU A 73 5.44 -14.39 2.00
C LEU A 73 6.19 -13.66 3.12
N PHE A 74 5.48 -13.35 4.19
CA PHE A 74 6.09 -12.65 5.32
C PHE A 74 6.63 -13.64 6.35
N LYS A 75 5.78 -14.59 6.76
CA LYS A 75 6.18 -15.60 7.73
C LYS A 75 7.49 -16.25 7.34
N SER A 76 7.65 -16.56 6.05
CA SER A 76 8.87 -17.18 5.54
C SER A 76 10.10 -16.62 6.25
N LYS A 77 10.79 -17.49 6.98
CA LYS A 77 11.99 -17.08 7.70
C LYS A 77 12.76 -16.00 6.93
N GLY A 78 13.04 -14.90 7.61
CA GLY A 78 13.76 -13.80 6.97
C GLY A 78 14.12 -12.70 7.96
N ASN A 79 15.24 -12.02 7.69
CA ASN A 79 15.69 -10.94 8.56
C ASN A 79 14.74 -9.75 8.50
N TYR A 80 13.64 -9.84 9.25
CA TYR A 80 12.65 -8.78 9.28
C TYR A 80 12.52 -8.19 10.69
N ASP A 81 13.44 -8.57 11.56
CA ASP A 81 13.43 -8.08 12.93
C ASP A 81 13.59 -6.57 12.98
N GLU A 82 13.30 -5.98 14.14
CA GLU A 82 13.41 -4.53 14.31
C GLU A 82 13.05 -3.81 13.02
N GLY A 83 12.00 -4.27 12.36
CA GLY A 83 11.58 -3.64 11.12
C GLY A 83 10.08 -3.64 10.95
N PHE A 84 9.36 -3.22 11.99
CA PHE A 84 7.91 -3.17 11.96
C PHE A 84 7.41 -1.75 12.24
N GLY A 85 6.10 -1.56 12.10
CA GLY A 85 5.52 -0.25 12.34
C GLY A 85 5.42 0.08 13.82
N SER A 86 5.69 1.33 14.16
CA SER A 86 5.64 1.77 15.55
C SER A 86 4.67 2.94 15.72
N GLY A 87 4.16 3.10 16.94
CA GLY A 87 3.23 4.18 17.21
C GLY A 87 1.82 3.68 17.49
N PRO A 88 1.00 4.53 18.13
CA PRO A 88 -0.39 4.18 18.47
C PRO A 88 -1.27 4.09 17.24
N SER A 89 -2.42 3.43 17.39
CA SER A 89 -3.37 3.26 16.29
C SER A 89 -4.74 3.82 16.67
N SER A 90 -5.40 4.45 15.70
CA SER A 90 -6.71 5.03 15.93
C SER A 90 -7.74 3.94 16.20
N GLY A 91 -8.05 3.74 17.48
CA GLY A 91 -9.02 2.73 17.87
C GLY A 91 -10.35 2.90 17.17
ZN ZN B . -6.45 4.02 -8.03
ZN ZN C . -2.72 -12.46 -2.02
N GLY A 1 21.81 22.54 -20.98
CA GLY A 1 21.13 22.41 -22.25
C GLY A 1 19.86 21.59 -22.15
N SER A 2 18.98 21.98 -21.25
CA SER A 2 17.72 21.26 -21.05
C SER A 2 16.75 22.09 -20.22
N SER A 3 15.46 21.99 -20.55
CA SER A 3 14.43 22.74 -19.83
C SER A 3 13.12 21.96 -19.80
N GLY A 4 12.23 22.34 -18.89
CA GLY A 4 10.95 21.67 -18.78
C GLY A 4 9.81 22.64 -18.53
N SER A 5 8.96 22.80 -19.53
CA SER A 5 7.81 23.71 -19.41
C SER A 5 6.51 22.93 -19.35
N SER A 6 5.58 23.39 -18.50
CA SER A 6 4.30 22.74 -18.34
C SER A 6 3.26 23.70 -17.77
N GLY A 7 2.01 23.25 -17.70
CA GLY A 7 0.96 24.08 -17.16
C GLY A 7 -0.42 23.50 -17.41
N MET A 8 -0.93 22.77 -16.44
CA MET A 8 -2.26 22.15 -16.57
C MET A 8 -3.13 22.50 -15.37
N LYS A 9 -4.45 22.46 -15.57
CA LYS A 9 -5.39 22.77 -14.51
C LYS A 9 -5.08 21.96 -13.26
N PHE A 10 -5.48 22.49 -12.10
CA PHE A 10 -5.24 21.82 -10.82
C PHE A 10 -6.00 22.51 -9.70
N GLN A 11 -6.39 21.73 -8.68
CA GLN A 11 -7.12 22.27 -7.55
C GLN A 11 -6.18 22.97 -6.57
N ALA A 12 -6.35 24.27 -6.41
CA ALA A 12 -5.52 25.06 -5.51
C ALA A 12 -5.16 24.25 -4.26
N PRO A 13 -6.19 23.82 -3.52
CA PRO A 13 -6.01 23.04 -2.29
C PRO A 13 -5.51 21.63 -2.58
N ALA A 14 -4.28 21.34 -2.15
CA ALA A 14 -3.67 20.04 -2.36
C ALA A 14 -4.70 18.93 -2.18
N ARG A 15 -5.08 18.30 -3.30
CA ARG A 15 -6.06 17.23 -3.27
C ARG A 15 -5.39 15.89 -2.96
N GLU A 16 -6.19 14.83 -2.89
CA GLU A 16 -5.68 13.50 -2.60
C GLU A 16 -5.45 12.71 -3.88
N THR A 17 -4.41 11.87 -3.88
CA THR A 17 -4.08 11.06 -5.04
C THR A 17 -3.91 9.59 -4.67
N CYS A 18 -4.29 8.70 -5.59
CA CYS A 18 -4.18 7.27 -5.35
C CYS A 18 -2.72 6.82 -5.41
N VAL A 19 -2.28 6.10 -4.38
CA VAL A 19 -0.91 5.60 -4.33
C VAL A 19 -0.78 4.28 -5.08
N GLU A 20 -1.78 3.97 -5.90
CA GLU A 20 -1.76 2.74 -6.68
C GLU A 20 -1.68 3.03 -8.17
N CYS A 21 -2.59 3.88 -8.66
CA CYS A 21 -2.61 4.24 -10.06
C CYS A 21 -2.14 5.68 -10.26
N GLN A 22 -2.11 6.44 -9.17
CA GLN A 22 -1.68 7.83 -9.23
C GLN A 22 -2.72 8.70 -9.93
N LYS A 23 -3.98 8.54 -9.54
CA LYS A 23 -5.07 9.30 -10.13
C LYS A 23 -5.82 10.08 -9.07
N THR A 24 -6.11 11.35 -9.36
CA THR A 24 -6.83 12.20 -8.42
C THR A 24 -7.98 11.45 -7.77
N VAL A 25 -7.77 11.00 -6.54
CA VAL A 25 -8.79 10.28 -5.80
C VAL A 25 -9.95 11.19 -5.42
N TYR A 26 -11.17 10.73 -5.68
CA TYR A 26 -12.37 11.51 -5.37
C TYR A 26 -12.76 11.33 -3.90
N PRO A 27 -13.60 12.25 -3.41
CA PRO A 27 -14.07 12.22 -2.01
C PRO A 27 -15.03 11.06 -1.75
N MET A 28 -15.21 10.21 -2.75
CA MET A 28 -16.09 9.06 -2.63
C MET A 28 -15.30 7.75 -2.74
N GLU A 29 -14.22 7.79 -3.52
CA GLU A 29 -13.38 6.61 -3.71
C GLU A 29 -12.19 6.62 -2.75
N ARG A 30 -11.95 7.77 -2.14
CA ARG A 30 -10.84 7.92 -1.20
C ARG A 30 -10.95 6.91 -0.06
N LEU A 31 -10.05 5.93 -0.05
CA LEU A 31 -10.06 4.91 0.99
C LEU A 31 -8.77 4.94 1.80
N LEU A 32 -8.88 5.32 3.07
CA LEU A 32 -7.71 5.39 3.94
C LEU A 32 -7.17 4.00 4.26
N ALA A 33 -5.95 3.74 3.85
CA ALA A 33 -5.31 2.44 4.08
C ALA A 33 -3.83 2.61 4.42
N ASN A 34 -3.49 2.37 5.68
CA ASN A 34 -2.12 2.50 6.14
C ASN A 34 -1.65 3.95 6.09
N GLN A 35 -2.53 4.86 6.49
CA GLN A 35 -2.22 6.28 6.48
C GLN A 35 -1.91 6.77 5.07
N GLN A 36 -2.62 6.22 4.09
CA GLN A 36 -2.42 6.60 2.71
C GLN A 36 -3.72 6.46 1.91
N VAL A 37 -3.87 7.29 0.89
CA VAL A 37 -5.06 7.27 0.05
C VAL A 37 -5.04 6.08 -0.91
N PHE A 38 -6.17 5.39 -1.02
CA PHE A 38 -6.28 4.24 -1.89
C PHE A 38 -7.66 4.17 -2.53
N HIS A 39 -7.74 3.55 -3.71
CA HIS A 39 -9.00 3.42 -4.41
C HIS A 39 -9.72 2.13 -4.01
N ILE A 40 -10.97 2.27 -3.56
CA ILE A 40 -11.76 1.12 -3.14
C ILE A 40 -11.57 -0.06 -4.09
N SER A 41 -11.15 0.23 -5.31
CA SER A 41 -10.93 -0.80 -6.31
C SER A 41 -9.46 -1.21 -6.36
N CYS A 42 -8.58 -0.23 -6.47
CA CYS A 42 -7.14 -0.48 -6.52
C CYS A 42 -6.69 -1.30 -5.32
N PHE A 43 -7.29 -1.02 -4.16
CA PHE A 43 -6.95 -1.73 -2.94
C PHE A 43 -7.06 -3.24 -3.13
N ARG A 44 -5.97 -3.85 -3.62
CA ARG A 44 -5.94 -5.28 -3.86
C ARG A 44 -4.54 -5.84 -3.59
N CYS A 45 -4.49 -7.10 -3.15
CA CYS A 45 -3.23 -7.75 -2.86
C CYS A 45 -2.30 -7.73 -4.07
N SER A 46 -1.03 -7.45 -3.84
CA SER A 46 -0.05 -7.39 -4.92
C SER A 46 0.44 -8.79 -5.28
N TYR A 47 -0.40 -9.79 -5.03
CA TYR A 47 -0.06 -11.17 -5.33
C TYR A 47 -1.20 -11.86 -6.09
N CYS A 48 -2.37 -11.91 -5.47
CA CYS A 48 -3.54 -12.53 -6.08
C CYS A 48 -4.39 -11.50 -6.82
N ASN A 49 -4.31 -10.25 -6.38
CA ASN A 49 -5.06 -9.16 -7.00
C ASN A 49 -6.54 -9.25 -6.62
N ASN A 50 -6.81 -9.33 -5.31
CA ASN A 50 -8.18 -9.42 -4.81
C ASN A 50 -8.48 -8.27 -3.86
N LYS A 51 -9.56 -7.54 -4.13
CA LYS A 51 -9.96 -6.42 -3.31
C LYS A 51 -9.94 -6.80 -1.83
N LEU A 52 -9.59 -5.85 -0.97
CA LEU A 52 -9.54 -6.09 0.46
C LEU A 52 -10.26 -4.97 1.23
N SER A 53 -10.41 -5.16 2.53
CA SER A 53 -11.09 -4.17 3.37
C SER A 53 -10.10 -3.57 4.37
N LEU A 54 -10.61 -2.65 5.19
CA LEU A 54 -9.78 -1.99 6.20
C LEU A 54 -9.55 -2.90 7.40
N GLY A 55 -9.20 -4.15 7.13
CA GLY A 55 -8.95 -5.11 8.19
C GLY A 55 -8.23 -6.35 7.70
N THR A 56 -8.47 -6.72 6.46
CA THR A 56 -7.84 -7.89 5.87
C THR A 56 -6.58 -7.51 5.08
N TYR A 57 -6.40 -6.20 4.87
CA TYR A 57 -5.24 -5.71 4.13
C TYR A 57 -4.00 -5.71 5.01
N ALA A 58 -2.84 -5.81 4.37
CA ALA A 58 -1.57 -5.81 5.10
C ALA A 58 -0.44 -5.29 4.22
N SER A 59 0.16 -4.17 4.62
CA SER A 59 1.26 -3.58 3.86
C SER A 59 2.58 -3.76 4.59
N LEU A 60 3.65 -3.92 3.83
CA LEU A 60 4.98 -4.10 4.40
C LEU A 60 5.95 -3.02 3.91
N HIS A 61 6.26 -3.07 2.63
CA HIS A 61 7.17 -2.10 2.02
C HIS A 61 6.43 -1.19 1.05
N GLY A 62 5.18 -0.87 1.39
CA GLY A 62 4.38 -0.01 0.52
C GLY A 62 3.36 -0.79 -0.28
N ARG A 63 3.63 -2.07 -0.50
CA ARG A 63 2.72 -2.92 -1.25
C ARG A 63 1.72 -3.61 -0.33
N ILE A 64 0.49 -3.79 -0.83
CA ILE A 64 -0.56 -4.43 -0.04
C ILE A 64 -0.57 -5.93 -0.27
N TYR A 65 -0.99 -6.67 0.75
CA TYR A 65 -1.05 -8.13 0.67
C TYR A 65 -2.19 -8.68 1.52
N CYS A 66 -2.70 -9.85 1.12
CA CYS A 66 -3.79 -10.48 1.85
C CYS A 66 -3.27 -11.35 2.99
N LYS A 67 -3.91 -11.25 4.15
CA LYS A 67 -3.50 -12.03 5.31
C LYS A 67 -2.80 -13.32 4.89
N PRO A 68 -3.49 -14.13 4.07
CA PRO A 68 -2.95 -15.40 3.58
C PRO A 68 -1.54 -15.26 3.02
N HIS A 69 -1.42 -14.53 1.91
CA HIS A 69 -0.13 -14.32 1.28
C HIS A 69 0.84 -13.61 2.23
N PHE A 70 0.33 -12.63 2.96
CA PHE A 70 1.14 -11.88 3.90
C PHE A 70 1.83 -12.81 4.89
N ASN A 71 1.05 -13.45 5.75
CA ASN A 71 1.58 -14.37 6.74
C ASN A 71 2.45 -15.43 6.07
N GLN A 72 2.10 -15.79 4.84
CA GLN A 72 2.85 -16.80 4.09
C GLN A 72 4.24 -16.30 3.74
N LEU A 73 4.32 -15.31 2.85
CA LEU A 73 5.59 -14.75 2.43
C LEU A 73 6.33 -14.14 3.61
N PHE A 74 5.58 -13.58 4.56
CA PHE A 74 6.16 -12.97 5.74
C PHE A 74 6.61 -14.03 6.74
N LYS A 75 5.67 -14.84 7.20
CA LYS A 75 5.96 -15.89 8.16
C LYS A 75 6.59 -17.10 7.47
N SER A 76 7.44 -17.81 8.19
CA SER A 76 8.11 -18.98 7.64
C SER A 76 8.61 -19.90 8.76
N LYS A 77 9.18 -21.04 8.37
CA LYS A 77 9.69 -22.00 9.33
C LYS A 77 11.17 -21.74 9.61
N GLY A 78 11.45 -21.10 10.74
CA GLY A 78 12.82 -20.81 11.10
C GLY A 78 12.99 -19.43 11.72
N ASN A 79 14.21 -18.91 11.68
CA ASN A 79 14.49 -17.60 12.24
C ASN A 79 14.98 -16.63 11.16
N TYR A 80 14.44 -15.42 11.17
CA TYR A 80 14.82 -14.41 10.19
C TYR A 80 14.68 -13.00 10.77
N ASP A 81 15.10 -12.01 9.99
CA ASP A 81 15.02 -10.61 10.43
C ASP A 81 14.65 -9.70 9.27
N GLU A 82 13.99 -8.59 9.59
CA GLU A 82 13.58 -7.63 8.57
C GLU A 82 14.18 -6.25 8.86
N GLY A 83 15.43 -6.21 9.27
CA GLY A 83 16.09 -4.97 9.56
C GLY A 83 15.73 -3.87 8.57
N PHE A 84 16.46 -3.83 7.46
CA PHE A 84 16.22 -2.83 6.43
C PHE A 84 14.76 -2.84 5.99
N GLY A 85 14.14 -1.66 5.95
CA GLY A 85 12.75 -1.56 5.55
C GLY A 85 12.20 -0.16 5.73
N SER A 86 12.40 0.69 4.75
CA SER A 86 11.92 2.07 4.82
C SER A 86 10.63 2.23 4.02
N GLY A 87 9.86 3.26 4.36
CA GLY A 87 8.61 3.51 3.66
C GLY A 87 8.27 4.98 3.58
N PRO A 88 7.75 5.42 2.43
CA PRO A 88 7.37 6.82 2.20
C PRO A 88 6.15 7.23 3.03
N SER A 89 6.10 8.50 3.42
CA SER A 89 5.00 9.02 4.21
C SER A 89 4.79 10.51 3.96
N SER A 90 3.58 10.98 4.21
CA SER A 90 3.25 12.38 4.01
C SER A 90 2.11 12.82 4.91
N GLY A 91 2.00 14.13 5.16
CA GLY A 91 0.95 14.64 6.01
C GLY A 91 -0.41 14.04 5.68
ZN ZN B . -6.36 4.08 -7.98
ZN ZN C . -2.84 -12.32 -1.97
N GLY A 1 20.34 25.46 -9.29
CA GLY A 1 21.18 26.21 -8.36
C GLY A 1 20.75 26.01 -6.92
N SER A 2 21.09 26.97 -6.08
CA SER A 2 20.74 26.91 -4.66
C SER A 2 19.56 27.82 -4.34
N SER A 3 18.36 27.27 -4.44
CA SER A 3 17.14 28.03 -4.17
C SER A 3 15.96 27.10 -3.94
N GLY A 4 14.82 27.69 -3.59
CA GLY A 4 13.63 26.90 -3.34
C GLY A 4 12.40 27.46 -4.04
N SER A 5 11.84 26.69 -4.96
CA SER A 5 10.66 27.12 -5.71
C SER A 5 9.84 25.93 -6.17
N SER A 6 8.68 26.20 -6.76
CA SER A 6 7.80 25.14 -7.26
C SER A 6 6.91 25.66 -8.38
N GLY A 7 6.91 24.92 -9.49
CA GLY A 7 6.09 25.32 -10.63
C GLY A 7 5.65 24.13 -11.46
N MET A 8 4.55 23.52 -11.08
CA MET A 8 4.02 22.37 -11.79
C MET A 8 2.50 22.42 -11.87
N LYS A 9 1.95 22.14 -13.05
CA LYS A 9 0.51 22.16 -13.26
C LYS A 9 -0.18 21.16 -12.33
N PHE A 10 -1.00 21.68 -11.42
CA PHE A 10 -1.73 20.83 -10.48
C PHE A 10 -3.09 21.42 -10.16
N GLN A 11 -4.00 20.57 -9.69
CA GLN A 11 -5.35 21.01 -9.35
C GLN A 11 -5.31 22.16 -8.35
N ALA A 12 -6.31 23.04 -8.43
CA ALA A 12 -6.39 24.19 -7.54
C ALA A 12 -6.49 23.75 -6.09
N PRO A 13 -7.56 23.00 -5.76
CA PRO A 13 -7.79 22.50 -4.40
C PRO A 13 -6.79 21.42 -4.01
N ALA A 14 -5.86 21.13 -4.91
CA ALA A 14 -4.85 20.11 -4.64
C ALA A 14 -5.48 18.80 -4.19
N ARG A 15 -6.44 18.31 -4.97
CA ARG A 15 -7.12 17.06 -4.65
C ARG A 15 -6.13 15.99 -4.24
N GLU A 16 -6.65 14.86 -3.76
CA GLU A 16 -5.81 13.74 -3.35
C GLU A 16 -5.49 12.82 -4.53
N THR A 17 -4.41 12.07 -4.40
CA THR A 17 -3.99 11.15 -5.46
C THR A 17 -3.87 9.72 -4.94
N CYS A 18 -4.13 8.75 -5.81
CA CYS A 18 -4.05 7.35 -5.43
C CYS A 18 -2.60 6.87 -5.43
N VAL A 19 -2.24 6.07 -4.43
CA VAL A 19 -0.89 5.55 -4.31
C VAL A 19 -0.76 4.22 -5.05
N GLU A 20 -1.75 3.91 -5.88
CA GLU A 20 -1.74 2.66 -6.64
C GLU A 20 -1.71 2.95 -8.14
N CYS A 21 -2.69 3.71 -8.62
CA CYS A 21 -2.78 4.06 -10.03
C CYS A 21 -2.22 5.46 -10.28
N GLN A 22 -2.06 6.23 -9.20
CA GLN A 22 -1.54 7.58 -9.31
C GLN A 22 -2.39 8.42 -10.27
N LYS A 23 -3.71 8.35 -10.09
CA LYS A 23 -4.62 9.10 -10.94
C LYS A 23 -5.25 10.27 -10.18
N THR A 24 -6.24 9.97 -9.35
CA THR A 24 -6.91 10.99 -8.56
C THR A 24 -7.97 10.38 -7.64
N VAL A 25 -7.81 10.60 -6.34
CA VAL A 25 -8.75 10.07 -5.35
C VAL A 25 -9.73 11.14 -4.89
N TYR A 26 -11.01 10.93 -5.14
CA TYR A 26 -12.04 11.88 -4.74
C TYR A 26 -12.45 11.66 -3.29
N PRO A 27 -13.09 12.69 -2.70
CA PRO A 27 -13.54 12.64 -1.31
C PRO A 27 -14.71 11.67 -1.11
N MET A 28 -15.05 10.94 -2.17
CA MET A 28 -16.14 9.98 -2.11
C MET A 28 -15.61 8.54 -2.20
N GLU A 29 -14.38 8.41 -2.70
CA GLU A 29 -13.76 7.10 -2.84
C GLU A 29 -12.39 7.07 -2.18
N ARG A 30 -12.16 8.01 -1.26
CA ARG A 30 -10.89 8.09 -0.56
C ARG A 30 -10.84 7.08 0.58
N LEU A 31 -10.28 5.90 0.29
CA LEU A 31 -10.17 4.85 1.29
C LEU A 31 -8.80 4.87 1.96
N LEU A 32 -8.78 5.28 3.23
CA LEU A 32 -7.54 5.35 3.99
C LEU A 32 -7.00 3.96 4.29
N ALA A 33 -5.75 3.71 3.93
CA ALA A 33 -5.12 2.42 4.17
C ALA A 33 -3.62 2.57 4.39
N ASN A 34 -3.15 2.18 5.57
CA ASN A 34 -1.74 2.28 5.90
C ASN A 34 -1.27 3.73 5.89
N GLN A 35 -2.13 4.63 6.36
CA GLN A 35 -1.81 6.04 6.41
C GLN A 35 -1.53 6.58 5.01
N GLN A 36 -2.34 6.15 4.04
CA GLN A 36 -2.18 6.59 2.66
C GLN A 36 -3.50 6.53 1.92
N VAL A 37 -3.61 7.32 0.86
CA VAL A 37 -4.84 7.35 0.05
C VAL A 37 -4.89 6.15 -0.90
N PHE A 38 -5.98 5.41 -0.82
CA PHE A 38 -6.16 4.24 -1.68
C PHE A 38 -7.58 4.19 -2.24
N HIS A 39 -7.72 3.68 -3.46
CA HIS A 39 -9.01 3.57 -4.11
C HIS A 39 -9.77 2.34 -3.62
N ILE A 40 -11.05 2.52 -3.33
CA ILE A 40 -11.89 1.42 -2.85
C ILE A 40 -11.79 0.22 -3.77
N SER A 41 -11.26 0.43 -4.97
CA SER A 41 -11.10 -0.64 -5.94
C SER A 41 -9.66 -1.10 -6.04
N CYS A 42 -8.74 -0.14 -6.14
CA CYS A 42 -7.32 -0.44 -6.24
C CYS A 42 -6.87 -1.30 -5.07
N PHE A 43 -7.45 -1.05 -3.89
CA PHE A 43 -7.10 -1.81 -2.69
C PHE A 43 -7.10 -3.31 -2.98
N ARG A 44 -5.96 -3.83 -3.42
CA ARG A 44 -5.82 -5.24 -3.72
C ARG A 44 -4.46 -5.77 -3.29
N CYS A 45 -4.29 -7.09 -3.35
CA CYS A 45 -3.04 -7.72 -2.96
C CYS A 45 -2.00 -7.60 -4.08
N SER A 46 -0.75 -7.41 -3.70
CA SER A 46 0.33 -7.29 -4.67
C SER A 46 0.82 -8.66 -5.13
N TYR A 47 -0.05 -9.66 -5.00
CA TYR A 47 0.29 -11.03 -5.39
C TYR A 47 -0.84 -11.65 -6.21
N CYS A 48 -2.02 -11.72 -5.60
CA CYS A 48 -3.19 -12.30 -6.26
C CYS A 48 -4.06 -11.20 -6.87
N ASN A 49 -3.90 -9.98 -6.38
CA ASN A 49 -4.67 -8.85 -6.88
C ASN A 49 -6.16 -9.04 -6.60
N ASN A 50 -6.48 -9.39 -5.35
CA ASN A 50 -7.87 -9.60 -4.95
C ASN A 50 -8.36 -8.45 -4.07
N LYS A 51 -9.46 -7.84 -4.48
CA LYS A 51 -10.04 -6.72 -3.73
C LYS A 51 -10.07 -7.03 -2.24
N LEU A 52 -9.52 -6.11 -1.45
CA LEU A 52 -9.48 -6.29 0.01
C LEU A 52 -10.40 -5.29 0.70
N SER A 53 -10.42 -5.32 2.03
CA SER A 53 -11.26 -4.43 2.81
C SER A 53 -10.64 -4.14 4.17
N LEU A 54 -10.70 -2.88 4.59
CA LEU A 54 -10.14 -2.48 5.87
C LEU A 54 -10.38 -3.54 6.94
N GLY A 55 -9.43 -4.46 7.10
CA GLY A 55 -9.56 -5.51 8.08
C GLY A 55 -8.95 -6.82 7.61
N THR A 56 -8.78 -6.95 6.30
CA THR A 56 -8.20 -8.16 5.73
C THR A 56 -7.01 -7.84 4.84
N TYR A 57 -6.45 -6.65 5.02
CA TYR A 57 -5.30 -6.21 4.24
C TYR A 57 -4.04 -6.20 5.10
N ALA A 58 -2.89 -5.98 4.44
CA ALA A 58 -1.61 -5.95 5.15
C ALA A 58 -0.50 -5.46 4.23
N SER A 59 0.20 -4.42 4.66
CA SER A 59 1.29 -3.84 3.88
C SER A 59 2.63 -4.07 4.56
N LEU A 60 3.71 -3.97 3.79
CA LEU A 60 5.05 -4.17 4.32
C LEU A 60 5.97 -3.01 3.93
N HIS A 61 6.28 -2.91 2.64
CA HIS A 61 7.13 -1.84 2.15
C HIS A 61 6.39 -0.94 1.17
N GLY A 62 5.09 -0.79 1.40
CA GLY A 62 4.27 0.04 0.52
C GLY A 62 3.29 -0.76 -0.29
N ARG A 63 3.61 -2.03 -0.54
CA ARG A 63 2.75 -2.91 -1.31
C ARG A 63 1.77 -3.64 -0.40
N ILE A 64 0.51 -3.70 -0.83
CA ILE A 64 -0.53 -4.36 -0.05
C ILE A 64 -0.52 -5.87 -0.30
N TYR A 65 -0.98 -6.63 0.68
CA TYR A 65 -1.02 -8.08 0.59
C TYR A 65 -2.19 -8.65 1.38
N CYS A 66 -2.70 -9.79 0.94
CA CYS A 66 -3.81 -10.45 1.61
C CYS A 66 -3.32 -11.32 2.76
N LYS A 67 -4.06 -11.29 3.87
CA LYS A 67 -3.70 -12.08 5.05
C LYS A 67 -2.99 -13.36 4.64
N PRO A 68 -3.64 -14.16 3.78
CA PRO A 68 -3.09 -15.42 3.29
C PRO A 68 -1.65 -15.29 2.83
N HIS A 69 -1.45 -14.53 1.75
CA HIS A 69 -0.11 -14.32 1.21
C HIS A 69 0.81 -13.69 2.25
N PHE A 70 0.27 -12.73 2.99
CA PHE A 70 1.05 -12.04 4.02
C PHE A 70 1.63 -13.03 5.01
N ASN A 71 0.77 -13.69 5.77
CA ASN A 71 1.20 -14.66 6.76
C ASN A 71 2.16 -15.67 6.14
N GLN A 72 2.19 -15.73 4.81
CA GLN A 72 3.07 -16.64 4.10
C GLN A 72 4.42 -16.00 3.83
N LEU A 73 4.44 -15.00 2.95
CA LEU A 73 5.67 -14.30 2.60
C LEU A 73 6.29 -13.64 3.83
N PHE A 74 5.43 -13.14 4.72
CA PHE A 74 5.90 -12.48 5.94
C PHE A 74 6.36 -13.51 6.97
N LYS A 75 5.39 -14.23 7.53
CA LYS A 75 5.70 -15.24 8.54
C LYS A 75 6.19 -16.53 7.89
N SER A 76 7.22 -17.12 8.48
CA SER A 76 7.80 -18.36 7.95
C SER A 76 8.84 -18.93 8.91
N LYS A 77 9.49 -20.00 8.49
CA LYS A 77 10.51 -20.65 9.31
C LYS A 77 11.80 -19.83 9.33
N GLY A 78 11.83 -18.80 10.16
CA GLY A 78 13.00 -17.96 10.26
C GLY A 78 14.29 -18.75 10.33
N ASN A 79 15.16 -18.56 9.34
CA ASN A 79 16.43 -19.27 9.28
C ASN A 79 17.55 -18.35 8.83
N TYR A 80 18.42 -17.97 9.77
CA TYR A 80 19.54 -17.09 9.47
C TYR A 80 20.79 -17.52 10.23
N ASP A 81 21.89 -16.81 9.98
CA ASP A 81 23.16 -17.12 10.64
C ASP A 81 23.16 -16.59 12.07
N GLU A 82 23.98 -17.19 12.93
CA GLU A 82 24.08 -16.79 14.32
C GLU A 82 25.51 -16.36 14.66
N GLY A 83 26.13 -15.61 13.76
CA GLY A 83 27.49 -15.15 13.99
C GLY A 83 27.55 -13.67 14.30
N PHE A 84 26.68 -13.22 15.18
CA PHE A 84 26.64 -11.81 15.56
C PHE A 84 27.85 -11.44 16.41
N GLY A 85 28.14 -10.14 16.49
CA GLY A 85 29.28 -9.69 17.27
C GLY A 85 28.98 -9.63 18.76
N SER A 86 30.01 -9.81 19.57
CA SER A 86 29.85 -9.78 21.02
C SER A 86 31.12 -9.24 21.70
N GLY A 87 30.99 -8.08 22.33
CA GLY A 87 32.13 -7.49 23.00
C GLY A 87 32.40 -8.12 24.35
N PRO A 88 33.69 -8.36 24.65
CA PRO A 88 34.11 -8.98 25.92
C PRO A 88 33.90 -8.04 27.11
N SER A 89 34.35 -8.48 28.28
CA SER A 89 34.21 -7.69 29.49
C SER A 89 35.54 -7.01 29.85
N SER A 90 35.53 -5.68 29.84
CA SER A 90 36.73 -4.90 30.16
C SER A 90 36.36 -3.57 30.77
N GLY A 91 37.25 -3.05 31.62
CA GLY A 91 37.00 -1.77 32.26
C GLY A 91 38.05 -0.73 31.91
ZN ZN B . -6.40 4.05 -7.73
ZN ZN C . -2.62 -12.30 -2.13
N GLY A 1 6.15 28.82 -2.99
CA GLY A 1 6.03 28.75 -4.43
C GLY A 1 6.40 30.05 -5.11
N SER A 2 6.39 30.06 -6.44
CA SER A 2 6.74 31.25 -7.20
C SER A 2 5.60 32.26 -7.18
N SER A 3 5.92 33.52 -7.46
CA SER A 3 4.91 34.58 -7.47
C SER A 3 3.76 34.23 -8.40
N GLY A 4 2.56 34.64 -8.02
CA GLY A 4 1.38 34.36 -8.83
C GLY A 4 1.14 32.87 -9.00
N SER A 5 0.00 32.40 -8.49
CA SER A 5 -0.35 30.99 -8.58
C SER A 5 -1.83 30.82 -8.93
N SER A 6 -2.22 29.58 -9.21
CA SER A 6 -3.60 29.28 -9.57
C SER A 6 -4.21 28.29 -8.58
N GLY A 7 -5.42 28.59 -8.13
CA GLY A 7 -6.10 27.72 -7.18
C GLY A 7 -7.13 28.46 -6.35
N MET A 8 -8.40 28.20 -6.61
CA MET A 8 -9.48 28.85 -5.89
C MET A 8 -10.30 27.81 -5.10
N LYS A 9 -10.42 26.62 -5.65
CA LYS A 9 -11.17 25.55 -5.01
C LYS A 9 -10.74 25.39 -3.55
N PHE A 10 -11.71 25.17 -2.67
CA PHE A 10 -11.44 25.00 -1.26
C PHE A 10 -11.02 23.56 -0.95
N GLN A 11 -9.72 23.31 -1.04
CA GLN A 11 -9.19 21.97 -0.78
C GLN A 11 -7.76 22.05 -0.23
N ALA A 12 -7.30 20.95 0.36
CA ALA A 12 -5.95 20.90 0.92
C ALA A 12 -4.94 21.52 -0.04
N PRO A 13 -3.70 21.70 0.45
CA PRO A 13 -2.62 22.29 -0.34
C PRO A 13 -2.15 21.35 -1.45
N ALA A 14 -2.85 20.24 -1.62
CA ALA A 14 -2.51 19.27 -2.65
C ALA A 14 -3.53 18.14 -2.70
N ARG A 15 -4.38 18.17 -3.73
CA ARG A 15 -5.41 17.14 -3.90
C ARG A 15 -4.86 15.76 -3.58
N GLU A 16 -5.75 14.84 -3.21
CA GLU A 16 -5.35 13.47 -2.87
C GLU A 16 -5.21 12.63 -4.14
N THR A 17 -4.19 11.78 -4.15
CA THR A 17 -3.93 10.91 -5.30
C THR A 17 -3.81 9.46 -4.87
N CYS A 18 -4.21 8.55 -5.76
CA CYS A 18 -4.13 7.12 -5.47
C CYS A 18 -2.70 6.62 -5.57
N VAL A 19 -2.29 5.80 -4.61
CA VAL A 19 -0.95 5.24 -4.58
C VAL A 19 -0.89 3.90 -5.32
N GLU A 20 -1.90 3.65 -6.15
CA GLU A 20 -1.96 2.41 -6.91
C GLU A 20 -2.01 2.69 -8.41
N CYS A 21 -2.85 3.64 -8.80
CA CYS A 21 -2.99 4.00 -10.20
C CYS A 21 -2.53 5.44 -10.44
N GLN A 22 -2.37 6.19 -9.37
CA GLN A 22 -1.94 7.58 -9.45
C GLN A 22 -3.01 8.45 -10.09
N LYS A 23 -4.24 8.34 -9.58
CA LYS A 23 -5.36 9.12 -10.10
C LYS A 23 -6.03 9.92 -8.99
N THR A 24 -6.24 11.20 -9.23
CA THR A 24 -6.88 12.08 -8.25
C THR A 24 -8.02 11.37 -7.53
N VAL A 25 -7.76 10.97 -6.29
CA VAL A 25 -8.76 10.28 -5.49
C VAL A 25 -9.84 11.24 -5.00
N TYR A 26 -11.09 10.97 -5.39
CA TYR A 26 -12.21 11.81 -4.99
C TYR A 26 -12.61 11.53 -3.54
N PRO A 27 -13.33 12.49 -2.93
CA PRO A 27 -13.80 12.37 -1.55
C PRO A 27 -14.89 11.32 -1.40
N MET A 28 -15.19 10.63 -2.49
CA MET A 28 -16.22 9.60 -2.48
C MET A 28 -15.59 8.20 -2.56
N GLU A 29 -14.39 8.14 -3.11
CA GLU A 29 -13.68 6.87 -3.24
C GLU A 29 -12.35 6.90 -2.49
N ARG A 30 -12.24 7.82 -1.54
CA ARG A 30 -11.02 7.96 -0.75
C ARG A 30 -11.00 6.95 0.39
N LEU A 31 -10.17 5.92 0.24
CA LEU A 31 -10.05 4.88 1.26
C LEU A 31 -8.68 4.93 1.92
N LEU A 32 -8.66 5.33 3.20
CA LEU A 32 -7.42 5.42 3.96
C LEU A 32 -6.90 4.03 4.32
N ALA A 33 -5.66 3.76 3.95
CA ALA A 33 -5.04 2.47 4.23
C ALA A 33 -3.53 2.62 4.45
N ASN A 34 -3.09 2.36 5.67
CA ASN A 34 -1.67 2.47 6.01
C ASN A 34 -1.18 3.91 5.87
N GLN A 35 -2.03 4.85 6.26
CA GLN A 35 -1.69 6.26 6.18
C GLN A 35 -1.45 6.69 4.74
N GLN A 36 -2.23 6.13 3.83
CA GLN A 36 -2.10 6.46 2.41
C GLN A 36 -3.44 6.38 1.70
N VAL A 37 -3.65 7.25 0.73
CA VAL A 37 -4.89 7.28 -0.03
C VAL A 37 -4.97 6.10 -1.00
N PHE A 38 -6.01 5.29 -0.85
CA PHE A 38 -6.19 4.12 -1.72
C PHE A 38 -7.61 4.09 -2.29
N HIS A 39 -7.76 3.49 -3.47
CA HIS A 39 -9.06 3.40 -4.12
C HIS A 39 -9.81 2.15 -3.67
N ILE A 40 -11.01 2.34 -3.15
CA ILE A 40 -11.83 1.23 -2.68
C ILE A 40 -11.71 0.02 -3.61
N SER A 41 -11.36 0.28 -4.87
CA SER A 41 -11.21 -0.77 -5.85
C SER A 41 -9.75 -1.23 -5.94
N CYS A 42 -8.86 -0.28 -6.19
CA CYS A 42 -7.44 -0.58 -6.31
C CYS A 42 -6.96 -1.40 -5.12
N PHE A 43 -7.49 -1.09 -3.94
CA PHE A 43 -7.11 -1.81 -2.72
C PHE A 43 -7.13 -3.32 -2.95
N ARG A 44 -5.99 -3.85 -3.38
CA ARG A 44 -5.87 -5.27 -3.63
C ARG A 44 -4.47 -5.78 -3.28
N CYS A 45 -4.29 -7.10 -3.33
CA CYS A 45 -3.00 -7.70 -3.01
C CYS A 45 -2.05 -7.61 -4.20
N SER A 46 -0.80 -7.26 -3.92
CA SER A 46 0.21 -7.13 -4.97
C SER A 46 0.79 -8.50 -5.34
N TYR A 47 0.04 -9.55 -5.02
CA TYR A 47 0.48 -10.91 -5.32
C TYR A 47 -0.57 -11.66 -6.12
N CYS A 48 -1.82 -11.56 -5.69
CA CYS A 48 -2.93 -12.22 -6.37
C CYS A 48 -3.88 -11.20 -7.00
N ASN A 49 -3.77 -9.95 -6.55
CA ASN A 49 -4.62 -8.89 -7.06
C ASN A 49 -6.09 -9.15 -6.71
N ASN A 50 -6.36 -9.35 -5.42
CA ASN A 50 -7.71 -9.61 -4.96
C ASN A 50 -8.26 -8.42 -4.18
N LYS A 51 -9.56 -8.18 -4.28
CA LYS A 51 -10.21 -7.08 -3.59
C LYS A 51 -10.07 -7.24 -2.08
N LEU A 52 -9.69 -6.15 -1.40
CA LEU A 52 -9.53 -6.17 0.04
C LEU A 52 -10.28 -5.02 0.69
N SER A 53 -10.11 -4.86 2.00
CA SER A 53 -10.77 -3.80 2.74
C SER A 53 -10.14 -3.63 4.12
N LEU A 54 -10.61 -2.61 4.85
CA LEU A 54 -10.09 -2.34 6.18
C LEU A 54 -10.46 -3.46 7.15
N GLY A 55 -9.67 -4.52 7.15
CA GLY A 55 -9.93 -5.65 8.04
C GLY A 55 -9.22 -6.91 7.60
N THR A 56 -8.94 -7.01 6.30
CA THR A 56 -8.26 -8.18 5.76
C THR A 56 -7.09 -7.77 4.86
N TYR A 57 -6.54 -6.58 5.12
CA TYR A 57 -5.42 -6.07 4.35
C TYR A 57 -4.15 -6.03 5.19
N ALA A 58 -3.01 -6.02 4.51
CA ALA A 58 -1.71 -5.98 5.19
C ALA A 58 -0.61 -5.55 4.25
N SER A 59 0.06 -4.44 4.60
CA SER A 59 1.14 -3.91 3.78
C SER A 59 2.48 -4.02 4.50
N LEU A 60 3.56 -4.00 3.73
CA LEU A 60 4.89 -4.10 4.30
C LEU A 60 5.76 -2.92 3.88
N HIS A 61 6.09 -2.86 2.59
CA HIS A 61 6.91 -1.78 2.05
C HIS A 61 6.10 -0.92 1.07
N GLY A 62 4.84 -0.68 1.41
CA GLY A 62 3.99 0.12 0.55
C GLY A 62 3.03 -0.72 -0.26
N ARG A 63 3.44 -1.94 -0.59
CA ARG A 63 2.62 -2.85 -1.37
C ARG A 63 1.66 -3.62 -0.47
N ILE A 64 0.37 -3.61 -0.82
CA ILE A 64 -0.64 -4.32 -0.04
C ILE A 64 -0.58 -5.82 -0.29
N TYR A 65 -0.99 -6.59 0.70
CA TYR A 65 -0.99 -8.05 0.59
C TYR A 65 -2.16 -8.65 1.35
N CYS A 66 -2.66 -9.79 0.86
CA CYS A 66 -3.77 -10.48 1.50
C CYS A 66 -3.29 -11.34 2.67
N LYS A 67 -4.05 -11.33 3.76
CA LYS A 67 -3.70 -12.11 4.94
C LYS A 67 -2.98 -13.39 4.55
N PRO A 68 -3.59 -14.18 3.66
CA PRO A 68 -3.02 -15.44 3.19
C PRO A 68 -1.55 -15.29 2.77
N HIS A 69 -1.31 -14.52 1.72
CA HIS A 69 0.04 -14.28 1.23
C HIS A 69 0.91 -13.64 2.30
N PHE A 70 0.34 -12.67 3.01
CA PHE A 70 1.06 -11.97 4.07
C PHE A 70 1.64 -12.95 5.08
N ASN A 71 0.76 -13.59 5.84
CA ASN A 71 1.19 -14.56 6.85
C ASN A 71 2.19 -15.55 6.27
N GLN A 72 2.22 -15.64 4.94
CA GLN A 72 3.12 -16.56 4.25
C GLN A 72 4.48 -15.89 4.02
N LEU A 73 4.51 -14.95 3.08
CA LEU A 73 5.75 -14.24 2.76
C LEU A 73 6.32 -13.55 3.99
N PHE A 74 5.44 -13.00 4.82
CA PHE A 74 5.85 -12.31 6.04
C PHE A 74 6.31 -13.31 7.09
N LYS A 75 5.41 -14.17 7.52
CA LYS A 75 5.73 -15.19 8.53
C LYS A 75 6.48 -16.37 7.91
N SER A 76 6.69 -17.41 8.70
CA SER A 76 7.39 -18.60 8.22
C SER A 76 8.89 -18.33 8.11
N LYS A 77 9.44 -17.67 9.12
CA LYS A 77 10.86 -17.36 9.13
C LYS A 77 11.52 -17.86 10.41
N GLY A 78 12.82 -18.12 10.34
CA GLY A 78 13.54 -18.61 11.51
C GLY A 78 13.06 -17.98 12.80
N ASN A 79 13.25 -18.69 13.90
CA ASN A 79 12.83 -18.19 15.21
C ASN A 79 13.16 -16.71 15.36
N TYR A 80 12.13 -15.87 15.29
CA TYR A 80 12.31 -14.43 15.42
C TYR A 80 11.10 -13.79 16.10
N ASP A 81 11.29 -12.58 16.60
CA ASP A 81 10.23 -11.85 17.30
C ASP A 81 9.71 -10.70 16.44
N GLU A 82 9.89 -10.83 15.12
CA GLU A 82 9.44 -9.79 14.19
C GLU A 82 8.53 -10.39 13.12
N GLY A 83 7.63 -11.27 13.54
CA GLY A 83 6.71 -11.89 12.62
C GLY A 83 5.65 -12.72 13.32
N PHE A 84 4.68 -12.05 13.93
CA PHE A 84 3.61 -12.72 14.64
C PHE A 84 2.45 -13.04 13.71
N GLY A 85 1.85 -14.21 13.89
CA GLY A 85 0.74 -14.62 13.05
C GLY A 85 -0.60 -14.15 13.59
N SER A 86 -1.36 -13.43 12.77
CA SER A 86 -2.65 -12.92 13.17
C SER A 86 -3.52 -12.59 11.95
N GLY A 87 -4.60 -13.34 11.78
CA GLY A 87 -5.49 -13.12 10.65
C GLY A 87 -6.73 -13.99 10.71
N PRO A 88 -7.89 -13.39 10.38
CA PRO A 88 -9.17 -14.10 10.40
C PRO A 88 -9.27 -15.13 9.27
N SER A 89 -9.85 -16.29 9.59
CA SER A 89 -10.01 -17.36 8.61
C SER A 89 -10.53 -16.82 7.29
N SER A 90 -9.80 -17.10 6.21
CA SER A 90 -10.20 -16.63 4.89
C SER A 90 -10.57 -17.81 3.99
N GLY A 91 -11.74 -17.73 3.37
CA GLY A 91 -12.19 -18.80 2.49
C GLY A 91 -13.37 -19.56 3.06
ZN ZN B . -6.58 3.93 -7.85
ZN ZN C . -2.42 -12.29 -2.22
N GLY A 1 4.40 22.64 -10.47
CA GLY A 1 5.23 23.66 -9.86
C GLY A 1 4.52 24.99 -9.71
N SER A 2 5.28 26.07 -9.66
CA SER A 2 4.72 27.40 -9.51
C SER A 2 3.64 27.65 -10.56
N SER A 3 2.42 27.88 -10.10
CA SER A 3 1.29 28.13 -11.00
C SER A 3 0.11 28.73 -10.25
N GLY A 4 -0.64 29.60 -10.92
CA GLY A 4 -1.78 30.23 -10.30
C GLY A 4 -3.07 29.93 -11.02
N SER A 5 -4.20 30.20 -10.36
CA SER A 5 -5.51 29.95 -10.94
C SER A 5 -6.46 31.12 -10.69
N SER A 6 -7.15 31.54 -11.74
CA SER A 6 -8.09 32.66 -11.63
C SER A 6 -9.31 32.26 -10.84
N GLY A 7 -9.73 33.12 -9.91
CA GLY A 7 -10.89 32.84 -9.09
C GLY A 7 -10.85 31.47 -8.47
N MET A 8 -11.97 31.03 -7.91
CA MET A 8 -12.05 29.72 -7.28
C MET A 8 -12.98 28.80 -8.06
N LYS A 9 -12.44 28.13 -9.08
CA LYS A 9 -13.22 27.22 -9.91
C LYS A 9 -12.88 25.77 -9.59
N PHE A 10 -11.59 25.44 -9.64
CA PHE A 10 -11.13 24.09 -9.36
C PHE A 10 -11.01 23.86 -7.85
N GLN A 11 -10.64 22.64 -7.48
CA GLN A 11 -10.48 22.29 -6.07
C GLN A 11 -9.57 23.30 -5.36
N ALA A 12 -10.13 23.99 -4.38
CA ALA A 12 -9.38 24.98 -3.62
C ALA A 12 -8.29 24.31 -2.78
N PRO A 13 -8.71 23.36 -1.92
CA PRO A 13 -7.78 22.63 -1.04
C PRO A 13 -6.88 21.68 -1.81
N ALA A 14 -5.81 21.22 -1.17
CA ALA A 14 -4.87 20.30 -1.80
C ALA A 14 -5.60 19.09 -2.36
N ARG A 15 -5.28 18.74 -3.60
CA ARG A 15 -5.90 17.59 -4.26
C ARG A 15 -5.16 16.30 -3.91
N GLU A 16 -5.92 15.23 -3.70
CA GLU A 16 -5.33 13.94 -3.35
C GLU A 16 -5.08 13.10 -4.61
N THR A 17 -4.42 11.96 -4.42
CA THR A 17 -4.11 11.07 -5.54
C THR A 17 -3.97 9.63 -5.07
N CYS A 18 -4.28 8.69 -5.96
CA CYS A 18 -4.18 7.27 -5.64
C CYS A 18 -2.74 6.79 -5.75
N VAL A 19 -2.26 6.15 -4.68
CA VAL A 19 -0.89 5.63 -4.66
C VAL A 19 -0.80 4.29 -5.39
N GLU A 20 -1.82 3.98 -6.18
CA GLU A 20 -1.85 2.74 -6.93
C GLU A 20 -1.86 3.01 -8.43
N CYS A 21 -2.85 3.79 -8.88
CA CYS A 21 -2.98 4.12 -10.29
C CYS A 21 -2.53 5.56 -10.56
N GLN A 22 -2.32 6.32 -9.48
CA GLN A 22 -1.88 7.70 -9.60
C GLN A 22 -2.97 8.56 -10.22
N LYS A 23 -4.19 8.42 -9.71
CA LYS A 23 -5.34 9.18 -10.21
C LYS A 23 -5.96 10.03 -9.11
N THR A 24 -6.53 11.16 -9.48
CA THR A 24 -7.16 12.06 -8.52
C THR A 24 -8.28 11.35 -7.77
N VAL A 25 -7.99 10.93 -6.54
CA VAL A 25 -8.97 10.25 -5.71
C VAL A 25 -10.04 11.21 -5.21
N TYR A 26 -11.30 10.87 -5.46
CA TYR A 26 -12.41 11.70 -5.04
C TYR A 26 -12.79 11.42 -3.58
N PRO A 27 -13.54 12.36 -2.98
CA PRO A 27 -13.98 12.23 -1.58
C PRO A 27 -15.02 11.14 -1.40
N MET A 28 -15.34 10.44 -2.49
CA MET A 28 -16.32 9.37 -2.45
C MET A 28 -15.64 8.00 -2.48
N GLU A 29 -14.47 7.95 -3.12
CA GLU A 29 -13.72 6.71 -3.23
C GLU A 29 -12.37 6.82 -2.53
N ARG A 30 -12.28 7.75 -1.59
CA ARG A 30 -11.04 7.96 -0.85
C ARG A 30 -10.94 6.99 0.33
N LEU A 31 -10.26 5.87 0.11
CA LEU A 31 -10.10 4.86 1.15
C LEU A 31 -8.72 4.97 1.80
N LEU A 32 -8.70 5.32 3.07
CA LEU A 32 -7.45 5.46 3.81
C LEU A 32 -6.87 4.10 4.15
N ALA A 33 -5.65 3.84 3.69
CA ALA A 33 -4.98 2.57 3.96
C ALA A 33 -3.48 2.77 4.14
N ASN A 34 -3.01 2.57 5.38
CA ASN A 34 -1.60 2.73 5.69
C ASN A 34 -1.18 4.19 5.61
N GLN A 35 -2.06 5.08 6.07
CA GLN A 35 -1.79 6.51 6.05
C GLN A 35 -1.56 7.00 4.62
N GLN A 36 -2.33 6.45 3.68
CA GLN A 36 -2.22 6.83 2.28
C GLN A 36 -3.56 6.69 1.57
N VAL A 37 -3.76 7.52 0.54
CA VAL A 37 -5.00 7.49 -0.22
C VAL A 37 -5.04 6.29 -1.16
N PHE A 38 -6.03 5.43 -0.98
CA PHE A 38 -6.18 4.24 -1.81
C PHE A 38 -7.59 4.13 -2.38
N HIS A 39 -7.71 3.55 -3.56
CA HIS A 39 -9.01 3.39 -4.21
C HIS A 39 -9.70 2.12 -3.73
N ILE A 40 -10.94 2.26 -3.28
CA ILE A 40 -11.71 1.13 -2.79
C ILE A 40 -11.54 -0.08 -3.71
N SER A 41 -11.15 0.18 -4.95
CA SER A 41 -10.95 -0.89 -5.92
C SER A 41 -9.48 -1.29 -6.00
N CYS A 42 -8.62 -0.30 -6.22
CA CYS A 42 -7.20 -0.53 -6.33
C CYS A 42 -6.67 -1.30 -5.11
N PHE A 43 -7.28 -1.04 -3.95
CA PHE A 43 -6.89 -1.70 -2.72
C PHE A 43 -6.93 -3.22 -2.88
N ARG A 44 -5.86 -3.78 -3.42
CA ARG A 44 -5.77 -5.22 -3.63
C ARG A 44 -4.37 -5.73 -3.33
N CYS A 45 -4.22 -7.05 -3.27
CA CYS A 45 -2.93 -7.66 -2.99
C CYS A 45 -1.98 -7.51 -4.17
N SER A 46 -0.71 -7.26 -3.88
CA SER A 46 0.30 -7.08 -4.92
C SER A 46 0.85 -8.43 -5.37
N TYR A 47 0.09 -9.49 -5.12
CA TYR A 47 0.51 -10.84 -5.50
C TYR A 47 -0.58 -11.53 -6.30
N CYS A 48 -1.79 -11.59 -5.74
CA CYS A 48 -2.91 -12.23 -6.41
C CYS A 48 -3.87 -11.19 -6.99
N ASN A 49 -3.66 -9.93 -6.61
CA ASN A 49 -4.49 -8.84 -7.10
C ASN A 49 -5.93 -9.00 -6.60
N ASN A 50 -6.07 -9.49 -5.38
CA ASN A 50 -7.40 -9.69 -4.79
C ASN A 50 -7.79 -8.50 -3.92
N LYS A 51 -9.06 -8.16 -3.94
CA LYS A 51 -9.58 -7.03 -3.16
C LYS A 51 -9.50 -7.34 -1.67
N LEU A 52 -9.36 -6.29 -0.86
CA LEU A 52 -9.28 -6.45 0.59
C LEU A 52 -10.14 -5.40 1.30
N SER A 53 -10.14 -5.46 2.63
CA SER A 53 -10.93 -4.53 3.43
C SER A 53 -10.14 -4.07 4.65
N LEU A 54 -10.41 -2.84 5.08
CA LEU A 54 -9.73 -2.28 6.24
C LEU A 54 -9.82 -3.22 7.44
N GLY A 55 -8.71 -3.89 7.74
CA GLY A 55 -8.68 -4.81 8.87
C GLY A 55 -8.02 -6.13 8.52
N THR A 56 -8.25 -6.60 7.29
CA THR A 56 -7.66 -7.86 6.84
C THR A 56 -6.41 -7.62 6.00
N TYR A 57 -6.45 -6.57 5.19
CA TYR A 57 -5.31 -6.23 4.34
C TYR A 57 -4.04 -6.09 5.16
N ALA A 58 -2.90 -6.28 4.50
CA ALA A 58 -1.60 -6.18 5.17
C ALA A 58 -0.57 -5.53 4.25
N SER A 59 -0.18 -4.30 4.58
CA SER A 59 0.80 -3.57 3.79
C SER A 59 2.20 -3.73 4.37
N LEU A 60 3.12 -4.22 3.55
CA LEU A 60 4.50 -4.43 3.98
C LEU A 60 5.43 -3.41 3.34
N HIS A 61 5.64 -2.29 4.02
CA HIS A 61 6.51 -1.23 3.52
C HIS A 61 5.85 -0.49 2.35
N GLY A 62 4.52 -0.52 2.32
CA GLY A 62 3.79 0.15 1.26
C GLY A 62 3.09 -0.82 0.34
N ARG A 63 3.68 -2.00 0.15
CA ARG A 63 3.10 -3.01 -0.72
C ARG A 63 1.94 -3.71 -0.02
N ILE A 64 0.77 -3.66 -0.65
CA ILE A 64 -0.42 -4.29 -0.09
C ILE A 64 -0.41 -5.80 -0.34
N TYR A 65 -0.82 -6.55 0.68
CA TYR A 65 -0.85 -8.01 0.58
C TYR A 65 -2.06 -8.58 1.34
N CYS A 66 -2.66 -9.60 0.76
CA CYS A 66 -3.83 -10.24 1.37
C CYS A 66 -3.43 -11.01 2.63
N LYS A 67 -4.43 -11.45 3.40
CA LYS A 67 -4.18 -12.20 4.62
C LYS A 67 -3.42 -13.49 4.32
N PRO A 68 -3.95 -14.29 3.38
CA PRO A 68 -3.34 -15.56 2.98
C PRO A 68 -1.85 -15.42 2.71
N HIS A 69 -1.50 -14.64 1.69
CA HIS A 69 -0.11 -14.43 1.32
C HIS A 69 0.66 -13.80 2.48
N PHE A 70 0.13 -12.72 3.03
CA PHE A 70 0.77 -12.02 4.14
C PHE A 70 1.18 -13.01 5.23
N ASN A 71 0.56 -14.18 5.22
CA ASN A 71 0.85 -15.21 6.21
C ASN A 71 2.00 -16.10 5.74
N GLN A 72 2.13 -16.23 4.42
CA GLN A 72 3.18 -17.07 3.85
C GLN A 72 4.45 -16.25 3.60
N LEU A 73 4.35 -15.27 2.70
CA LEU A 73 5.48 -14.42 2.37
C LEU A 73 6.16 -13.90 3.63
N PHE A 74 5.37 -13.78 4.71
CA PHE A 74 5.89 -13.28 5.98
C PHE A 74 6.15 -14.44 6.94
N LYS A 75 5.07 -15.08 7.38
CA LYS A 75 5.17 -16.21 8.30
C LYS A 75 5.44 -17.51 7.55
N SER A 76 6.30 -18.35 8.11
CA SER A 76 6.65 -19.63 7.49
C SER A 76 7.51 -20.47 8.43
N LYS A 77 7.63 -21.75 8.11
CA LYS A 77 8.42 -22.67 8.92
C LYS A 77 9.81 -22.09 9.19
N GLY A 78 10.42 -21.53 8.15
CA GLY A 78 11.75 -20.95 8.29
C GLY A 78 12.71 -21.88 9.01
N ASN A 79 13.41 -22.71 8.25
CA ASN A 79 14.37 -23.65 8.82
C ASN A 79 15.12 -24.40 7.72
N TYR A 80 16.45 -24.35 7.80
CA TYR A 80 17.28 -25.03 6.81
C TYR A 80 18.61 -25.46 7.43
N ASP A 81 19.36 -26.27 6.69
CA ASP A 81 20.65 -26.76 7.16
C ASP A 81 21.75 -26.47 6.14
N GLU A 82 21.52 -25.45 5.31
CA GLU A 82 22.48 -25.07 4.29
C GLU A 82 22.82 -23.59 4.39
N GLY A 83 23.64 -23.23 5.37
CA GLY A 83 24.03 -21.85 5.56
C GLY A 83 25.39 -21.70 6.19
N PHE A 84 26.36 -22.47 5.68
CA PHE A 84 27.72 -22.42 6.20
C PHE A 84 28.71 -22.04 5.11
N GLY A 85 29.44 -20.94 5.33
CA GLY A 85 30.42 -20.49 4.36
C GLY A 85 31.67 -19.93 5.01
N SER A 86 32.82 -20.49 4.64
CA SER A 86 34.09 -20.05 5.19
C SER A 86 34.21 -18.53 5.17
N GLY A 87 34.29 -17.92 6.35
CA GLY A 87 34.39 -16.48 6.44
C GLY A 87 35.35 -16.04 7.54
N PRO A 88 36.64 -16.36 7.36
CA PRO A 88 37.69 -16.00 8.32
C PRO A 88 37.96 -14.50 8.34
N SER A 89 38.24 -13.98 9.53
CA SER A 89 38.52 -12.55 9.70
C SER A 89 39.96 -12.33 10.16
N SER A 90 40.80 -11.86 9.25
CA SER A 90 42.20 -11.62 9.57
C SER A 90 42.33 -10.53 10.63
N GLY A 91 42.44 -10.96 11.89
CA GLY A 91 42.58 -10.02 12.99
C GLY A 91 43.90 -9.28 12.96
ZN ZN B . -6.57 3.98 -7.95
ZN ZN C . -2.38 -12.25 -2.25
N GLY A 1 24.37 30.31 -26.93
CA GLY A 1 23.34 29.31 -27.13
C GLY A 1 23.17 28.41 -25.92
N SER A 2 22.39 28.86 -24.94
CA SER A 2 22.15 28.09 -23.73
C SER A 2 20.67 27.77 -23.57
N SER A 3 20.38 26.74 -22.79
CA SER A 3 19.00 26.31 -22.56
C SER A 3 18.93 25.22 -21.48
N GLY A 4 17.77 25.10 -20.86
CA GLY A 4 17.60 24.10 -19.82
C GLY A 4 16.19 24.09 -19.24
N SER A 5 15.42 23.08 -19.60
CA SER A 5 14.04 22.97 -19.12
C SER A 5 13.98 23.11 -17.60
N SER A 6 13.14 24.02 -17.13
CA SER A 6 12.99 24.26 -15.70
C SER A 6 11.61 24.82 -15.38
N GLY A 7 10.86 24.09 -14.56
CA GLY A 7 9.52 24.53 -14.18
C GLY A 7 8.66 23.39 -13.69
N MET A 8 8.69 23.15 -12.38
CA MET A 8 7.89 22.08 -11.78
C MET A 8 7.01 22.62 -10.66
N LYS A 9 5.86 21.99 -10.48
CA LYS A 9 4.92 22.41 -9.44
C LYS A 9 3.87 21.33 -9.19
N PHE A 10 3.33 21.30 -7.97
CA PHE A 10 2.32 20.32 -7.61
C PHE A 10 0.97 21.00 -7.38
N GLN A 11 -0.09 20.19 -7.35
CA GLN A 11 -1.44 20.71 -7.14
C GLN A 11 -1.45 21.76 -6.04
N ALA A 12 -1.95 22.95 -6.38
CA ALA A 12 -2.01 24.05 -5.43
C ALA A 12 -2.65 23.60 -4.11
N PRO A 13 -3.89 23.07 -4.21
CA PRO A 13 -4.63 22.59 -3.04
C PRO A 13 -4.02 21.32 -2.44
N ALA A 14 -2.96 20.84 -3.07
CA ALA A 14 -2.28 19.64 -2.60
C ALA A 14 -3.25 18.48 -2.43
N ARG A 15 -4.16 18.34 -3.40
CA ARG A 15 -5.16 17.27 -3.35
C ARG A 15 -4.50 15.91 -3.20
N GLU A 16 -5.31 14.88 -2.98
CA GLU A 16 -4.80 13.53 -2.80
C GLU A 16 -4.75 12.79 -4.14
N THR A 17 -4.14 11.61 -4.13
CA THR A 17 -4.03 10.81 -5.34
C THR A 17 -3.82 9.33 -5.00
N CYS A 18 -4.37 8.46 -5.84
CA CYS A 18 -4.25 7.01 -5.62
C CYS A 18 -2.80 6.56 -5.81
N VAL A 19 -2.29 5.85 -4.81
CA VAL A 19 -0.91 5.36 -4.86
C VAL A 19 -0.84 4.03 -5.62
N GLU A 20 -1.90 3.72 -6.35
CA GLU A 20 -1.95 2.48 -7.13
C GLU A 20 -2.01 2.77 -8.63
N CYS A 21 -3.03 3.53 -9.02
CA CYS A 21 -3.22 3.88 -10.43
C CYS A 21 -2.74 5.31 -10.70
N GLN A 22 -2.49 6.06 -9.63
CA GLN A 22 -2.03 7.43 -9.75
C GLN A 22 -3.11 8.31 -10.36
N LYS A 23 -4.32 8.24 -9.80
CA LYS A 23 -5.44 9.03 -10.29
C LYS A 23 -6.07 9.83 -9.15
N THR A 24 -6.34 11.11 -9.41
CA THR A 24 -6.95 11.98 -8.41
C THR A 24 -8.08 11.27 -7.68
N VAL A 25 -7.85 10.93 -6.42
CA VAL A 25 -8.85 10.26 -5.60
C VAL A 25 -9.90 11.23 -5.10
N TYR A 26 -11.15 10.97 -5.42
CA TYR A 26 -12.25 11.84 -4.99
C TYR A 26 -12.65 11.54 -3.55
N PRO A 27 -13.37 12.49 -2.93
CA PRO A 27 -13.82 12.37 -1.55
C PRO A 27 -14.91 11.31 -1.39
N MET A 28 -15.25 10.65 -2.49
CA MET A 28 -16.28 9.62 -2.48
C MET A 28 -15.66 8.23 -2.56
N GLU A 29 -14.46 8.15 -3.13
CA GLU A 29 -13.75 6.89 -3.28
C GLU A 29 -12.41 6.92 -2.55
N ARG A 30 -12.30 7.82 -1.58
CA ARG A 30 -11.06 7.96 -0.81
C ARG A 30 -11.01 6.95 0.33
N LEU A 31 -10.18 5.93 0.17
CA LEU A 31 -10.04 4.89 1.19
C LEU A 31 -8.63 4.90 1.78
N LEU A 32 -8.53 5.40 3.02
CA LEU A 32 -7.24 5.47 3.70
C LEU A 32 -6.72 4.07 4.02
N ALA A 33 -5.48 3.80 3.64
CA ALA A 33 -4.86 2.50 3.89
C ALA A 33 -3.36 2.64 4.10
N ASN A 34 -2.91 2.38 5.32
CA ASN A 34 -1.50 2.48 5.65
C ASN A 34 -1.01 3.91 5.53
N GLN A 35 -1.85 4.86 5.92
CA GLN A 35 -1.50 6.27 5.85
C GLN A 35 -1.31 6.71 4.40
N GLN A 36 -2.12 6.16 3.50
CA GLN A 36 -2.04 6.50 2.09
C GLN A 36 -3.41 6.42 1.43
N VAL A 37 -3.63 7.26 0.42
CA VAL A 37 -4.90 7.28 -0.29
C VAL A 37 -5.01 6.10 -1.25
N PHE A 38 -6.03 5.28 -1.06
CA PHE A 38 -6.24 4.11 -1.91
C PHE A 38 -7.67 4.08 -2.44
N HIS A 39 -7.85 3.50 -3.62
CA HIS A 39 -9.18 3.40 -4.23
C HIS A 39 -9.91 2.16 -3.74
N ILE A 40 -11.10 2.35 -3.20
CA ILE A 40 -11.91 1.25 -2.69
C ILE A 40 -11.82 0.04 -3.62
N SER A 41 -11.52 0.29 -4.89
CA SER A 41 -11.41 -0.77 -5.87
C SER A 41 -9.96 -1.24 -6.00
N CYS A 42 -9.07 -0.31 -6.28
CA CYS A 42 -7.65 -0.62 -6.43
C CYS A 42 -7.14 -1.45 -5.25
N PHE A 43 -7.60 -1.10 -4.05
CA PHE A 43 -7.20 -1.81 -2.84
C PHE A 43 -7.19 -3.32 -3.08
N ARG A 44 -6.00 -3.86 -3.33
CA ARG A 44 -5.85 -5.29 -3.58
C ARG A 44 -4.45 -5.76 -3.19
N CYS A 45 -4.25 -7.07 -3.20
CA CYS A 45 -2.96 -7.66 -2.87
C CYS A 45 -1.95 -7.46 -4.00
N SER A 46 -0.71 -7.20 -3.65
CA SER A 46 0.35 -7.00 -4.64
C SER A 46 0.92 -8.33 -5.10
N TYR A 47 0.11 -9.38 -5.01
CA TYR A 47 0.53 -10.71 -5.43
C TYR A 47 -0.53 -11.38 -6.29
N CYS A 48 -1.76 -11.42 -5.77
CA CYS A 48 -2.87 -12.03 -6.49
C CYS A 48 -3.79 -10.97 -7.08
N ASN A 49 -3.78 -9.78 -6.48
CA ASN A 49 -4.61 -8.68 -6.94
C ASN A 49 -6.07 -8.91 -6.58
N ASN A 50 -6.32 -9.33 -5.35
CA ASN A 50 -7.67 -9.60 -4.88
C ASN A 50 -8.19 -8.45 -4.04
N LYS A 51 -9.49 -8.19 -4.13
CA LYS A 51 -10.12 -7.11 -3.38
C LYS A 51 -9.95 -7.33 -1.88
N LEU A 52 -9.61 -6.27 -1.16
CA LEU A 52 -9.43 -6.35 0.29
C LEU A 52 -10.22 -5.26 0.99
N SER A 53 -10.12 -5.23 2.32
CA SER A 53 -10.84 -4.24 3.12
C SER A 53 -10.07 -3.91 4.39
N LEU A 54 -10.39 -2.76 4.99
CA LEU A 54 -9.73 -2.33 6.21
C LEU A 54 -9.84 -3.38 7.30
N GLY A 55 -8.79 -4.19 7.46
CA GLY A 55 -8.79 -5.23 8.47
C GLY A 55 -8.26 -6.54 7.94
N THR A 56 -8.61 -6.87 6.71
CA THR A 56 -8.16 -8.11 6.09
C THR A 56 -6.97 -7.87 5.17
N TYR A 57 -6.45 -6.66 5.20
CA TYR A 57 -5.32 -6.30 4.35
C TYR A 57 -4.07 -6.05 5.20
N ALA A 58 -2.92 -6.47 4.68
CA ALA A 58 -1.65 -6.29 5.39
C ALA A 58 -0.64 -5.55 4.52
N SER A 59 -0.44 -4.27 4.83
CA SER A 59 0.49 -3.44 4.07
C SER A 59 1.90 -3.55 4.65
N LEU A 60 2.87 -3.85 3.80
CA LEU A 60 4.25 -3.98 4.22
C LEU A 60 5.16 -3.04 3.44
N HIS A 61 5.47 -1.89 4.04
CA HIS A 61 6.33 -0.90 3.39
C HIS A 61 5.57 -0.16 2.29
N GLY A 62 4.25 -0.12 2.41
CA GLY A 62 3.44 0.55 1.41
C GLY A 62 2.76 -0.42 0.47
N ARG A 63 3.32 -1.62 0.33
CA ARG A 63 2.77 -2.63 -0.55
C ARG A 63 1.66 -3.41 0.16
N ILE A 64 0.52 -3.53 -0.51
CA ILE A 64 -0.62 -4.25 0.04
C ILE A 64 -0.50 -5.75 -0.21
N TYR A 65 -1.00 -6.54 0.74
CA TYR A 65 -0.94 -7.99 0.61
C TYR A 65 -2.12 -8.64 1.34
N CYS A 66 -2.57 -9.77 0.82
CA CYS A 66 -3.69 -10.50 1.42
C CYS A 66 -3.22 -11.38 2.57
N LYS A 67 -3.95 -11.37 3.67
CA LYS A 67 -3.61 -12.17 4.84
C LYS A 67 -2.89 -13.45 4.42
N PRO A 68 -3.52 -14.23 3.52
CA PRO A 68 -2.95 -15.47 3.02
C PRO A 68 -1.49 -15.32 2.60
N HIS A 69 -1.28 -14.58 1.52
CA HIS A 69 0.07 -14.35 1.00
C HIS A 69 0.95 -13.70 2.07
N PHE A 70 0.41 -12.70 2.75
CA PHE A 70 1.15 -11.99 3.79
C PHE A 70 1.74 -12.97 4.80
N ASN A 71 0.88 -13.70 5.51
CA ASN A 71 1.32 -14.67 6.49
C ASN A 71 2.16 -15.76 5.85
N GLN A 72 2.07 -15.87 4.52
CA GLN A 72 2.84 -16.87 3.78
C GLN A 72 4.27 -16.41 3.56
N LEU A 73 4.43 -15.26 2.93
CA LEU A 73 5.76 -14.72 2.65
C LEU A 73 6.37 -14.14 3.92
N PHE A 74 5.55 -13.51 4.74
CA PHE A 74 6.02 -12.91 6.00
C PHE A 74 6.34 -13.99 7.02
N LYS A 75 5.30 -14.62 7.54
CA LYS A 75 5.46 -15.68 8.54
C LYS A 75 5.92 -16.98 7.89
N SER A 76 6.69 -17.77 8.62
CA SER A 76 7.19 -19.04 8.11
C SER A 76 7.84 -19.86 9.23
N LYS A 77 7.77 -21.18 9.10
CA LYS A 77 8.35 -22.07 10.09
C LYS A 77 9.81 -21.73 10.35
N GLY A 78 10.13 -21.40 11.59
CA GLY A 78 11.50 -21.06 11.95
C GLY A 78 12.45 -22.22 11.78
N ASN A 79 13.45 -22.05 10.92
CA ASN A 79 14.43 -23.10 10.67
C ASN A 79 15.52 -23.10 11.74
N TYR A 80 16.12 -24.26 11.96
CA TYR A 80 17.17 -24.40 12.97
C TYR A 80 18.25 -25.38 12.49
N ASP A 81 19.46 -25.17 12.98
CA ASP A 81 20.58 -26.04 12.62
C ASP A 81 20.66 -26.22 11.11
N GLU A 82 20.12 -25.26 10.37
CA GLU A 82 20.13 -25.31 8.91
C GLU A 82 21.13 -24.31 8.33
N GLY A 83 22.29 -24.21 8.98
CA GLY A 83 23.31 -23.29 8.51
C GLY A 83 24.58 -23.39 9.32
N PHE A 84 24.44 -23.54 10.64
CA PHE A 84 25.60 -23.65 11.52
C PHE A 84 26.03 -25.10 11.68
N GLY A 85 27.32 -25.35 11.43
CA GLY A 85 27.84 -26.71 11.55
C GLY A 85 29.35 -26.74 11.55
N SER A 86 29.92 -27.67 12.31
CA SER A 86 31.37 -27.80 12.41
C SER A 86 31.96 -28.26 11.08
N GLY A 87 33.18 -27.81 10.79
CA GLY A 87 33.84 -28.19 9.55
C GLY A 87 35.34 -28.25 9.70
N PRO A 88 36.04 -28.40 8.55
CA PRO A 88 37.50 -28.48 8.53
C PRO A 88 38.15 -27.14 8.87
N SER A 89 39.06 -27.17 9.84
CA SER A 89 39.77 -25.96 10.27
C SER A 89 40.14 -25.10 9.06
N SER A 90 39.79 -23.82 9.12
CA SER A 90 40.08 -22.89 8.03
C SER A 90 41.58 -22.81 7.78
N GLY A 91 41.96 -22.58 6.53
CA GLY A 91 43.36 -22.48 6.18
C GLY A 91 43.57 -22.08 4.74
ZN ZN B . -6.79 3.88 -8.00
ZN ZN C . -2.35 -12.26 -2.36
N GLY A 1 23.08 38.10 -7.70
CA GLY A 1 22.18 36.96 -7.63
C GLY A 1 22.00 36.28 -8.98
N SER A 2 21.78 34.97 -8.95
CA SER A 2 21.60 34.21 -10.18
C SER A 2 20.19 33.64 -10.27
N SER A 3 19.43 34.11 -11.25
CA SER A 3 18.06 33.65 -11.45
C SER A 3 18.03 32.25 -12.03
N GLY A 4 17.87 31.25 -11.16
CA GLY A 4 17.83 29.87 -11.61
C GLY A 4 16.42 29.41 -11.94
N SER A 5 16.10 28.17 -11.58
CA SER A 5 14.79 27.61 -11.85
C SER A 5 14.58 26.31 -11.09
N SER A 6 13.65 26.32 -10.15
CA SER A 6 13.36 25.13 -9.34
C SER A 6 12.09 25.33 -8.52
N GLY A 7 11.14 24.40 -8.67
CA GLY A 7 9.90 24.49 -7.93
C GLY A 7 9.20 23.15 -7.81
N MET A 8 9.22 22.60 -6.61
CA MET A 8 8.58 21.30 -6.36
C MET A 8 7.11 21.33 -6.75
N LYS A 9 6.52 20.15 -6.95
CA LYS A 9 5.11 20.06 -7.32
C LYS A 9 4.23 19.93 -6.08
N PHE A 10 3.88 21.06 -5.49
CA PHE A 10 3.04 21.07 -4.30
C PHE A 10 1.60 21.43 -4.66
N GLN A 11 0.66 20.65 -4.16
CA GLN A 11 -0.76 20.87 -4.42
C GLN A 11 -1.32 21.93 -3.48
N ALA A 12 -1.65 23.10 -4.03
CA ALA A 12 -2.20 24.18 -3.22
C ALA A 12 -3.42 23.73 -2.43
N PRO A 13 -4.45 23.25 -3.14
CA PRO A 13 -5.68 22.76 -2.51
C PRO A 13 -5.47 21.45 -1.74
N ALA A 14 -4.23 21.00 -1.68
CA ALA A 14 -3.89 19.77 -0.97
C ALA A 14 -4.71 18.60 -1.52
N ARG A 15 -4.69 18.43 -2.83
CA ARG A 15 -5.42 17.34 -3.47
C ARG A 15 -4.78 16.00 -3.17
N GLU A 16 -5.60 14.97 -3.06
CA GLU A 16 -5.10 13.62 -2.78
C GLU A 16 -4.96 12.81 -4.06
N THR A 17 -4.14 11.77 -4.01
CA THR A 17 -3.91 10.91 -5.17
C THR A 17 -3.73 9.46 -4.76
N CYS A 18 -4.18 8.54 -5.62
CA CYS A 18 -4.07 7.12 -5.34
C CYS A 18 -2.61 6.67 -5.34
N VAL A 19 -2.25 5.85 -4.36
CA VAL A 19 -0.88 5.35 -4.25
C VAL A 19 -0.72 4.02 -4.99
N GLU A 20 -1.70 3.70 -5.83
CA GLU A 20 -1.66 2.46 -6.60
C GLU A 20 -1.61 2.75 -8.10
N CYS A 21 -2.58 3.51 -8.59
CA CYS A 21 -2.64 3.85 -10.00
C CYS A 21 -2.15 5.27 -10.24
N GLN A 22 -2.01 6.03 -9.15
CA GLN A 22 -1.54 7.41 -9.24
C GLN A 22 -2.57 8.29 -9.96
N LYS A 23 -3.81 8.20 -9.53
CA LYS A 23 -4.89 9.00 -10.12
C LYS A 23 -5.61 9.83 -9.07
N THR A 24 -5.80 11.10 -9.36
CA THR A 24 -6.49 12.01 -8.44
C THR A 24 -7.68 11.32 -7.78
N VAL A 25 -7.52 10.96 -6.52
CA VAL A 25 -8.58 10.30 -5.77
C VAL A 25 -9.66 11.29 -5.36
N TYR A 26 -10.91 10.97 -5.71
CA TYR A 26 -12.04 11.83 -5.38
C TYR A 26 -12.54 11.57 -3.96
N PRO A 27 -13.28 12.54 -3.41
CA PRO A 27 -13.84 12.43 -2.06
C PRO A 27 -14.95 11.40 -1.97
N MET A 28 -15.19 10.70 -3.07
CA MET A 28 -16.24 9.68 -3.11
C MET A 28 -15.62 8.27 -3.13
N GLU A 29 -14.36 8.19 -3.57
CA GLU A 29 -13.67 6.91 -3.63
C GLU A 29 -12.37 6.96 -2.84
N ARG A 30 -12.29 7.89 -1.89
CA ARG A 30 -11.11 8.04 -1.06
C ARG A 30 -11.15 7.07 0.11
N LEU A 31 -10.32 6.02 0.04
CA LEU A 31 -10.26 5.03 1.10
C LEU A 31 -8.90 5.05 1.80
N LEU A 32 -8.91 5.47 3.07
CA LEU A 32 -7.68 5.54 3.85
C LEU A 32 -7.23 4.15 4.30
N ALA A 33 -6.00 3.79 3.94
CA ALA A 33 -5.46 2.49 4.31
C ALA A 33 -3.95 2.59 4.56
N ASN A 34 -3.56 2.41 5.83
CA ASN A 34 -2.15 2.47 6.20
C ASN A 34 -1.62 3.90 6.10
N GLN A 35 -2.46 4.87 6.45
CA GLN A 35 -2.10 6.28 6.40
C GLN A 35 -1.75 6.69 4.97
N GLN A 36 -2.51 6.18 4.01
CA GLN A 36 -2.30 6.49 2.61
C GLN A 36 -3.61 6.44 1.83
N VAL A 37 -3.69 7.24 0.77
CA VAL A 37 -4.89 7.28 -0.06
C VAL A 37 -4.95 6.08 -1.00
N PHE A 38 -6.03 5.31 -0.90
CA PHE A 38 -6.21 4.13 -1.73
C PHE A 38 -7.61 4.11 -2.35
N HIS A 39 -7.71 3.52 -3.54
CA HIS A 39 -8.99 3.44 -4.24
C HIS A 39 -9.77 2.20 -3.79
N ILE A 40 -10.99 2.42 -3.33
CA ILE A 40 -11.84 1.32 -2.87
C ILE A 40 -11.68 0.08 -3.76
N SER A 41 -11.29 0.32 -5.01
CA SER A 41 -11.10 -0.77 -5.96
C SER A 41 -9.64 -1.23 -5.99
N CYS A 42 -8.73 -0.28 -6.21
CA CYS A 42 -7.31 -0.60 -6.25
C CYS A 42 -6.89 -1.42 -5.03
N PHE A 43 -7.44 -1.07 -3.88
CA PHE A 43 -7.12 -1.77 -2.64
C PHE A 43 -7.21 -3.27 -2.83
N ARG A 44 -6.10 -3.88 -3.26
CA ARG A 44 -6.05 -5.31 -3.48
C ARG A 44 -4.64 -5.85 -3.27
N CYS A 45 -4.53 -7.14 -2.99
CA CYS A 45 -3.24 -7.78 -2.77
C CYS A 45 -2.36 -7.65 -4.00
N SER A 46 -1.08 -7.37 -3.79
CA SER A 46 -0.13 -7.23 -4.88
C SER A 46 0.35 -8.59 -5.37
N TYR A 47 -0.38 -9.64 -5.02
CA TYR A 47 -0.03 -10.99 -5.42
C TYR A 47 -1.19 -11.67 -6.15
N CYS A 48 -2.34 -11.74 -5.50
CA CYS A 48 -3.52 -12.37 -6.09
C CYS A 48 -4.44 -11.30 -6.70
N ASN A 49 -4.24 -10.05 -6.30
CA ASN A 49 -5.05 -8.95 -6.80
C ASN A 49 -6.51 -9.13 -6.43
N ASN A 50 -6.76 -9.54 -5.19
CA ASN A 50 -8.12 -9.76 -4.72
C ASN A 50 -8.61 -8.57 -3.90
N LYS A 51 -9.91 -8.31 -3.97
CA LYS A 51 -10.51 -7.20 -3.23
C LYS A 51 -10.40 -7.43 -1.72
N LEU A 52 -9.89 -6.42 -1.02
CA LEU A 52 -9.74 -6.52 0.43
C LEU A 52 -10.47 -5.37 1.13
N SER A 53 -10.43 -5.38 2.46
CA SER A 53 -11.08 -4.34 3.25
C SER A 53 -10.14 -3.79 4.31
N LEU A 54 -10.67 -2.90 5.15
CA LEU A 54 -9.88 -2.29 6.21
C LEU A 54 -9.69 -3.26 7.38
N GLY A 55 -9.34 -4.50 7.05
CA GLY A 55 -9.14 -5.51 8.08
C GLY A 55 -8.40 -6.73 7.55
N THR A 56 -8.63 -7.06 6.29
CA THR A 56 -7.99 -8.21 5.67
C THR A 56 -6.73 -7.80 4.92
N TYR A 57 -6.55 -6.49 4.72
CA TYR A 57 -5.39 -5.98 4.03
C TYR A 57 -4.15 -6.06 4.90
N ALA A 58 -2.98 -5.89 4.27
CA ALA A 58 -1.71 -5.94 5.00
C ALA A 58 -0.59 -5.28 4.20
N SER A 59 -0.11 -4.15 4.71
CA SER A 59 0.96 -3.41 4.04
C SER A 59 2.31 -3.68 4.71
N LEU A 60 3.37 -3.66 3.91
CA LEU A 60 4.72 -3.90 4.43
C LEU A 60 5.61 -2.68 4.21
N HIS A 61 5.92 -2.39 2.95
CA HIS A 61 6.76 -1.25 2.61
C HIS A 61 6.00 -0.25 1.75
N GLY A 62 4.95 -0.73 1.08
CA GLY A 62 4.15 0.14 0.23
C GLY A 62 3.05 -0.60 -0.49
N ARG A 63 3.29 -1.88 -0.79
CA ARG A 63 2.32 -2.71 -1.48
C ARG A 63 1.44 -3.46 -0.48
N ILE A 64 0.18 -3.67 -0.87
CA ILE A 64 -0.77 -4.38 -0.01
C ILE A 64 -0.71 -5.88 -0.24
N TYR A 65 -1.12 -6.65 0.76
CA TYR A 65 -1.12 -8.10 0.66
C TYR A 65 -2.22 -8.72 1.52
N CYS A 66 -2.71 -9.88 1.10
CA CYS A 66 -3.77 -10.56 1.83
C CYS A 66 -3.19 -11.42 2.96
N LYS A 67 -3.85 -11.40 4.11
CA LYS A 67 -3.40 -12.18 5.26
C LYS A 67 -2.69 -13.45 4.81
N PRO A 68 -3.37 -14.26 3.99
CA PRO A 68 -2.82 -15.51 3.48
C PRO A 68 -1.41 -15.35 2.92
N HIS A 69 -1.30 -14.61 1.82
CA HIS A 69 -0.01 -14.36 1.19
C HIS A 69 0.96 -13.68 2.16
N PHE A 70 0.47 -12.64 2.84
CA PHE A 70 1.28 -11.90 3.79
C PHE A 70 2.00 -12.85 4.74
N ASN A 71 1.23 -13.58 5.54
CA ASN A 71 1.79 -14.53 6.50
C ASN A 71 2.72 -15.51 5.81
N GLN A 72 2.50 -15.72 4.52
CA GLN A 72 3.32 -16.63 3.73
C GLN A 72 4.67 -16.00 3.39
N LEU A 73 4.64 -14.96 2.58
CA LEU A 73 5.86 -14.26 2.16
C LEU A 73 6.55 -13.63 3.37
N PHE A 74 5.75 -13.20 4.34
CA PHE A 74 6.28 -12.57 5.53
C PHE A 74 6.75 -13.62 6.55
N LYS A 75 5.80 -14.40 7.05
CA LYS A 75 6.10 -15.45 8.02
C LYS A 75 6.56 -16.72 7.32
N SER A 76 7.14 -17.63 8.09
CA SER A 76 7.63 -18.90 7.54
C SER A 76 7.71 -19.97 8.62
N LYS A 77 7.54 -21.22 8.22
CA LYS A 77 7.60 -22.33 9.16
C LYS A 77 9.01 -22.92 9.23
N GLY A 78 9.68 -22.68 10.34
CA GLY A 78 11.03 -23.18 10.53
C GLY A 78 12.01 -22.59 9.53
N ASN A 79 12.23 -23.30 8.43
CA ASN A 79 13.15 -22.84 7.39
C ASN A 79 14.31 -22.05 8.01
N TYR A 80 14.90 -22.60 9.06
CA TYR A 80 16.01 -21.97 9.74
C TYR A 80 17.24 -21.94 8.85
N ASP A 81 18.26 -21.20 9.28
CA ASP A 81 19.51 -21.09 8.52
C ASP A 81 20.17 -22.46 8.38
N GLU A 82 20.02 -23.06 7.21
CA GLU A 82 20.60 -24.37 6.94
C GLU A 82 22.08 -24.24 6.57
N GLY A 83 22.79 -23.37 7.28
CA GLY A 83 24.20 -23.17 7.01
C GLY A 83 24.91 -22.41 8.11
N PHE A 84 25.19 -23.10 9.21
CA PHE A 84 25.87 -22.47 10.35
C PHE A 84 27.18 -21.84 9.91
N GLY A 85 27.38 -20.59 10.31
CA GLY A 85 28.60 -19.88 9.96
C GLY A 85 29.69 -20.05 11.00
N SER A 86 30.71 -19.21 10.91
CA SER A 86 31.84 -19.28 11.85
C SER A 86 31.88 -18.05 12.74
N GLY A 87 31.09 -18.07 13.81
CA GLY A 87 31.05 -16.94 14.72
C GLY A 87 32.40 -16.67 15.37
N PRO A 88 32.59 -17.22 16.59
CA PRO A 88 33.83 -17.05 17.34
C PRO A 88 35.00 -17.80 16.70
N SER A 89 36.18 -17.20 16.77
CA SER A 89 37.38 -17.81 16.19
C SER A 89 38.07 -18.71 17.21
N SER A 90 38.77 -19.73 16.72
CA SER A 90 39.47 -20.67 17.58
C SER A 90 40.87 -20.17 17.90
N GLY A 91 41.25 -20.25 19.17
CA GLY A 91 42.56 -19.80 19.59
C GLY A 91 43.68 -20.46 18.82
ZN ZN B . -6.34 3.88 -7.83
ZN ZN C . -2.72 -12.35 -1.98
N GLY A 1 30.74 6.98 -4.06
CA GLY A 1 29.44 7.55 -3.71
C GLY A 1 28.66 7.98 -4.94
N SER A 2 28.18 7.01 -5.70
CA SER A 2 27.40 7.29 -6.90
C SER A 2 25.92 6.98 -6.68
N SER A 3 25.16 8.00 -6.31
CA SER A 3 23.73 7.83 -6.07
C SER A 3 23.02 9.19 -6.03
N GLY A 4 21.83 9.24 -6.62
CA GLY A 4 21.07 10.48 -6.65
C GLY A 4 19.58 10.25 -6.53
N SER A 5 19.11 10.10 -5.29
CA SER A 5 17.69 9.87 -5.04
C SER A 5 17.13 10.89 -4.06
N SER A 6 15.81 11.05 -4.06
CA SER A 6 15.16 12.00 -3.17
C SER A 6 13.81 11.47 -2.71
N GLY A 7 13.72 11.10 -1.43
CA GLY A 7 12.47 10.58 -0.90
C GLY A 7 11.52 11.68 -0.47
N MET A 8 10.91 12.35 -1.46
CA MET A 8 9.97 13.42 -1.18
C MET A 8 8.89 13.50 -2.26
N LYS A 9 7.65 13.20 -1.88
CA LYS A 9 6.54 13.22 -2.81
C LYS A 9 5.21 13.28 -2.07
N PHE A 10 4.25 14.01 -2.62
CA PHE A 10 2.93 14.14 -2.01
C PHE A 10 1.84 14.17 -3.08
N GLN A 11 0.61 13.89 -2.66
CA GLN A 11 -0.52 13.90 -3.58
C GLN A 11 -0.53 15.16 -4.44
N ALA A 12 -1.35 15.15 -5.48
CA ALA A 12 -1.45 16.29 -6.39
C ALA A 12 -1.50 17.60 -5.61
N PRO A 13 -1.40 18.72 -6.33
CA PRO A 13 -1.43 20.06 -5.72
C PRO A 13 -2.82 20.41 -5.20
N ALA A 14 -2.96 20.46 -3.88
CA ALA A 14 -4.24 20.79 -3.26
C ALA A 14 -5.29 19.72 -3.55
N ARG A 15 -4.90 18.45 -3.37
CA ARG A 15 -5.81 17.34 -3.62
C ARG A 15 -5.12 16.01 -3.34
N GLU A 16 -5.92 14.95 -3.24
CA GLU A 16 -5.38 13.62 -2.97
C GLU A 16 -5.32 12.80 -4.25
N THR A 17 -4.38 11.84 -4.29
CA THR A 17 -4.21 10.99 -5.45
C THR A 17 -4.02 9.53 -5.04
N CYS A 18 -4.43 8.62 -5.91
CA CYS A 18 -4.30 7.19 -5.64
C CYS A 18 -2.85 6.74 -5.76
N VAL A 19 -2.39 5.94 -4.81
CA VAL A 19 -1.02 5.44 -4.82
C VAL A 19 -0.92 4.13 -5.58
N GLU A 20 -1.96 3.82 -6.36
CA GLU A 20 -1.99 2.59 -7.15
C GLU A 20 -2.08 2.90 -8.63
N CYS A 21 -3.09 3.67 -9.02
CA CYS A 21 -3.29 4.04 -10.41
C CYS A 21 -2.82 5.47 -10.67
N GLN A 22 -2.57 6.21 -9.59
CA GLN A 22 -2.12 7.59 -9.70
C GLN A 22 -3.22 8.47 -10.29
N LYS A 23 -4.41 8.40 -9.71
CA LYS A 23 -5.54 9.20 -10.18
C LYS A 23 -6.15 10.00 -9.03
N THR A 24 -6.49 11.26 -9.31
CA THR A 24 -7.08 12.13 -8.31
C THR A 24 -8.22 11.42 -7.56
N VAL A 25 -7.94 11.00 -6.33
CA VAL A 25 -8.92 10.31 -5.51
C VAL A 25 -9.96 11.29 -4.97
N TYR A 26 -11.23 10.98 -5.17
CA TYR A 26 -12.31 11.83 -4.70
C TYR A 26 -12.64 11.53 -3.24
N PRO A 27 -13.35 12.47 -2.59
CA PRO A 27 -13.75 12.33 -1.18
C PRO A 27 -14.81 11.27 -0.99
N MET A 28 -15.15 10.57 -2.07
CA MET A 28 -16.15 9.51 -2.02
C MET A 28 -15.51 8.13 -2.14
N GLU A 29 -14.33 8.09 -2.77
CA GLU A 29 -13.61 6.83 -2.95
C GLU A 29 -12.22 6.91 -2.31
N ARG A 30 -12.09 7.75 -1.29
CA ARG A 30 -10.82 7.91 -0.60
C ARG A 30 -10.70 6.93 0.56
N LEU A 31 -10.04 5.80 0.32
CA LEU A 31 -9.86 4.77 1.34
C LEU A 31 -8.45 4.85 1.92
N LEU A 32 -8.36 5.18 3.20
CA LEU A 32 -7.08 5.27 3.89
C LEU A 32 -6.49 3.89 4.14
N ALA A 33 -5.27 3.68 3.67
CA ALA A 33 -4.59 2.39 3.86
C ALA A 33 -3.09 2.59 4.05
N ASN A 34 -2.62 2.33 5.27
CA ASN A 34 -1.19 2.48 5.57
C ASN A 34 -0.74 3.92 5.39
N GLN A 35 -1.50 4.85 5.97
CA GLN A 35 -1.17 6.27 5.87
C GLN A 35 -1.03 6.69 4.41
N GLN A 36 -1.88 6.14 3.55
CA GLN A 36 -1.85 6.46 2.13
C GLN A 36 -3.24 6.37 1.51
N VAL A 37 -3.49 7.20 0.50
CA VAL A 37 -4.79 7.21 -0.17
C VAL A 37 -4.90 6.05 -1.16
N PHE A 38 -5.92 5.22 -0.96
CA PHE A 38 -6.14 4.07 -1.82
C PHE A 38 -7.58 4.04 -2.33
N HIS A 39 -7.77 3.47 -3.51
CA HIS A 39 -9.10 3.38 -4.11
C HIS A 39 -9.83 2.12 -3.64
N ILE A 40 -11.03 2.31 -3.10
CA ILE A 40 -11.82 1.18 -2.61
C ILE A 40 -11.73 -0.01 -3.56
N SER A 41 -11.40 0.26 -4.82
CA SER A 41 -11.29 -0.78 -5.82
C SER A 41 -9.83 -1.23 -5.98
N CYS A 42 -8.95 -0.27 -6.23
CA CYS A 42 -7.53 -0.56 -6.39
C CYS A 42 -7.01 -1.41 -5.23
N PHE A 43 -7.50 -1.11 -4.03
CA PHE A 43 -7.08 -1.84 -2.84
C PHE A 43 -7.07 -3.34 -3.09
N ARG A 44 -5.91 -3.87 -3.46
CA ARG A 44 -5.77 -5.28 -3.74
C ARG A 44 -4.37 -5.79 -3.36
N CYS A 45 -4.21 -7.10 -3.33
CA CYS A 45 -2.93 -7.70 -2.97
C CYS A 45 -1.94 -7.60 -4.13
N SER A 46 -0.70 -7.22 -3.81
CA SER A 46 0.33 -7.08 -4.83
C SER A 46 0.90 -8.44 -5.22
N TYR A 47 0.15 -9.50 -4.92
CA TYR A 47 0.57 -10.85 -5.24
C TYR A 47 -0.47 -11.57 -6.09
N CYS A 48 -1.71 -11.57 -5.62
CA CYS A 48 -2.80 -12.22 -6.33
C CYS A 48 -3.71 -11.18 -6.99
N ASN A 49 -3.61 -9.94 -6.53
CA ASN A 49 -4.42 -8.86 -7.08
C ASN A 49 -5.90 -9.08 -6.79
N ASN A 50 -6.21 -9.38 -5.54
CA ASN A 50 -7.59 -9.62 -5.12
C ASN A 50 -8.13 -8.44 -4.32
N LYS A 51 -9.43 -8.19 -4.44
CA LYS A 51 -10.08 -7.11 -3.73
C LYS A 51 -9.92 -7.28 -2.21
N LEU A 52 -9.62 -6.18 -1.53
CA LEU A 52 -9.46 -6.21 -0.09
C LEU A 52 -10.19 -5.05 0.58
N SER A 53 -10.02 -4.91 1.89
CA SER A 53 -10.68 -3.85 2.64
C SER A 53 -9.93 -3.55 3.93
N LEU A 54 -10.46 -2.63 4.73
CA LEU A 54 -9.84 -2.25 5.99
C LEU A 54 -10.11 -3.31 7.07
N GLY A 55 -10.00 -4.58 6.69
CA GLY A 55 -10.24 -5.65 7.63
C GLY A 55 -9.45 -6.90 7.30
N THR A 56 -9.19 -7.12 6.01
CA THR A 56 -8.44 -8.27 5.56
C THR A 56 -7.24 -7.87 4.71
N TYR A 57 -6.68 -6.69 5.01
CA TYR A 57 -5.53 -6.19 4.27
C TYR A 57 -4.29 -6.16 5.15
N ALA A 58 -3.13 -6.03 4.52
CA ALA A 58 -1.86 -6.00 5.24
C ALA A 58 -0.73 -5.55 4.34
N SER A 59 -0.07 -4.45 4.73
CA SER A 59 1.03 -3.90 3.95
C SER A 59 2.35 -4.00 4.71
N LEU A 60 3.45 -4.00 3.98
CA LEU A 60 4.77 -4.10 4.59
C LEU A 60 5.65 -2.92 4.18
N HIS A 61 6.00 -2.88 2.90
CA HIS A 61 6.84 -1.81 2.38
C HIS A 61 6.06 -0.95 1.38
N GLY A 62 4.81 -0.66 1.72
CA GLY A 62 3.98 0.15 0.85
C GLY A 62 3.04 -0.69 -0.01
N ARG A 63 3.48 -1.89 -0.35
CA ARG A 63 2.67 -2.79 -1.17
C ARG A 63 1.69 -3.57 -0.31
N ILE A 64 0.42 -3.56 -0.71
CA ILE A 64 -0.62 -4.28 0.02
C ILE A 64 -0.53 -5.78 -0.21
N TYR A 65 -1.10 -6.54 0.71
CA TYR A 65 -1.08 -8.00 0.61
C TYR A 65 -2.25 -8.62 1.35
N CYS A 66 -2.68 -9.80 0.91
CA CYS A 66 -3.80 -10.50 1.52
C CYS A 66 -3.33 -11.35 2.70
N LYS A 67 -4.11 -11.35 3.77
CA LYS A 67 -3.77 -12.13 4.96
C LYS A 67 -3.03 -13.41 4.58
N PRO A 68 -3.62 -14.19 3.68
CA PRO A 68 -3.03 -15.45 3.21
C PRO A 68 -1.56 -15.29 2.82
N HIS A 69 -1.31 -14.52 1.77
CA HIS A 69 0.05 -14.29 1.30
C HIS A 69 0.89 -13.62 2.37
N PHE A 70 0.30 -12.66 3.07
CA PHE A 70 1.00 -11.95 4.13
C PHE A 70 1.57 -12.92 5.16
N ASN A 71 0.69 -13.57 5.92
CA ASN A 71 1.10 -14.52 6.93
C ASN A 71 2.09 -15.54 6.35
N GLN A 72 2.08 -15.67 5.04
CA GLN A 72 2.97 -16.61 4.36
C GLN A 72 4.35 -16.00 4.16
N LEU A 73 4.45 -15.02 3.27
CA LEU A 73 5.71 -14.36 2.99
C LEU A 73 6.26 -13.68 4.24
N PHE A 74 5.37 -13.18 5.08
CA PHE A 74 5.76 -12.51 6.31
C PHE A 74 6.15 -13.53 7.38
N LYS A 75 5.18 -14.32 7.81
CA LYS A 75 5.42 -15.33 8.83
C LYS A 75 6.09 -16.57 8.23
N SER A 76 6.53 -17.48 9.09
CA SER A 76 7.19 -18.69 8.65
C SER A 76 7.11 -19.78 9.71
N LYS A 77 6.31 -20.81 9.43
CA LYS A 77 6.13 -21.92 10.37
C LYS A 77 7.43 -22.23 11.08
N GLY A 78 8.48 -22.52 10.31
CA GLY A 78 9.77 -22.84 10.89
C GLY A 78 10.64 -21.61 11.08
N ASN A 79 11.91 -21.82 11.40
CA ASN A 79 12.84 -20.73 11.62
C ASN A 79 12.38 -19.82 12.75
N TYR A 80 11.88 -20.44 13.82
CA TYR A 80 11.40 -19.69 14.97
C TYR A 80 12.31 -18.50 15.27
N ASP A 81 11.72 -17.42 15.76
CA ASP A 81 12.49 -16.22 16.10
C ASP A 81 12.12 -15.72 17.49
N GLU A 82 12.86 -14.71 17.96
CA GLU A 82 12.61 -14.14 19.28
C GLU A 82 11.47 -13.13 19.23
N GLY A 83 10.40 -13.49 18.52
CA GLY A 83 9.26 -12.60 18.40
C GLY A 83 7.96 -13.36 18.22
N PHE A 84 7.49 -13.99 19.28
CA PHE A 84 6.24 -14.75 19.24
C PHE A 84 5.37 -14.45 20.45
N GLY A 85 4.08 -14.25 20.21
CA GLY A 85 3.16 -13.96 21.29
C GLY A 85 1.77 -13.62 20.79
N SER A 86 0.76 -14.17 21.45
CA SER A 86 -0.63 -13.93 21.06
C SER A 86 -1.47 -13.53 22.28
N GLY A 87 -1.70 -12.23 22.43
CA GLY A 87 -2.49 -11.74 23.55
C GLY A 87 -3.73 -12.57 23.79
N PRO A 88 -3.86 -13.14 25.00
CA PRO A 88 -5.00 -13.96 25.38
C PRO A 88 -6.29 -13.15 25.52
N SER A 89 -7.22 -13.38 24.60
CA SER A 89 -8.50 -12.67 24.62
C SER A 89 -9.36 -13.12 25.80
N SER A 90 -10.39 -12.35 26.09
CA SER A 90 -11.30 -12.67 27.19
C SER A 90 -12.67 -12.05 26.97
N GLY A 91 -13.64 -12.47 27.77
CA GLY A 91 -14.99 -11.95 27.64
C GLY A 91 -15.31 -10.89 28.67
ZN ZN B . -6.79 3.96 -7.91
ZN ZN C . -2.38 -12.27 -2.18
N GLY A 1 26.77 19.52 -14.60
CA GLY A 1 25.67 20.37 -15.01
C GLY A 1 24.35 19.96 -14.37
N SER A 2 24.06 20.54 -13.22
CA SER A 2 22.83 20.22 -12.50
C SER A 2 21.71 21.18 -12.90
N SER A 3 21.01 20.84 -13.97
CA SER A 3 19.91 21.67 -14.47
C SER A 3 18.62 20.87 -14.53
N GLY A 4 17.51 21.57 -14.75
CA GLY A 4 16.21 20.91 -14.83
C GLY A 4 15.14 21.65 -14.07
N SER A 5 14.32 22.41 -14.79
CA SER A 5 13.25 23.18 -14.17
C SER A 5 12.05 22.29 -13.84
N SER A 6 11.84 22.04 -12.55
CA SER A 6 10.75 21.20 -12.10
C SER A 6 9.47 22.02 -11.94
N GLY A 7 9.59 23.18 -11.31
CA GLY A 7 8.45 24.03 -11.09
C GLY A 7 7.36 23.36 -10.27
N MET A 8 7.16 23.85 -9.05
CA MET A 8 6.15 23.29 -8.17
C MET A 8 4.76 23.82 -8.52
N LYS A 9 4.47 23.88 -9.81
CA LYS A 9 3.17 24.37 -10.28
C LYS A 9 2.14 23.25 -10.27
N PHE A 10 1.33 23.20 -9.21
CA PHE A 10 0.30 22.19 -9.08
C PHE A 10 -0.97 22.76 -8.47
N GLN A 11 -2.00 21.94 -8.36
CA GLN A 11 -3.27 22.37 -7.78
C GLN A 11 -3.05 23.14 -6.49
N ALA A 12 -3.40 24.42 -6.49
CA ALA A 12 -3.24 25.26 -5.30
C ALA A 12 -3.60 24.49 -4.03
N PRO A 13 -4.85 24.03 -3.95
CA PRO A 13 -5.34 23.28 -2.79
C PRO A 13 -4.72 21.88 -2.71
N ALA A 14 -4.59 21.38 -1.48
CA ALA A 14 -4.00 20.06 -1.26
C ALA A 14 -4.86 18.98 -1.92
N ARG A 15 -4.42 18.51 -3.08
CA ARG A 15 -5.15 17.47 -3.81
C ARG A 15 -4.57 16.09 -3.51
N GLU A 16 -5.44 15.12 -3.30
CA GLU A 16 -5.02 13.76 -3.00
C GLU A 16 -4.85 12.96 -4.28
N THR A 17 -4.23 11.79 -4.16
CA THR A 17 -4.00 10.92 -5.32
C THR A 17 -3.88 9.45 -4.88
N CYS A 18 -4.24 8.56 -5.79
CA CYS A 18 -4.16 7.12 -5.51
C CYS A 18 -2.73 6.62 -5.60
N VAL A 19 -2.32 5.82 -4.62
CA VAL A 19 -0.97 5.27 -4.60
C VAL A 19 -0.91 3.92 -5.33
N GLU A 20 -1.92 3.66 -6.16
CA GLU A 20 -1.98 2.42 -6.91
C GLU A 20 -2.01 2.69 -8.41
N CYS A 21 -2.88 3.60 -8.83
CA CYS A 21 -3.01 3.96 -10.23
C CYS A 21 -2.52 5.38 -10.48
N GLN A 22 -2.32 6.13 -9.41
CA GLN A 22 -1.85 7.51 -9.52
C GLN A 22 -2.93 8.40 -10.13
N LYS A 23 -4.13 8.34 -9.57
CA LYS A 23 -5.24 9.15 -10.06
C LYS A 23 -5.89 9.94 -8.93
N THR A 24 -6.15 11.21 -9.19
CA THR A 24 -6.77 12.08 -8.18
C THR A 24 -7.95 11.39 -7.52
N VAL A 25 -7.73 10.91 -6.30
CA VAL A 25 -8.78 10.23 -5.54
C VAL A 25 -9.86 11.22 -5.08
N TYR A 26 -11.10 10.90 -5.40
CA TYR A 26 -12.23 11.75 -5.03
C TYR A 26 -12.65 11.50 -3.57
N PRO A 27 -13.38 12.46 -2.99
CA PRO A 27 -13.86 12.36 -1.61
C PRO A 27 -14.94 11.31 -1.44
N MET A 28 -15.25 10.61 -2.54
CA MET A 28 -16.27 9.56 -2.50
C MET A 28 -15.63 8.18 -2.54
N GLU A 29 -14.48 8.08 -3.21
CA GLU A 29 -13.76 6.80 -3.31
C GLU A 29 -12.44 6.86 -2.57
N ARG A 30 -12.36 7.77 -1.60
CA ARG A 30 -11.14 7.92 -0.81
C ARG A 30 -11.10 6.91 0.34
N LEU A 31 -10.35 5.84 0.16
CA LEU A 31 -10.23 4.81 1.18
C LEU A 31 -8.86 4.86 1.85
N LEU A 32 -8.84 5.32 3.10
CA LEU A 32 -7.59 5.42 3.85
C LEU A 32 -7.07 4.03 4.21
N ALA A 33 -5.84 3.75 3.82
CA ALA A 33 -5.21 2.46 4.10
C ALA A 33 -3.71 2.62 4.33
N ASN A 34 -3.29 2.39 5.57
CA ASN A 34 -1.87 2.51 5.92
C ASN A 34 -1.39 3.95 5.79
N GLN A 35 -2.24 4.88 6.22
CA GLN A 35 -1.90 6.31 6.15
C GLN A 35 -1.64 6.73 4.71
N GLN A 36 -2.39 6.16 3.77
CA GLN A 36 -2.24 6.48 2.37
C GLN A 36 -3.59 6.39 1.64
N VAL A 37 -3.76 7.23 0.63
CA VAL A 37 -4.99 7.27 -0.14
C VAL A 37 -5.07 6.08 -1.10
N PHE A 38 -6.09 5.25 -0.92
CA PHE A 38 -6.28 4.08 -1.78
C PHE A 38 -7.69 4.03 -2.35
N HIS A 39 -7.82 3.47 -3.54
CA HIS A 39 -9.12 3.37 -4.20
C HIS A 39 -9.86 2.11 -3.75
N ILE A 40 -11.09 2.29 -3.28
CA ILE A 40 -11.90 1.18 -2.82
C ILE A 40 -11.77 -0.02 -3.76
N SER A 41 -11.38 0.24 -5.00
CA SER A 41 -11.22 -0.81 -5.99
C SER A 41 -9.77 -1.26 -6.08
N CYS A 42 -8.87 -0.30 -6.27
CA CYS A 42 -7.45 -0.59 -6.38
C CYS A 42 -6.98 -1.42 -5.18
N PHE A 43 -7.50 -1.10 -4.01
CA PHE A 43 -7.13 -1.81 -2.79
C PHE A 43 -7.15 -3.31 -3.01
N ARG A 44 -6.00 -3.86 -3.41
CA ARG A 44 -5.88 -5.29 -3.66
C ARG A 44 -4.49 -5.80 -3.30
N CYS A 45 -4.29 -7.11 -3.43
CA CYS A 45 -3.00 -7.71 -3.12
C CYS A 45 -2.03 -7.57 -4.29
N SER A 46 -0.78 -7.24 -3.98
CA SER A 46 0.24 -7.06 -5.00
C SER A 46 0.78 -8.40 -5.47
N TYR A 47 0.06 -9.47 -5.15
CA TYR A 47 0.46 -10.82 -5.54
C TYR A 47 -0.62 -11.50 -6.36
N CYS A 48 -1.84 -11.55 -5.81
CA CYS A 48 -2.95 -12.18 -6.50
C CYS A 48 -3.90 -11.12 -7.07
N ASN A 49 -3.82 -9.91 -6.53
CA ASN A 49 -4.66 -8.82 -6.98
C ASN A 49 -6.13 -9.06 -6.62
N ASN A 50 -6.36 -9.44 -5.36
CA ASN A 50 -7.71 -9.70 -4.88
C ASN A 50 -8.22 -8.56 -4.01
N LYS A 51 -9.49 -8.23 -4.16
CA LYS A 51 -10.10 -7.15 -3.40
C LYS A 51 -9.88 -7.36 -1.91
N LEU A 52 -9.75 -6.26 -1.17
CA LEU A 52 -9.52 -6.31 0.27
C LEU A 52 -10.29 -5.20 0.98
N SER A 53 -10.34 -5.28 2.31
CA SER A 53 -11.04 -4.28 3.10
C SER A 53 -10.25 -3.93 4.36
N LEU A 54 -10.53 -2.77 4.92
CA LEU A 54 -9.85 -2.31 6.14
C LEU A 54 -9.99 -3.34 7.26
N GLY A 55 -8.93 -4.10 7.50
CA GLY A 55 -8.95 -5.11 8.54
C GLY A 55 -8.26 -6.39 8.14
N THR A 56 -8.38 -6.75 6.87
CA THR A 56 -7.75 -7.97 6.35
C THR A 56 -6.44 -7.64 5.64
N TYR A 57 -6.45 -6.59 4.84
CA TYR A 57 -5.26 -6.19 4.10
C TYR A 57 -4.03 -6.18 5.00
N ALA A 58 -2.86 -6.05 4.39
CA ALA A 58 -1.62 -6.02 5.15
C ALA A 58 -0.46 -5.53 4.28
N SER A 59 0.08 -4.36 4.62
CA SER A 59 1.19 -3.78 3.87
C SER A 59 2.50 -3.95 4.62
N LEU A 60 3.60 -3.97 3.87
CA LEU A 60 4.93 -4.13 4.45
C LEU A 60 5.84 -2.98 4.07
N HIS A 61 6.11 -2.84 2.78
CA HIS A 61 6.97 -1.77 2.29
C HIS A 61 6.20 -0.85 1.34
N GLY A 62 4.92 -0.64 1.64
CA GLY A 62 4.09 0.22 0.81
C GLY A 62 3.10 -0.56 -0.03
N ARG A 63 3.47 -1.79 -0.38
CA ARG A 63 2.61 -2.63 -1.19
C ARG A 63 1.65 -3.43 -0.32
N ILE A 64 0.41 -3.56 -0.76
CA ILE A 64 -0.60 -4.30 -0.01
C ILE A 64 -0.47 -5.80 -0.25
N TYR A 65 -1.06 -6.59 0.65
CA TYR A 65 -1.01 -8.05 0.53
C TYR A 65 -2.16 -8.69 1.30
N CYS A 66 -2.73 -9.74 0.73
CA CYS A 66 -3.83 -10.45 1.36
C CYS A 66 -3.34 -11.29 2.52
N LYS A 67 -4.16 -11.39 3.57
CA LYS A 67 -3.82 -12.17 4.75
C LYS A 67 -3.07 -13.44 4.36
N PRO A 68 -3.66 -14.20 3.42
CA PRO A 68 -3.07 -15.46 2.94
C PRO A 68 -1.59 -15.30 2.59
N HIS A 69 -1.31 -14.53 1.56
CA HIS A 69 0.06 -14.30 1.11
C HIS A 69 0.89 -13.68 2.23
N PHE A 70 0.32 -12.68 2.90
CA PHE A 70 1.01 -12.00 4.00
C PHE A 70 1.54 -13.01 5.01
N ASN A 71 0.62 -13.64 5.74
CA ASN A 71 0.99 -14.63 6.75
C ASN A 71 1.96 -15.65 6.18
N GLN A 72 2.04 -15.71 4.85
CA GLN A 72 2.93 -16.64 4.18
C GLN A 72 4.32 -16.05 3.99
N LEU A 73 4.42 -15.06 3.12
CA LEU A 73 5.70 -14.40 2.85
C LEU A 73 6.24 -13.73 4.12
N PHE A 74 5.34 -13.11 4.89
CA PHE A 74 5.73 -12.44 6.11
C PHE A 74 6.16 -13.45 7.18
N LYS A 75 5.26 -14.38 7.50
CA LYS A 75 5.54 -15.40 8.50
C LYS A 75 6.46 -16.47 7.93
N SER A 76 6.86 -17.42 8.78
CA SER A 76 7.74 -18.51 8.37
C SER A 76 7.61 -19.69 9.31
N LYS A 77 7.94 -20.88 8.80
CA LYS A 77 7.86 -22.10 9.60
C LYS A 77 8.89 -22.07 10.73
N GLY A 78 8.42 -22.23 11.96
CA GLY A 78 9.29 -22.22 13.11
C GLY A 78 8.73 -21.44 14.27
N ASN A 79 9.61 -20.96 15.15
CA ASN A 79 9.19 -20.20 16.32
C ASN A 79 10.05 -18.95 16.49
N TYR A 80 9.43 -17.79 16.34
CA TYR A 80 10.13 -16.52 16.48
C TYR A 80 9.25 -15.47 17.15
N ASP A 81 9.88 -14.45 17.73
CA ASP A 81 9.15 -13.39 18.41
C ASP A 81 7.87 -13.04 17.65
N GLU A 82 6.81 -12.75 18.39
CA GLU A 82 5.53 -12.41 17.78
C GLU A 82 4.99 -11.11 18.36
N GLY A 83 5.87 -10.14 18.55
CA GLY A 83 5.47 -8.86 19.10
C GLY A 83 4.88 -7.93 18.05
N PHE A 84 4.02 -8.48 17.20
CA PHE A 84 3.40 -7.70 16.14
C PHE A 84 1.87 -7.79 16.23
N GLY A 85 1.21 -6.64 16.20
CA GLY A 85 -0.24 -6.60 16.28
C GLY A 85 -0.88 -6.25 14.96
N SER A 86 -1.99 -6.90 14.64
CA SER A 86 -2.71 -6.64 13.39
C SER A 86 -4.18 -6.37 13.66
N GLY A 87 -4.86 -5.82 12.66
CA GLY A 87 -6.28 -5.51 12.80
C GLY A 87 -7.09 -6.72 13.25
N PRO A 88 -8.29 -6.47 13.77
CA PRO A 88 -9.19 -7.53 14.25
C PRO A 88 -9.75 -8.37 13.10
N SER A 89 -10.11 -9.62 13.41
CA SER A 89 -10.65 -10.53 12.41
C SER A 89 -11.87 -9.91 11.73
N SER A 90 -11.73 -9.67 10.43
CA SER A 90 -12.81 -9.08 9.65
C SER A 90 -14.12 -9.85 9.86
N GLY A 91 -15.20 -9.34 9.26
CA GLY A 91 -16.49 -10.00 9.40
C GLY A 91 -17.64 -9.01 9.39
ZN ZN B . -6.62 3.93 -7.88
ZN ZN C . -2.46 -12.29 -2.34
N GLY A 1 14.95 -4.17 -27.29
CA GLY A 1 13.61 -4.06 -26.74
C GLY A 1 13.62 -3.70 -25.28
N SER A 2 14.15 -2.52 -24.97
CA SER A 2 14.22 -2.05 -23.58
C SER A 2 13.09 -1.07 -23.29
N SER A 3 12.02 -1.58 -22.67
CA SER A 3 10.87 -0.75 -22.32
C SER A 3 10.70 -0.66 -20.81
N GLY A 4 10.34 0.52 -20.33
CA GLY A 4 10.15 0.73 -18.91
C GLY A 4 9.67 2.13 -18.58
N SER A 5 8.63 2.23 -17.75
CA SER A 5 8.08 3.52 -17.37
C SER A 5 8.64 3.96 -16.02
N SER A 6 8.75 5.28 -15.84
CA SER A 6 9.27 5.83 -14.60
C SER A 6 8.75 7.25 -14.38
N GLY A 7 8.45 7.58 -13.12
CA GLY A 7 7.95 8.90 -12.79
C GLY A 7 7.19 8.92 -11.48
N MET A 8 7.46 9.93 -10.66
CA MET A 8 6.80 10.06 -9.36
C MET A 8 6.08 11.40 -9.26
N LYS A 9 4.89 11.47 -9.84
CA LYS A 9 4.09 12.69 -9.81
C LYS A 9 3.21 12.73 -8.57
N PHE A 10 3.62 13.54 -7.59
CA PHE A 10 2.86 13.67 -6.35
C PHE A 10 1.91 14.87 -6.42
N GLN A 11 0.86 14.82 -5.61
CA GLN A 11 -0.13 15.90 -5.58
C GLN A 11 0.52 17.22 -5.21
N ALA A 12 1.20 17.83 -6.18
CA ALA A 12 1.87 19.11 -5.96
C ALA A 12 0.98 20.06 -5.17
N PRO A 13 -0.21 20.36 -5.72
CA PRO A 13 -1.17 21.26 -5.09
C PRO A 13 -1.79 20.66 -3.84
N ALA A 14 -2.89 21.24 -3.38
CA ALA A 14 -3.59 20.76 -2.19
C ALA A 14 -4.65 19.73 -2.56
N ARG A 15 -4.22 18.56 -3.00
CA ARG A 15 -5.14 17.50 -3.39
C ARG A 15 -4.54 16.12 -3.10
N GLU A 16 -5.39 15.10 -3.09
CA GLU A 16 -4.94 13.75 -2.82
C GLU A 16 -4.75 12.97 -4.12
N THR A 17 -4.25 11.74 -4.01
CA THR A 17 -4.01 10.90 -5.17
C THR A 17 -3.85 9.44 -4.77
N CYS A 18 -4.18 8.53 -5.69
CA CYS A 18 -4.08 7.10 -5.44
C CYS A 18 -2.63 6.63 -5.56
N VAL A 19 -2.13 6.00 -4.50
CA VAL A 19 -0.76 5.50 -4.49
C VAL A 19 -0.65 4.18 -5.24
N GLU A 20 -1.69 3.85 -6.00
CA GLU A 20 -1.71 2.62 -6.77
C GLU A 20 -1.73 2.90 -8.26
N CYS A 21 -2.74 3.64 -8.71
CA CYS A 21 -2.88 3.99 -10.12
C CYS A 21 -2.40 5.42 -10.37
N GLN A 22 -2.22 6.16 -9.30
CA GLN A 22 -1.77 7.55 -9.40
C GLN A 22 -2.84 8.42 -10.05
N LYS A 23 -4.06 8.33 -9.53
CA LYS A 23 -5.18 9.11 -10.05
C LYS A 23 -5.85 9.90 -8.93
N THR A 24 -6.10 11.18 -9.19
CA THR A 24 -6.75 12.05 -8.21
C THR A 24 -7.94 11.35 -7.56
N VAL A 25 -7.76 10.91 -6.32
CA VAL A 25 -8.83 10.23 -5.59
C VAL A 25 -9.91 11.22 -5.16
N TYR A 26 -11.15 10.88 -5.45
CA TYR A 26 -12.29 11.73 -5.08
C TYR A 26 -12.73 11.46 -3.66
N PRO A 27 -13.50 12.41 -3.09
CA PRO A 27 -14.01 12.29 -1.72
C PRO A 27 -15.09 11.22 -1.59
N MET A 28 -15.32 10.50 -2.68
CA MET A 28 -16.32 9.43 -2.70
C MET A 28 -15.66 8.06 -2.71
N GLU A 29 -14.50 7.97 -3.37
CA GLU A 29 -13.78 6.71 -3.47
C GLU A 29 -12.45 6.79 -2.71
N ARG A 30 -12.39 7.71 -1.75
CA ARG A 30 -11.18 7.89 -0.94
C ARG A 30 -11.16 6.93 0.24
N LEU A 31 -10.34 5.89 0.13
CA LEU A 31 -10.22 4.89 1.19
C LEU A 31 -8.85 4.95 1.85
N LEU A 32 -8.81 5.44 3.07
CA LEU A 32 -7.56 5.55 3.82
C LEU A 32 -7.01 4.17 4.17
N ALA A 33 -5.76 3.92 3.81
CA ALA A 33 -5.12 2.65 4.10
C ALA A 33 -3.63 2.83 4.36
N ASN A 34 -3.21 2.54 5.58
CA ASN A 34 -1.81 2.66 5.97
C ASN A 34 -1.34 4.11 5.85
N GLN A 35 -2.20 5.04 6.26
CA GLN A 35 -1.87 6.46 6.21
C GLN A 35 -1.64 6.90 4.77
N GLN A 36 -2.43 6.36 3.85
CA GLN A 36 -2.30 6.70 2.44
C GLN A 36 -3.65 6.59 1.73
N VAL A 37 -3.82 7.38 0.68
CA VAL A 37 -5.07 7.37 -0.09
C VAL A 37 -5.11 6.19 -1.04
N PHE A 38 -6.11 5.33 -0.87
CA PHE A 38 -6.27 4.16 -1.72
C PHE A 38 -7.68 4.10 -2.32
N HIS A 39 -7.79 3.49 -3.50
CA HIS A 39 -9.08 3.36 -4.17
C HIS A 39 -9.80 2.10 -3.73
N ILE A 40 -11.02 2.26 -3.22
CA ILE A 40 -11.81 1.14 -2.76
C ILE A 40 -11.65 -0.06 -3.68
N SER A 41 -11.31 0.20 -4.93
CA SER A 41 -11.12 -0.86 -5.92
C SER A 41 -9.66 -1.29 -5.98
N CYS A 42 -8.77 -0.32 -6.21
CA CYS A 42 -7.34 -0.59 -6.29
C CYS A 42 -6.88 -1.40 -5.08
N PHE A 43 -7.40 -1.07 -3.92
CA PHE A 43 -7.03 -1.76 -2.68
C PHE A 43 -7.09 -3.27 -2.88
N ARG A 44 -5.98 -3.85 -3.32
CA ARG A 44 -5.91 -5.30 -3.55
C ARG A 44 -4.50 -5.81 -3.29
N CYS A 45 -4.39 -7.13 -3.08
CA CYS A 45 -3.10 -7.75 -2.81
C CYS A 45 -2.18 -7.65 -4.03
N SER A 46 -0.91 -7.37 -3.78
CA SER A 46 0.06 -7.24 -4.86
C SER A 46 0.61 -8.61 -5.26
N TYR A 47 -0.19 -9.64 -5.05
CA TYR A 47 0.20 -11.00 -5.39
C TYR A 47 -0.89 -11.72 -6.18
N CYS A 48 -2.09 -11.79 -5.59
CA CYS A 48 -3.21 -12.44 -6.24
C CYS A 48 -4.12 -11.41 -6.91
N ASN A 49 -4.10 -10.18 -6.40
CA ASN A 49 -4.92 -9.11 -6.95
C ASN A 49 -6.39 -9.28 -6.56
N ASN A 50 -6.62 -9.69 -5.31
CA ASN A 50 -7.98 -9.91 -4.82
C ASN A 50 -8.45 -8.69 -4.02
N LYS A 51 -9.73 -8.38 -4.14
CA LYS A 51 -10.32 -7.25 -3.43
C LYS A 51 -10.20 -7.43 -1.92
N LEU A 52 -9.80 -6.38 -1.23
CA LEU A 52 -9.65 -6.43 0.22
C LEU A 52 -10.43 -5.30 0.89
N SER A 53 -10.44 -5.30 2.22
CA SER A 53 -11.14 -4.27 2.98
C SER A 53 -10.41 -3.95 4.27
N LEU A 54 -10.68 -2.78 4.83
CA LEU A 54 -10.05 -2.34 6.07
C LEU A 54 -10.14 -3.43 7.13
N GLY A 55 -9.06 -4.19 7.29
CA GLY A 55 -9.04 -5.26 8.28
C GLY A 55 -8.40 -6.52 7.76
N THR A 56 -8.59 -6.79 6.46
CA THR A 56 -8.02 -7.98 5.84
C THR A 56 -6.71 -7.66 5.14
N TYR A 57 -6.60 -6.44 4.63
CA TYR A 57 -5.40 -6.01 3.93
C TYR A 57 -4.18 -6.04 4.86
N ALA A 58 -2.99 -5.96 4.27
CA ALA A 58 -1.76 -6.00 5.05
C ALA A 58 -0.59 -5.47 4.22
N SER A 59 -0.07 -4.30 4.62
CA SER A 59 1.05 -3.68 3.91
C SER A 59 2.37 -4.02 4.59
N LEU A 60 3.47 -3.82 3.87
CA LEU A 60 4.80 -4.11 4.40
C LEU A 60 5.72 -2.90 4.24
N HIS A 61 6.16 -2.66 3.02
CA HIS A 61 7.05 -1.54 2.74
C HIS A 61 6.36 -0.51 1.83
N GLY A 62 5.62 -1.01 0.84
CA GLY A 62 4.91 -0.14 -0.07
C GLY A 62 4.00 -0.88 -1.01
N ARG A 63 3.46 -2.01 -0.54
CA ARG A 63 2.56 -2.83 -1.35
C ARG A 63 1.59 -3.60 -0.47
N ILE A 64 0.30 -3.56 -0.82
CA ILE A 64 -0.72 -4.25 -0.06
C ILE A 64 -0.66 -5.76 -0.30
N TYR A 65 -1.08 -6.52 0.70
CA TYR A 65 -1.06 -7.98 0.60
C TYR A 65 -2.21 -8.59 1.40
N CYS A 66 -2.68 -9.76 0.95
CA CYS A 66 -3.78 -10.44 1.63
C CYS A 66 -3.26 -11.31 2.76
N LYS A 67 -4.05 -11.44 3.82
CA LYS A 67 -3.66 -12.26 4.97
C LYS A 67 -3.02 -13.56 4.52
N PRO A 68 -3.66 -14.25 3.57
CA PRO A 68 -3.17 -15.53 3.03
C PRO A 68 -1.70 -15.46 2.66
N HIS A 69 -1.36 -14.59 1.71
CA HIS A 69 0.01 -14.43 1.26
C HIS A 69 0.87 -13.81 2.36
N PHE A 70 0.38 -12.72 2.94
CA PHE A 70 1.10 -12.03 4.01
C PHE A 70 1.68 -13.02 5.00
N ASN A 71 0.81 -13.83 5.62
CA ASN A 71 1.23 -14.82 6.59
C ASN A 71 2.35 -15.69 6.02
N GLN A 72 2.44 -15.73 4.70
CA GLN A 72 3.46 -16.53 4.04
C GLN A 72 4.70 -15.71 3.74
N LEU A 73 4.57 -14.76 2.82
CA LEU A 73 5.69 -13.89 2.46
C LEU A 73 6.30 -13.25 3.69
N PHE A 74 5.48 -13.02 4.71
CA PHE A 74 5.94 -12.40 5.94
C PHE A 74 6.35 -13.47 6.96
N LYS A 75 5.36 -14.20 7.47
CA LYS A 75 5.61 -15.24 8.45
C LYS A 75 6.01 -16.54 7.77
N SER A 76 6.78 -17.36 8.48
CA SER A 76 7.23 -18.63 7.93
C SER A 76 7.55 -19.62 9.06
N LYS A 77 6.94 -20.80 8.98
CA LYS A 77 7.16 -21.83 10.00
C LYS A 77 7.86 -23.05 9.39
N GLY A 78 7.28 -23.59 8.32
CA GLY A 78 7.87 -24.74 7.66
C GLY A 78 8.73 -24.35 6.48
N ASN A 79 8.10 -24.23 5.31
CA ASN A 79 8.82 -23.87 4.09
C ASN A 79 9.41 -22.47 4.20
N TYR A 80 10.53 -22.25 3.52
CA TYR A 80 11.20 -20.95 3.55
C TYR A 80 11.50 -20.46 2.13
N ASP A 81 11.49 -19.16 1.94
CA ASP A 81 11.76 -18.56 0.64
C ASP A 81 13.16 -17.95 0.61
N GLU A 82 13.68 -17.75 -0.60
CA GLU A 82 15.00 -17.17 -0.77
C GLU A 82 14.94 -15.64 -0.77
N GLY A 83 14.13 -15.10 0.13
CA GLY A 83 13.99 -13.66 0.22
C GLY A 83 14.30 -13.13 1.60
N PHE A 84 15.46 -13.52 2.13
CA PHE A 84 15.88 -13.08 3.46
C PHE A 84 16.67 -11.78 3.37
N GLY A 85 16.16 -10.74 4.04
CA GLY A 85 16.83 -9.45 4.04
C GLY A 85 16.43 -8.59 5.21
N SER A 86 17.31 -7.67 5.60
CA SER A 86 17.05 -6.79 6.72
C SER A 86 17.97 -5.57 6.67
N GLY A 87 17.58 -4.50 7.37
CA GLY A 87 18.37 -3.30 7.40
C GLY A 87 17.89 -2.29 8.43
N PRO A 88 18.33 -1.04 8.30
CA PRO A 88 17.94 0.04 9.22
C PRO A 88 16.48 0.44 9.06
N SER A 89 15.96 1.19 10.02
CA SER A 89 14.58 1.64 9.99
C SER A 89 14.44 3.03 10.61
N SER A 90 13.69 3.89 9.92
CA SER A 90 13.49 5.26 10.39
C SER A 90 12.03 5.68 10.21
N GLY A 91 11.69 6.86 10.72
CA GLY A 91 10.34 7.36 10.60
C GLY A 91 9.68 7.60 11.95
ZN ZN B . -6.54 3.93 -7.82
ZN ZN C . -2.58 -12.36 -2.11
N GLY A 1 -5.43 14.09 -40.42
CA GLY A 1 -5.09 15.35 -39.78
C GLY A 1 -6.27 15.95 -39.01
N SER A 2 -6.07 16.14 -37.71
CA SER A 2 -7.12 16.71 -36.86
C SER A 2 -6.54 17.21 -35.54
N SER A 3 -7.25 18.14 -34.92
CA SER A 3 -6.81 18.71 -33.65
C SER A 3 -7.98 19.33 -32.89
N GLY A 4 -7.74 19.68 -31.63
CA GLY A 4 -8.78 20.26 -30.81
C GLY A 4 -8.73 19.79 -29.37
N SER A 5 -8.43 20.72 -28.46
CA SER A 5 -8.35 20.39 -27.04
C SER A 5 -8.40 21.65 -26.19
N SER A 6 -9.40 21.72 -25.32
CA SER A 6 -9.56 22.88 -24.44
C SER A 6 -10.25 22.48 -23.14
N GLY A 7 -9.87 23.15 -22.05
CA GLY A 7 -10.46 22.85 -20.76
C GLY A 7 -9.82 21.65 -20.09
N MET A 8 -9.10 21.90 -18.99
CA MET A 8 -8.43 20.84 -18.26
C MET A 8 -8.48 21.10 -16.75
N LYS A 9 -8.31 20.04 -15.98
CA LYS A 9 -8.34 20.15 -14.52
C LYS A 9 -7.03 19.64 -13.91
N PHE A 10 -6.61 20.25 -12.81
CA PHE A 10 -5.39 19.85 -12.13
C PHE A 10 -5.35 20.41 -10.71
N GLN A 11 -4.45 19.87 -9.90
CA GLN A 11 -4.31 20.30 -8.51
C GLN A 11 -3.42 21.53 -8.41
N ALA A 12 -3.66 22.35 -7.40
CA ALA A 12 -2.88 23.57 -7.19
C ALA A 12 -2.41 23.68 -5.75
N PRO A 13 -3.35 23.99 -4.85
CA PRO A 13 -3.07 24.14 -3.41
C PRO A 13 -2.73 22.81 -2.75
N ALA A 14 -3.63 21.84 -2.90
CA ALA A 14 -3.43 20.52 -2.32
C ALA A 14 -4.58 19.57 -2.67
N ARG A 15 -4.27 18.29 -2.78
CA ARG A 15 -5.27 17.28 -3.12
C ARG A 15 -4.77 15.88 -2.82
N GLU A 16 -5.64 14.89 -2.98
CA GLU A 16 -5.27 13.50 -2.73
C GLU A 16 -5.14 12.73 -4.03
N THR A 17 -4.25 11.75 -4.04
CA THR A 17 -4.02 10.93 -5.24
C THR A 17 -3.85 9.46 -4.87
N CYS A 18 -4.31 8.58 -5.75
CA CYS A 18 -4.20 7.15 -5.52
C CYS A 18 -2.75 6.68 -5.62
N VAL A 19 -2.30 5.96 -4.59
CA VAL A 19 -0.93 5.46 -4.56
C VAL A 19 -0.81 4.16 -5.35
N GLU A 20 -1.81 3.86 -6.15
CA GLU A 20 -1.82 2.64 -6.95
C GLU A 20 -1.83 2.97 -8.44
N CYS A 21 -2.90 3.62 -8.89
CA CYS A 21 -3.03 3.99 -10.29
C CYS A 21 -2.56 5.42 -10.53
N GLN A 22 -2.51 6.21 -9.46
CA GLN A 22 -2.06 7.60 -9.54
C GLN A 22 -3.13 8.47 -10.20
N LYS A 23 -4.35 8.40 -9.67
CA LYS A 23 -5.45 9.19 -10.19
C LYS A 23 -6.13 9.99 -9.09
N THR A 24 -6.33 11.28 -9.33
CA THR A 24 -6.97 12.15 -8.35
C THR A 24 -8.11 11.45 -7.64
N VAL A 25 -7.87 11.04 -6.40
CA VAL A 25 -8.88 10.35 -5.61
C VAL A 25 -9.94 11.32 -5.10
N TYR A 26 -11.20 11.05 -5.43
CA TYR A 26 -12.30 11.90 -5.01
C TYR A 26 -12.72 11.58 -3.58
N PRO A 27 -13.46 12.51 -2.96
CA PRO A 27 -13.93 12.36 -1.58
C PRO A 27 -15.01 11.28 -1.46
N MET A 28 -15.31 10.62 -2.57
CA MET A 28 -16.31 9.57 -2.59
C MET A 28 -15.67 8.19 -2.67
N GLU A 29 -14.48 8.13 -3.26
CA GLU A 29 -13.75 6.88 -3.39
C GLU A 29 -12.42 6.93 -2.65
N ARG A 30 -12.34 7.82 -1.66
CA ARG A 30 -11.12 7.97 -0.87
C ARG A 30 -11.08 6.95 0.27
N LEU A 31 -10.29 5.91 0.11
CA LEU A 31 -10.17 4.88 1.13
C LEU A 31 -8.78 4.92 1.79
N LEU A 32 -8.76 5.25 3.07
CA LEU A 32 -7.50 5.33 3.81
C LEU A 32 -6.96 3.94 4.11
N ALA A 33 -5.70 3.72 3.80
CA ALA A 33 -5.05 2.42 4.03
C ALA A 33 -3.55 2.59 4.26
N ASN A 34 -3.10 2.25 5.46
CA ASN A 34 -1.69 2.36 5.81
C ASN A 34 -1.22 3.81 5.73
N GLN A 35 -2.08 4.73 6.18
CA GLN A 35 -1.75 6.15 6.15
C GLN A 35 -1.51 6.63 4.73
N GLN A 36 -2.33 6.15 3.79
CA GLN A 36 -2.21 6.53 2.39
C GLN A 36 -3.55 6.47 1.69
N VAL A 37 -3.69 7.23 0.61
CA VAL A 37 -4.93 7.27 -0.15
C VAL A 37 -5.00 6.09 -1.13
N PHE A 38 -6.07 5.30 -1.00
CA PHE A 38 -6.26 4.14 -1.87
C PHE A 38 -7.68 4.11 -2.43
N HIS A 39 -7.83 3.54 -3.62
CA HIS A 39 -9.13 3.44 -4.27
C HIS A 39 -9.87 2.18 -3.82
N ILE A 40 -11.08 2.36 -3.30
CA ILE A 40 -11.89 1.24 -2.83
C ILE A 40 -11.75 0.05 -3.77
N SER A 41 -11.41 0.31 -5.02
CA SER A 41 -11.26 -0.74 -6.01
C SER A 41 -9.80 -1.19 -6.11
N CYS A 42 -8.91 -0.23 -6.33
CA CYS A 42 -7.48 -0.52 -6.44
C CYS A 42 -7.00 -1.33 -5.24
N PHE A 43 -7.60 -1.09 -4.08
CA PHE A 43 -7.23 -1.80 -2.86
C PHE A 43 -7.20 -3.30 -3.10
N ARG A 44 -6.07 -3.80 -3.58
CA ARG A 44 -5.91 -5.22 -3.85
C ARG A 44 -4.54 -5.71 -3.41
N CYS A 45 -4.36 -7.04 -3.39
CA CYS A 45 -3.09 -7.62 -2.99
C CYS A 45 -2.07 -7.52 -4.12
N SER A 46 -0.82 -7.21 -3.76
CA SER A 46 0.25 -7.08 -4.74
C SER A 46 0.81 -8.45 -5.13
N TYR A 47 -0.02 -9.49 -4.94
CA TYR A 47 0.40 -10.84 -5.28
C TYR A 47 -0.67 -11.54 -6.11
N CYS A 48 -1.86 -11.68 -5.53
CA CYS A 48 -2.98 -12.34 -6.23
C CYS A 48 -3.88 -11.31 -6.89
N ASN A 49 -3.87 -10.08 -6.37
CA ASN A 49 -4.69 -9.01 -6.91
C ASN A 49 -6.17 -9.23 -6.59
N ASN A 50 -6.46 -9.39 -5.30
CA ASN A 50 -7.84 -9.61 -4.86
C ASN A 50 -8.32 -8.45 -3.98
N LYS A 51 -9.43 -7.86 -4.37
CA LYS A 51 -10.01 -6.74 -3.63
C LYS A 51 -10.01 -7.03 -2.13
N LEU A 52 -9.58 -6.05 -1.34
CA LEU A 52 -9.53 -6.20 0.10
C LEU A 52 -10.40 -5.14 0.79
N SER A 53 -10.39 -5.15 2.12
CA SER A 53 -11.18 -4.19 2.89
C SER A 53 -10.55 -3.94 4.25
N LEU A 54 -10.57 -2.68 4.69
CA LEU A 54 -9.99 -2.31 5.97
C LEU A 54 -10.24 -3.39 7.02
N GLY A 55 -9.23 -4.23 7.23
CA GLY A 55 -9.36 -5.30 8.21
C GLY A 55 -8.77 -6.61 7.72
N THR A 56 -8.79 -6.81 6.42
CA THR A 56 -8.25 -8.04 5.82
C THR A 56 -7.04 -7.73 4.94
N TYR A 57 -6.49 -6.53 5.09
CA TYR A 57 -5.33 -6.11 4.30
C TYR A 57 -4.08 -6.05 5.17
N ALA A 58 -2.92 -6.05 4.52
CA ALA A 58 -1.65 -5.99 5.23
C ALA A 58 -0.51 -5.59 4.29
N SER A 59 0.12 -4.46 4.58
CA SER A 59 1.23 -3.97 3.75
C SER A 59 2.56 -4.13 4.48
N LEU A 60 3.65 -4.07 3.73
CA LEU A 60 4.98 -4.21 4.29
C LEU A 60 5.91 -3.13 3.75
N HIS A 61 6.35 -3.31 2.51
CA HIS A 61 7.25 -2.35 1.87
C HIS A 61 6.50 -1.49 0.86
N GLY A 62 5.44 -0.83 1.32
CA GLY A 62 4.65 0.01 0.44
C GLY A 62 3.82 -0.78 -0.55
N ARG A 63 3.44 -2.00 -0.15
CA ARG A 63 2.64 -2.86 -1.01
C ARG A 63 1.61 -3.64 -0.20
N ILE A 64 0.35 -3.56 -0.62
CA ILE A 64 -0.72 -4.25 0.07
C ILE A 64 -0.67 -5.74 -0.18
N TYR A 65 -0.99 -6.53 0.85
CA TYR A 65 -0.96 -7.98 0.74
C TYR A 65 -2.12 -8.60 1.52
N CYS A 66 -2.64 -9.71 1.00
CA CYS A 66 -3.76 -10.40 1.65
C CYS A 66 -3.26 -11.25 2.82
N LYS A 67 -4.10 -11.37 3.84
CA LYS A 67 -3.75 -12.16 5.02
C LYS A 67 -3.01 -13.44 4.63
N PRO A 68 -3.61 -14.20 3.70
CA PRO A 68 -3.03 -15.46 3.22
C PRO A 68 -1.56 -15.31 2.85
N HIS A 69 -1.29 -14.53 1.80
CA HIS A 69 0.07 -14.31 1.35
C HIS A 69 0.92 -13.67 2.44
N PHE A 70 0.38 -12.63 3.07
CA PHE A 70 1.09 -11.94 4.15
C PHE A 70 1.61 -12.93 5.18
N ASN A 71 0.72 -13.77 5.70
CA ASN A 71 1.09 -14.76 6.70
C ASN A 71 2.05 -15.80 6.11
N GLN A 72 2.33 -15.65 4.82
CA GLN A 72 3.23 -16.58 4.13
C GLN A 72 4.58 -15.92 3.87
N LEU A 73 4.56 -14.80 3.16
CA LEU A 73 5.78 -14.07 2.84
C LEU A 73 6.38 -13.42 4.08
N PHE A 74 5.53 -13.15 5.07
CA PHE A 74 5.96 -12.54 6.31
C PHE A 74 6.36 -13.60 7.34
N LYS A 75 5.42 -14.46 7.68
CA LYS A 75 5.66 -15.53 8.64
C LYS A 75 6.77 -16.45 8.16
N SER A 76 7.10 -17.45 8.97
CA SER A 76 8.16 -18.40 8.63
C SER A 76 7.64 -19.83 8.70
N LYS A 77 7.02 -20.29 7.62
CA LYS A 77 6.48 -21.64 7.56
C LYS A 77 5.95 -22.08 8.92
N GLY A 78 5.40 -21.12 9.66
CA GLY A 78 4.87 -21.43 10.98
C GLY A 78 4.21 -22.79 11.02
N ASN A 79 3.48 -23.14 9.97
CA ASN A 79 2.79 -24.43 9.90
C ASN A 79 3.78 -25.58 10.11
N TYR A 80 3.24 -26.79 10.18
CA TYR A 80 4.08 -27.98 10.37
C TYR A 80 3.92 -28.94 9.20
N ASP A 81 3.28 -28.47 8.14
CA ASP A 81 3.07 -29.30 6.96
C ASP A 81 2.80 -28.43 5.73
N GLU A 82 3.41 -28.80 4.61
CA GLU A 82 3.23 -28.05 3.37
C GLU A 82 2.91 -28.99 2.21
N GLY A 83 2.13 -30.03 2.49
CA GLY A 83 1.75 -30.98 1.46
C GLY A 83 2.82 -32.03 1.23
N PHE A 84 4.08 -31.64 1.40
CA PHE A 84 5.20 -32.56 1.21
C PHE A 84 5.27 -33.05 -0.24
N GLY A 85 5.11 -32.12 -1.17
CA GLY A 85 5.16 -32.46 -2.59
C GLY A 85 5.90 -31.43 -3.42
N SER A 86 7.03 -31.84 -3.99
CA SER A 86 7.83 -30.94 -4.81
C SER A 86 8.07 -31.53 -6.20
N GLY A 87 8.63 -30.73 -7.09
CA GLY A 87 8.90 -31.19 -8.44
C GLY A 87 9.65 -30.16 -9.27
N PRO A 88 10.99 -30.25 -9.26
CA PRO A 88 11.84 -29.33 -10.01
C PRO A 88 11.73 -29.53 -11.52
N SER A 89 12.36 -28.63 -12.28
CA SER A 89 12.33 -28.71 -13.73
C SER A 89 13.42 -29.64 -14.25
N SER A 90 13.33 -30.01 -15.52
CA SER A 90 14.31 -30.89 -16.14
C SER A 90 14.63 -30.44 -17.55
N GLY A 91 15.81 -30.84 -18.04
CA GLY A 91 16.23 -30.46 -19.38
C GLY A 91 17.27 -31.40 -19.94
ZN ZN B . -6.65 4.01 -7.96
ZN ZN C . -2.46 -12.23 -2.11
N GLY A 1 24.60 28.11 7.64
CA GLY A 1 23.51 27.19 7.41
C GLY A 1 23.47 26.04 8.40
N SER A 2 22.37 25.91 9.11
CA SER A 2 22.21 24.85 10.10
C SER A 2 21.31 23.74 9.59
N SER A 3 21.72 22.49 9.84
CA SER A 3 20.94 21.34 9.39
C SER A 3 19.81 21.04 10.37
N GLY A 4 18.63 21.58 10.08
CA GLY A 4 17.48 21.36 10.95
C GLY A 4 16.20 21.92 10.36
N SER A 5 15.66 21.23 9.35
CA SER A 5 14.44 21.68 8.70
C SER A 5 13.51 20.49 8.44
N SER A 6 12.37 20.49 9.12
CA SER A 6 11.39 19.41 8.97
C SER A 6 11.07 19.16 7.50
N GLY A 7 10.87 17.89 7.15
CA GLY A 7 10.56 17.56 5.77
C GLY A 7 9.09 17.65 5.46
N MET A 8 8.49 18.81 5.77
CA MET A 8 7.07 19.02 5.53
C MET A 8 6.67 18.47 4.16
N LYS A 9 5.37 18.25 3.98
CA LYS A 9 4.85 17.73 2.72
C LYS A 9 3.44 18.24 2.46
N PHE A 10 3.16 18.60 1.21
CA PHE A 10 1.85 19.10 0.84
C PHE A 10 1.60 18.90 -0.65
N GLN A 11 0.37 19.21 -1.09
CA GLN A 11 0.01 19.06 -2.49
C GLN A 11 -0.20 20.42 -3.15
N ALA A 12 0.24 20.54 -4.40
CA ALA A 12 0.10 21.79 -5.13
C ALA A 12 -1.37 22.10 -5.42
N PRO A 13 -2.03 21.19 -6.15
CA PRO A 13 -3.44 21.35 -6.50
C PRO A 13 -4.36 21.21 -5.30
N ALA A 14 -3.77 20.94 -4.14
CA ALA A 14 -4.55 20.78 -2.91
C ALA A 14 -5.60 19.69 -3.06
N ARG A 15 -5.21 18.57 -3.65
CA ARG A 15 -6.12 17.45 -3.86
C ARG A 15 -5.45 16.12 -3.55
N GLU A 16 -6.24 15.07 -3.46
CA GLU A 16 -5.71 13.73 -3.16
C GLU A 16 -5.58 12.91 -4.44
N THR A 17 -4.59 12.02 -4.45
CA THR A 17 -4.35 11.16 -5.61
C THR A 17 -4.13 9.72 -5.19
N CYS A 18 -4.52 8.78 -6.05
CA CYS A 18 -4.36 7.36 -5.77
C CYS A 18 -2.91 6.94 -5.92
N VAL A 19 -2.38 6.27 -4.89
CA VAL A 19 -1.00 5.81 -4.91
C VAL A 19 -0.87 4.49 -5.65
N GLU A 20 -1.90 4.14 -6.42
CA GLU A 20 -1.90 2.90 -7.17
C GLU A 20 -1.99 3.17 -8.67
N CYS A 21 -3.04 3.90 -9.07
CA CYS A 21 -3.25 4.23 -10.48
C CYS A 21 -2.86 5.68 -10.75
N GLN A 22 -2.68 6.45 -9.69
CA GLN A 22 -2.30 7.85 -9.82
C GLN A 22 -3.44 8.67 -10.43
N LYS A 23 -4.63 8.54 -9.85
CA LYS A 23 -5.79 9.26 -10.32
C LYS A 23 -6.45 10.05 -9.20
N THR A 24 -6.74 11.32 -9.45
CA THR A 24 -7.38 12.18 -8.46
C THR A 24 -8.48 11.44 -7.72
N VAL A 25 -8.20 11.03 -6.49
CA VAL A 25 -9.16 10.31 -5.67
C VAL A 25 -10.25 11.25 -5.17
N TYR A 26 -11.51 10.88 -5.42
CA TYR A 26 -12.64 11.69 -4.99
C TYR A 26 -12.99 11.41 -3.54
N PRO A 27 -13.75 12.34 -2.92
CA PRO A 27 -14.16 12.22 -1.53
C PRO A 27 -15.19 11.11 -1.32
N MET A 28 -15.47 10.36 -2.39
CA MET A 28 -16.44 9.28 -2.32
C MET A 28 -15.73 7.92 -2.39
N GLU A 29 -14.57 7.90 -3.04
CA GLU A 29 -13.80 6.67 -3.17
C GLU A 29 -12.43 6.81 -2.50
N ARG A 30 -12.36 7.69 -1.50
CA ARG A 30 -11.12 7.91 -0.77
C ARG A 30 -10.98 6.93 0.38
N LEU A 31 -10.13 5.93 0.21
CA LEU A 31 -9.90 4.93 1.24
C LEU A 31 -8.49 5.04 1.80
N LEU A 32 -8.40 5.46 3.07
CA LEU A 32 -7.10 5.60 3.73
C LEU A 32 -6.48 4.24 4.03
N ALA A 33 -5.23 4.07 3.62
CA ALA A 33 -4.52 2.82 3.85
C ALA A 33 -3.02 3.05 4.01
N ASN A 34 -2.51 2.80 5.21
CA ASN A 34 -1.10 2.99 5.50
C ASN A 34 -0.70 4.45 5.31
N GLN A 35 -1.55 5.36 5.76
CA GLN A 35 -1.28 6.79 5.64
C GLN A 35 -1.15 7.20 4.17
N GLN A 36 -2.03 6.65 3.34
CA GLN A 36 -2.02 6.96 1.91
C GLN A 36 -3.41 6.80 1.30
N VAL A 37 -3.70 7.62 0.30
CA VAL A 37 -5.00 7.56 -0.37
C VAL A 37 -5.06 6.39 -1.34
N PHE A 38 -5.99 5.46 -1.08
CA PHE A 38 -6.14 4.29 -1.94
C PHE A 38 -7.58 4.19 -2.44
N HIS A 39 -7.75 3.60 -3.62
CA HIS A 39 -9.07 3.44 -4.21
C HIS A 39 -9.73 2.15 -3.72
N ILE A 40 -10.93 2.29 -3.14
CA ILE A 40 -11.66 1.15 -2.63
C ILE A 40 -11.53 -0.05 -3.57
N SER A 41 -11.27 0.22 -4.83
CA SER A 41 -11.13 -0.84 -5.84
C SER A 41 -9.66 -1.24 -5.99
N CYS A 42 -8.81 -0.25 -6.27
CA CYS A 42 -7.39 -0.49 -6.44
C CYS A 42 -6.83 -1.30 -5.28
N PHE A 43 -7.27 -0.99 -4.07
CA PHE A 43 -6.81 -1.68 -2.87
C PHE A 43 -6.84 -3.20 -3.09
N ARG A 44 -5.69 -3.77 -3.39
CA ARG A 44 -5.58 -5.21 -3.62
C ARG A 44 -4.18 -5.72 -3.25
N CYS A 45 -4.07 -7.03 -3.07
CA CYS A 45 -2.80 -7.64 -2.71
C CYS A 45 -1.78 -7.49 -3.84
N SER A 46 -0.53 -7.23 -3.46
CA SER A 46 0.53 -7.06 -4.45
C SER A 46 1.08 -8.41 -4.89
N TYR A 47 0.24 -9.44 -4.84
CA TYR A 47 0.65 -10.78 -5.23
C TYR A 47 -0.41 -11.43 -6.12
N CYS A 48 -1.65 -11.42 -5.65
CA CYS A 48 -2.76 -12.00 -6.40
C CYS A 48 -3.69 -10.92 -6.95
N ASN A 49 -3.57 -9.72 -6.39
CA ASN A 49 -4.40 -8.60 -6.80
C ASN A 49 -5.87 -8.87 -6.49
N ASN A 50 -6.14 -9.25 -5.26
CA ASN A 50 -7.50 -9.54 -4.82
C ASN A 50 -8.05 -8.42 -3.95
N LYS A 51 -9.31 -8.05 -4.17
CA LYS A 51 -9.95 -6.98 -3.40
C LYS A 51 -9.81 -7.25 -1.90
N LEU A 52 -9.53 -6.19 -1.15
CA LEU A 52 -9.37 -6.31 0.30
C LEU A 52 -10.19 -5.23 1.01
N SER A 53 -10.08 -5.20 2.34
CA SER A 53 -10.81 -4.23 3.15
C SER A 53 -10.02 -3.86 4.39
N LEU A 54 -10.34 -2.71 4.97
CA LEU A 54 -9.66 -2.24 6.18
C LEU A 54 -9.78 -3.25 7.30
N GLY A 55 -8.70 -3.99 7.54
CA GLY A 55 -8.70 -4.99 8.60
C GLY A 55 -8.08 -6.30 8.15
N THR A 56 -8.35 -6.70 6.91
CA THR A 56 -7.81 -7.94 6.37
C THR A 56 -6.56 -7.68 5.56
N TYR A 57 -6.45 -6.48 4.99
CA TYR A 57 -5.30 -6.11 4.18
C TYR A 57 -4.05 -6.00 5.05
N ALA A 58 -2.92 -6.43 4.49
CA ALA A 58 -1.65 -6.39 5.20
C ALA A 58 -0.57 -5.73 4.36
N SER A 59 -0.35 -4.44 4.59
CA SER A 59 0.66 -3.69 3.84
C SER A 59 2.01 -3.74 4.55
N LEU A 60 2.97 -4.40 3.92
CA LEU A 60 4.32 -4.52 4.48
C LEU A 60 5.34 -3.77 3.64
N HIS A 61 6.04 -2.83 4.26
CA HIS A 61 7.05 -2.04 3.57
C HIS A 61 6.41 -1.17 2.49
N GLY A 62 5.14 -0.84 2.68
CA GLY A 62 4.43 -0.02 1.72
C GLY A 62 3.63 -0.83 0.73
N ARG A 63 4.09 -2.05 0.45
CA ARG A 63 3.41 -2.93 -0.49
C ARG A 63 2.22 -3.62 0.18
N ILE A 64 1.09 -3.67 -0.52
CA ILE A 64 -0.11 -4.30 0.00
C ILE A 64 -0.09 -5.80 -0.23
N TYR A 65 -0.85 -6.53 0.58
CA TYR A 65 -0.93 -7.99 0.46
C TYR A 65 -2.17 -8.53 1.15
N CYS A 66 -2.57 -9.74 0.77
CA CYS A 66 -3.75 -10.37 1.35
C CYS A 66 -3.37 -11.21 2.57
N LYS A 67 -4.37 -11.58 3.36
CA LYS A 67 -4.14 -12.39 4.55
C LYS A 67 -3.40 -13.68 4.20
N PRO A 68 -3.92 -14.41 3.21
CA PRO A 68 -3.32 -15.67 2.76
C PRO A 68 -1.81 -15.55 2.53
N HIS A 69 -1.42 -14.73 1.57
CA HIS A 69 -0.02 -14.52 1.26
C HIS A 69 0.71 -13.89 2.44
N PHE A 70 0.14 -12.83 2.99
CA PHE A 70 0.73 -12.14 4.12
C PHE A 70 1.10 -13.13 5.23
N ASN A 71 0.55 -14.33 5.14
CA ASN A 71 0.82 -15.36 6.15
C ASN A 71 1.84 -16.36 5.63
N GLN A 72 1.97 -16.43 4.31
CA GLN A 72 2.92 -17.36 3.68
C GLN A 72 4.28 -16.71 3.52
N LEU A 73 4.29 -15.42 3.19
CA LEU A 73 5.53 -14.67 3.01
C LEU A 73 6.10 -14.22 4.34
N PHE A 74 5.21 -13.83 5.26
CA PHE A 74 5.63 -13.37 6.58
C PHE A 74 5.89 -14.55 7.51
N LYS A 75 4.86 -15.34 7.76
CA LYS A 75 4.97 -16.51 8.62
C LYS A 75 5.76 -17.62 7.94
N SER A 76 5.91 -18.75 8.64
CA SER A 76 6.65 -19.88 8.10
C SER A 76 6.42 -21.13 8.94
N LYS A 77 6.92 -22.26 8.48
CA LYS A 77 6.77 -23.53 9.18
C LYS A 77 7.88 -24.50 8.81
N GLY A 78 8.43 -25.18 9.81
CA GLY A 78 9.50 -26.14 9.56
C GLY A 78 9.52 -27.25 10.58
N ASN A 79 8.46 -28.06 10.60
CA ASN A 79 8.37 -29.18 11.54
C ASN A 79 9.09 -30.41 10.99
N TYR A 80 9.65 -31.20 11.89
CA TYR A 80 10.37 -32.41 11.51
C TYR A 80 9.77 -33.65 12.17
N ASP A 81 9.42 -34.63 11.37
CA ASP A 81 8.84 -35.86 11.88
C ASP A 81 9.79 -37.04 11.69
N GLU A 82 9.46 -38.17 12.30
CA GLU A 82 10.29 -39.37 12.20
C GLU A 82 9.82 -40.26 11.05
N GLY A 83 9.49 -39.63 9.93
CA GLY A 83 9.03 -40.38 8.77
C GLY A 83 9.13 -39.56 7.49
N PHE A 84 8.71 -38.31 7.56
CA PHE A 84 8.73 -37.43 6.39
C PHE A 84 10.09 -36.74 6.26
N GLY A 85 10.93 -37.27 5.37
CA GLY A 85 12.25 -36.69 5.16
C GLY A 85 12.42 -36.11 3.76
N SER A 86 12.13 -34.81 3.63
CA SER A 86 12.26 -34.15 2.34
C SER A 86 13.27 -33.01 2.42
N GLY A 87 13.73 -32.56 1.25
CA GLY A 87 14.71 -31.49 1.20
C GLY A 87 15.96 -31.88 0.45
N PRO A 88 16.68 -30.87 -0.08
CA PRO A 88 17.91 -31.09 -0.84
C PRO A 88 19.06 -31.57 0.04
N SER A 89 20.16 -31.98 -0.58
CA SER A 89 21.32 -32.46 0.15
C SER A 89 22.35 -31.34 0.33
N SER A 90 22.56 -30.95 1.59
CA SER A 90 23.52 -29.89 1.90
C SER A 90 24.70 -30.44 2.69
N GLY A 91 25.91 -30.25 2.15
CA GLY A 91 27.10 -30.73 2.83
C GLY A 91 27.73 -29.67 3.71
ZN ZN B . -6.78 4.05 -8.01
ZN ZN C . -2.29 -12.29 -2.29
#